data_6N16
#
_entry.id   6N16
#
_cell.length_a   73.497
_cell.length_b   84.204
_cell.length_c   84.572
_cell.angle_alpha   89.880
_cell.angle_beta   111.430
_cell.angle_gamma   104.480
#
_symmetry.space_group_name_H-M   'P 1'
#
loop_
_entity.id
_entity.type
_entity.pdbx_description
1 polymer 'antibody 0PV-b.01 Fab heavy chain'
2 polymer 'antibody 0PV-b.01 Fab light chain'
3 polymer 'HIV fusion peptide (512-519)'
#
loop_
_entity_poly.entity_id
_entity_poly.type
_entity_poly.pdbx_seq_one_letter_code
_entity_poly.pdbx_strand_id
1 'polypeptide(L)'
;QVQLQESGPGVVKPSETLSLTCGVSGGTISSSHFYWSWIRQPPGKGLEWIGGLYINDERINYNPSLESRVTISKDTSQNQ
FALKLTSVTAADTAVYYCVREPVIAAAGTVDVWGRGVLVTVSSASTKGPSVFPLAPSSRSTSESTAALGCLVKDYFPEPV
TVSWNSGSLTSGVHTFPAVLQSSGLYSLSSVVTVPSSSLGTQTYVCNVNHKPSNTKVDKRVEI
;
A,H,K,C
2 'polypeptide(L)'
;DIVMTQTPLSLSVTPGEPASISCRSSQSLLHSNGHTYVHWYLQKAGQSPQLLIYEVSNRASGVPDRFSGSGSGTDFTLKI
SRVEAEDVGVYYCEQTLQIPFTFGGGTKVEIKRTVAAPSVFIFPPSEDQVKSGTVSVVCLLNNFYPREASVKWKVDGALK
TGNSQESVTEQDSKDNTYSLSSTLTLSSTEYQSHKVYACEVTHQGLSSPVTKSFNRG
;
B,J,L,D
3 'polypeptide(L)' AVGIGAVF E,F,G,I
#
# COMPACT_ATOMS: atom_id res chain seq x y z
N GLN A 1 16.16 -14.42 23.88
CA GLN A 1 15.84 -13.68 25.05
C GLN A 1 16.56 -12.31 24.88
N VAL A 2 17.90 -12.41 24.92
CA VAL A 2 18.80 -11.24 24.91
C VAL A 2 18.99 -10.72 23.49
N GLN A 3 18.82 -9.41 23.35
CA GLN A 3 19.02 -8.68 22.09
C GLN A 3 19.91 -7.49 22.41
N LEU A 4 20.81 -7.15 21.49
CA LEU A 4 21.69 -6.02 21.69
C LEU A 4 21.18 -4.89 20.81
N GLN A 5 20.88 -3.77 21.42
CA GLN A 5 20.26 -2.63 20.74
C GLN A 5 21.29 -1.53 20.68
N GLU A 6 21.81 -1.26 19.49
CA GLU A 6 22.85 -0.27 19.35
C GLU A 6 22.25 1.10 19.07
N SER A 7 23.00 2.12 19.47
CA SER A 7 22.61 3.47 19.10
C SER A 7 23.83 4.37 19.15
N GLY A 8 23.74 5.45 18.39
CA GLY A 8 24.74 6.48 18.40
C GLY A 8 24.47 7.45 17.27
N PRO A 9 25.12 8.61 17.29
CA PRO A 9 24.97 9.55 16.19
C PRO A 9 25.49 8.94 14.90
N GLY A 10 24.84 9.30 13.79
CA GLY A 10 25.29 8.81 12.50
C GLY A 10 26.45 9.57 11.95
N VAL A 11 26.57 10.86 12.29
CA VAL A 11 27.58 11.75 11.75
C VAL A 11 28.46 12.26 12.88
N VAL A 12 29.77 12.14 12.71
CA VAL A 12 30.76 12.71 13.61
C VAL A 12 31.74 13.54 12.77
N LYS A 13 32.01 14.75 13.21
CA LYS A 13 32.95 15.60 12.49
C LYS A 13 34.39 15.13 12.71
N PRO A 14 35.25 15.28 11.70
CA PRO A 14 36.65 14.86 11.85
C PRO A 14 37.34 15.51 13.03
N SER A 15 38.18 14.72 13.71
CA SER A 15 38.95 15.02 14.92
C SER A 15 38.07 14.98 16.17
N GLU A 16 36.76 14.81 16.05
CA GLU A 16 35.90 14.71 17.22
C GLU A 16 35.83 13.25 17.69
N THR A 17 35.01 13.02 18.72
CA THR A 17 34.94 11.73 19.42
C THR A 17 33.63 11.02 19.05
N LEU A 18 33.75 9.78 18.59
CA LEU A 18 32.60 8.91 18.33
C LEU A 18 32.20 8.17 19.60
N SER A 19 30.89 8.11 19.86
CA SER A 19 30.37 7.44 21.05
C SER A 19 29.21 6.56 20.66
N LEU A 20 29.29 5.27 20.99
CA LEU A 20 28.21 4.34 20.72
C LEU A 20 27.82 3.61 21.98
N THR A 21 26.54 3.27 22.05
CA THR A 21 25.94 2.55 23.15
C THR A 21 25.35 1.24 22.64
N CYS A 22 25.40 0.23 23.49
CA CYS A 22 24.84 -1.08 23.21
C CYS A 22 23.99 -1.43 24.43
N GLY A 23 22.67 -1.28 24.31
CA GLY A 23 21.78 -1.69 25.36
C GLY A 23 21.50 -3.18 25.33
N VAL A 24 21.28 -3.75 26.51
CA VAL A 24 21.11 -5.18 26.70
C VAL A 24 19.64 -5.45 27.00
N SER A 25 18.86 -5.88 26.01
CA SER A 25 17.47 -6.21 26.22
C SER A 25 17.33 -7.68 26.60
N GLY A 26 16.67 -7.94 27.72
CA GLY A 26 16.40 -9.30 28.13
C GLY A 26 17.47 -9.94 28.97
N GLY A 27 18.21 -9.16 29.74
CA GLY A 27 19.28 -9.67 30.59
C GLY A 27 20.11 -8.53 31.13
N THR A 28 21.12 -8.90 31.92
CA THR A 28 21.99 -7.91 32.52
C THR A 28 23.41 -8.09 32.02
N ILE A 29 24.12 -6.97 31.87
CA ILE A 29 25.49 -7.01 31.35
C ILE A 29 26.47 -7.72 32.28
N SER A 30 26.09 -7.97 33.52
CA SER A 30 27.03 -8.53 34.48
C SER A 30 26.99 -10.05 34.56
N SER A 31 26.31 -10.72 33.63
CA SER A 31 26.25 -12.18 33.66
C SER A 31 27.62 -12.78 33.38
N SER A 32 27.94 -13.83 34.12
CA SER A 32 29.26 -14.46 34.05
C SER A 32 29.42 -15.27 32.77
N HIS A 33 30.68 -15.44 32.35
CA HIS A 33 31.08 -16.26 31.21
C HIS A 33 30.75 -15.64 29.85
N PHE A 34 30.72 -14.31 29.76
CA PHE A 34 30.50 -13.64 28.49
C PHE A 34 31.63 -12.68 28.19
N TYR A 35 32.01 -12.61 26.92
CA TYR A 35 32.97 -11.65 26.41
C TYR A 35 32.20 -10.63 25.57
N TRP A 36 32.49 -9.35 25.74
CA TRP A 36 31.77 -8.30 25.01
C TRP A 36 32.73 -7.61 24.07
N SER A 37 32.33 -7.50 22.80
CA SER A 37 33.22 -7.03 21.76
C SER A 37 32.58 -5.92 20.92
N TRP A 38 33.43 -5.04 20.38
CA TRP A 38 33.06 -4.11 19.33
C TRP A 38 33.80 -4.49 18.05
N ILE A 39 33.07 -4.62 16.95
CA ILE A 39 33.64 -4.94 15.66
C ILE A 39 33.13 -3.93 14.65
N ARG A 40 33.97 -3.52 13.70
CA ARG A 40 33.49 -2.58 12.70
C ARG A 40 33.75 -3.12 11.30
N GLN A 41 33.01 -2.57 10.35
CA GLN A 41 33.04 -2.98 8.95
C GLN A 41 32.96 -1.73 8.07
N PRO A 42 34.06 -1.32 7.46
CA PRO A 42 33.99 -0.22 6.51
C PRO A 42 33.11 -0.61 5.32
N PRO A 43 32.50 0.38 4.67
CA PRO A 43 31.62 0.04 3.53
C PRO A 43 32.37 -0.81 2.51
N GLY A 44 31.90 -2.05 2.33
CA GLY A 44 32.47 -3.02 1.42
C GLY A 44 33.88 -3.51 1.70
N LYS A 45 34.30 -3.61 2.97
CA LYS A 45 35.70 -3.96 3.20
C LYS A 45 35.98 -5.02 4.26
N GLY A 46 34.98 -5.68 4.83
CA GLY A 46 35.28 -6.72 5.81
C GLY A 46 35.32 -6.22 7.25
N LEU A 47 35.49 -7.18 8.16
CA LEU A 47 35.31 -6.98 9.59
C LEU A 47 36.64 -6.76 10.30
N GLU A 48 36.68 -5.77 11.20
CA GLU A 48 37.83 -5.49 12.04
C GLU A 48 37.39 -5.51 13.50
N TRP A 49 38.12 -6.27 14.31
CA TRP A 49 37.86 -6.34 15.73
C TRP A 49 38.55 -5.17 16.43
N ILE A 50 37.78 -4.43 17.24
CA ILE A 50 38.27 -3.24 17.91
C ILE A 50 38.77 -3.56 19.31
N GLY A 51 37.99 -4.31 20.08
CA GLY A 51 38.31 -4.54 21.46
C GLY A 51 37.15 -5.21 22.16
N GLY A 52 37.44 -5.65 23.38
CA GLY A 52 36.43 -6.33 24.17
C GLY A 52 36.82 -6.39 25.63
N LEU A 53 35.94 -6.99 26.41
CA LEU A 53 36.16 -7.16 27.84
C LEU A 53 35.53 -8.46 28.29
N TYR A 54 36.21 -9.12 29.21
CA TYR A 54 35.74 -10.36 29.81
C TYR A 54 35.13 -10.04 31.17
N ILE A 55 33.91 -10.51 31.40
CA ILE A 55 33.17 -10.11 32.60
C ILE A 55 33.83 -10.68 33.86
N ASN A 56 34.22 -11.95 33.83
CA ASN A 56 34.62 -12.63 35.05
C ASN A 56 35.85 -11.98 35.69
N ASP A 57 36.78 -11.47 34.87
CA ASP A 57 38.00 -10.87 35.38
C ASP A 57 38.12 -9.37 35.06
N GLU A 58 37.15 -8.78 34.37
CA GLU A 58 37.18 -7.40 33.88
C GLU A 58 38.56 -7.05 33.28
N ARG A 59 39.05 -7.97 32.45
CA ARG A 59 40.18 -7.62 31.62
C ARG A 59 39.66 -7.05 30.31
N ILE A 60 40.25 -5.94 29.89
CA ILE A 60 39.86 -5.23 28.68
C ILE A 60 41.00 -5.36 27.68
N ASN A 61 40.68 -5.79 26.47
CA ASN A 61 41.65 -5.98 25.42
C ASN A 61 41.34 -5.05 24.28
N TYR A 62 42.39 -4.47 23.70
CA TYR A 62 42.24 -3.55 22.59
C TYR A 62 43.04 -4.08 21.41
N ASN A 63 42.57 -3.76 20.23
CA ASN A 63 43.36 -4.03 19.05
C ASN A 63 44.51 -3.04 19.03
N PRO A 64 45.76 -3.49 19.02
CA PRO A 64 46.89 -2.54 19.09
C PRO A 64 46.87 -1.46 18.02
N SER A 65 46.29 -1.74 16.85
CA SER A 65 46.23 -0.75 15.78
C SER A 65 45.33 0.43 16.13
N LEU A 66 44.45 0.26 17.12
CA LEU A 66 43.58 1.33 17.59
C LEU A 66 43.81 1.70 19.05
N GLU A 67 44.56 0.87 19.80
CA GLU A 67 44.59 0.93 21.27
C GLU A 67 44.76 2.33 21.83
N SER A 68 45.45 3.23 21.11
CA SER A 68 45.62 4.60 21.60
C SER A 68 44.28 5.34 21.71
N ARG A 69 43.38 5.14 20.75
CA ARG A 69 42.24 6.03 20.60
C ARG A 69 40.93 5.50 21.14
N VAL A 70 40.86 4.23 21.50
CA VAL A 70 39.60 3.59 21.81
C VAL A 70 39.46 3.44 23.32
N THR A 71 38.24 3.60 23.82
CA THR A 71 37.86 3.30 25.19
C THR A 71 36.62 2.42 25.14
N ILE A 72 36.69 1.25 25.77
CA ILE A 72 35.55 0.37 25.88
C ILE A 72 35.20 0.24 27.36
N SER A 73 33.92 0.33 27.68
CA SER A 73 33.52 0.23 29.08
C SER A 73 32.24 -0.59 29.23
N LYS A 74 32.13 -1.22 30.38
CA LYS A 74 30.86 -1.74 30.87
C LYS A 74 30.25 -0.68 31.79
N ASP A 75 28.94 -0.45 31.63
CA ASP A 75 28.21 0.57 32.38
C ASP A 75 27.09 -0.16 33.10
N THR A 76 27.40 -0.61 34.32
CA THR A 76 26.42 -1.32 35.14
C THR A 76 25.24 -0.45 35.49
N SER A 77 25.47 0.85 35.64
CA SER A 77 24.40 1.78 36.04
C SER A 77 23.27 1.81 35.02
N GLN A 78 23.61 1.71 33.74
CA GLN A 78 22.63 1.85 32.67
C GLN A 78 22.42 0.54 31.90
N ASN A 79 22.97 -0.57 32.39
CA ASN A 79 22.88 -1.88 31.71
C ASN A 79 23.34 -1.75 30.26
N GLN A 80 24.52 -1.19 30.08
CA GLN A 80 24.96 -0.79 28.74
C GLN A 80 26.42 -1.16 28.55
N PHE A 81 26.78 -1.33 27.28
CA PHE A 81 28.14 -1.59 26.86
C PHE A 81 28.50 -0.41 25.95
N ALA A 82 29.66 0.20 26.18
CA ALA A 82 29.93 1.49 25.55
C ALA A 82 31.27 1.46 24.82
N LEU A 83 31.32 2.23 23.73
CA LEU A 83 32.52 2.44 22.95
C LEU A 83 32.69 3.93 22.69
N LYS A 84 33.93 4.41 22.85
CA LYS A 84 34.30 5.79 22.60
C LYS A 84 35.58 5.80 21.78
N LEU A 85 35.64 6.60 20.71
CA LEU A 85 36.80 6.60 19.84
C LEU A 85 37.19 8.04 19.47
N THR A 86 38.39 8.46 19.88
CA THR A 86 38.80 9.86 19.73
C THR A 86 39.45 10.12 18.38
N SER A 87 39.48 11.41 18.01
CA SER A 87 40.22 11.91 16.86
C SER A 87 39.89 11.13 15.60
N VAL A 88 38.60 11.04 15.30
CA VAL A 88 38.16 10.19 14.19
C VAL A 88 38.49 10.84 12.87
N THR A 89 38.71 10.00 11.85
CA THR A 89 38.93 10.43 10.49
C THR A 89 37.95 9.69 9.58
N ALA A 90 37.95 10.05 8.30
CA ALA A 90 37.13 9.33 7.33
C ALA A 90 37.39 7.83 7.36
N ALA A 91 38.57 7.42 7.81
CA ALA A 91 38.90 6.00 7.92
C ALA A 91 38.05 5.29 8.98
N ASP A 92 37.41 6.04 9.88
CA ASP A 92 36.54 5.45 10.88
C ASP A 92 35.08 5.36 10.44
N THR A 93 34.77 5.77 9.22
CA THR A 93 33.42 5.59 8.68
C THR A 93 33.15 4.10 8.52
N ALA A 94 32.14 3.58 9.20
CA ALA A 94 31.92 2.14 9.16
C ALA A 94 30.59 1.82 9.83
N VAL A 95 30.16 0.57 9.65
CA VAL A 95 29.08 0.01 10.45
C VAL A 95 29.71 -0.65 11.67
N TYR A 96 29.21 -0.29 12.85
CA TYR A 96 29.72 -0.76 14.12
C TYR A 96 28.73 -1.75 14.74
N TYR A 97 29.25 -2.90 15.19
CA TYR A 97 28.50 -3.95 15.87
C TYR A 97 29.06 -4.14 17.28
N CYS A 98 28.16 -4.33 18.25
CA CYS A 98 28.52 -4.94 19.53
C CYS A 98 28.13 -6.42 19.49
N VAL A 99 28.88 -7.26 20.19
CA VAL A 99 28.56 -8.67 20.13
C VAL A 99 28.79 -9.22 21.55
N ARG A 100 27.92 -10.13 21.98
CA ARG A 100 28.14 -10.86 23.22
C ARG A 100 28.47 -12.31 22.89
N GLU A 101 29.59 -12.81 23.39
CA GLU A 101 30.09 -14.12 23.01
C GLU A 101 30.20 -15.00 24.25
N PRO A 102 29.59 -16.19 24.27
CA PRO A 102 29.82 -17.09 25.39
C PRO A 102 31.24 -17.62 25.31
N VAL A 103 32.05 -17.34 26.33
CA VAL A 103 33.44 -17.78 26.32
C VAL A 103 33.55 -19.28 26.46
N ILE A 104 32.47 -19.93 26.88
CA ILE A 104 32.41 -21.38 27.05
C ILE A 104 31.06 -21.84 26.51
N ALA A 105 31.04 -23.04 25.93
CA ALA A 105 29.80 -23.51 25.30
C ALA A 105 28.69 -23.75 26.32
N ALA A 106 29.05 -24.01 27.58
CA ALA A 106 28.04 -24.17 28.62
C ALA A 106 27.27 -22.87 28.83
N ALA A 107 27.92 -21.72 28.63
CA ALA A 107 27.24 -20.45 28.76
C ALA A 107 26.36 -20.11 27.56
N GLY A 108 26.57 -20.77 26.43
CA GLY A 108 25.71 -20.52 25.28
C GLY A 108 26.26 -21.18 24.04
N THR A 109 25.36 -21.63 23.16
CA THR A 109 25.76 -22.24 21.90
C THR A 109 25.56 -21.31 20.71
N VAL A 110 25.33 -20.03 20.97
CA VAL A 110 25.28 -19.01 19.94
C VAL A 110 25.67 -17.69 20.60
N ASP A 111 26.28 -16.81 19.82
CA ASP A 111 26.55 -15.45 20.28
C ASP A 111 25.36 -14.54 19.95
N VAL A 112 25.46 -13.26 20.33
CA VAL A 112 24.42 -12.28 20.00
C VAL A 112 25.08 -11.03 19.44
N TRP A 113 24.58 -10.56 18.31
CA TRP A 113 25.07 -9.38 17.60
C TRP A 113 23.99 -8.31 17.61
N GLY A 114 24.40 -7.04 17.77
CA GLY A 114 23.48 -5.95 17.54
C GLY A 114 23.23 -5.75 16.04
N ARG A 115 22.20 -4.96 15.73
CA ARG A 115 21.79 -4.80 14.33
C ARG A 115 22.85 -4.07 13.51
N GLY A 116 23.65 -3.24 14.16
CA GLY A 116 24.71 -2.53 13.46
C GLY A 116 24.30 -1.10 13.19
N VAL A 117 25.20 -0.16 13.47
CA VAL A 117 24.90 1.26 13.31
C VAL A 117 25.94 1.87 12.40
N LEU A 118 25.48 2.60 11.39
CA LEU A 118 26.39 3.26 10.47
C LEU A 118 26.86 4.57 11.10
N VAL A 119 28.16 4.77 11.12
CA VAL A 119 28.77 6.00 11.60
C VAL A 119 29.56 6.59 10.44
N THR A 120 29.22 7.82 10.07
CA THR A 120 29.87 8.55 9.00
C THR A 120 30.71 9.66 9.61
N VAL A 121 31.97 9.75 9.18
CA VAL A 121 32.89 10.79 9.62
C VAL A 121 33.04 11.76 8.46
N SER A 122 32.53 12.97 8.63
CA SER A 122 32.57 13.94 7.55
C SER A 122 32.23 15.31 8.12
N SER A 123 32.70 16.34 7.45
CA SER A 123 32.38 17.71 7.82
C SER A 123 31.19 18.26 7.05
N ALA A 124 30.58 17.46 6.18
CA ALA A 124 29.43 17.89 5.39
C ALA A 124 28.21 18.17 6.26
N SER A 125 27.36 19.07 5.77
CA SER A 125 26.10 19.36 6.44
C SER A 125 25.01 18.40 6.00
N THR A 126 24.16 17.99 6.94
CA THR A 126 23.04 17.13 6.63
C THR A 126 22.13 17.81 5.61
N LYS A 127 21.90 17.14 4.48
CA LYS A 127 21.27 17.77 3.33
C LYS A 127 20.38 16.77 2.60
N GLY A 128 19.20 17.23 2.20
CA GLY A 128 18.29 16.40 1.46
C GLY A 128 18.65 16.43 -0.01
N PRO A 129 18.17 15.44 -0.76
CA PRO A 129 18.58 15.29 -2.16
C PRO A 129 17.74 16.10 -3.14
N SER A 130 18.38 16.44 -4.26
CA SER A 130 17.67 16.82 -5.47
C SER A 130 17.33 15.57 -6.25
N VAL A 131 16.11 15.48 -6.76
CA VAL A 131 15.63 14.31 -7.46
C VAL A 131 15.34 14.69 -8.89
N PHE A 132 15.90 13.96 -9.84
CA PHE A 132 15.68 14.26 -11.25
C PHE A 132 15.17 13.03 -11.98
N PRO A 133 14.15 13.17 -12.81
CA PRO A 133 13.65 12.01 -13.54
C PRO A 133 14.60 11.63 -14.66
N LEU A 134 14.62 10.34 -14.98
CA LEU A 134 15.44 9.75 -16.03
C LEU A 134 14.50 9.03 -17.01
N ALA A 135 14.33 9.60 -18.19
CA ALA A 135 13.48 9.02 -19.21
C ALA A 135 14.31 8.65 -20.44
N PRO A 136 13.93 7.58 -21.16
CA PRO A 136 14.62 7.27 -22.41
C PRO A 136 14.39 8.38 -23.42
N SER A 137 15.28 8.44 -24.41
CA SER A 137 15.13 9.40 -25.50
C SER A 137 13.95 9.01 -26.38
N SER A 144 10.06 -2.10 -27.08
CA SER A 144 9.27 -3.19 -26.58
C SER A 144 9.01 -3.02 -25.08
N THR A 145 10.07 -2.86 -24.29
CA THR A 145 9.98 -2.60 -22.86
C THR A 145 10.81 -1.37 -22.57
N ALA A 146 10.39 -0.60 -21.56
CA ALA A 146 11.03 0.67 -21.28
C ALA A 146 11.64 0.69 -19.89
N ALA A 147 12.72 1.47 -19.75
CA ALA A 147 13.36 1.72 -18.47
C ALA A 147 13.11 3.17 -18.10
N LEU A 148 12.73 3.39 -16.84
CA LEU A 148 12.55 4.72 -16.29
C LEU A 148 13.36 4.79 -15.01
N GLY A 149 13.68 6.01 -14.56
CA GLY A 149 14.42 6.06 -13.32
C GLY A 149 14.38 7.43 -12.68
N CYS A 150 15.13 7.53 -11.58
CA CYS A 150 15.30 8.77 -10.83
C CYS A 150 16.73 8.82 -10.32
N LEU A 151 17.36 9.97 -10.51
CA LEU A 151 18.67 10.26 -9.97
C LEU A 151 18.46 11.03 -8.66
N VAL A 152 18.89 10.43 -7.55
CA VAL A 152 18.81 11.01 -6.22
C VAL A 152 20.20 11.52 -5.88
N LYS A 153 20.35 12.83 -5.84
CA LYS A 153 21.62 13.51 -6.01
C LYS A 153 21.86 14.46 -4.82
N ASP A 154 23.13 14.55 -4.40
CA ASP A 154 23.57 15.64 -3.52
C ASP A 154 22.91 15.58 -2.15
N TYR A 155 22.97 14.41 -1.52
CA TYR A 155 22.42 14.28 -0.18
C TYR A 155 23.50 13.85 0.79
N PHE A 156 23.25 14.16 2.06
CA PHE A 156 24.11 13.77 3.17
C PHE A 156 23.27 13.78 4.44
N PRO A 157 23.40 12.77 5.31
CA PRO A 157 24.23 11.58 5.03
C PRO A 157 23.41 10.43 4.44
N GLU A 158 24.05 9.27 4.32
CA GLU A 158 23.30 8.06 4.05
C GLU A 158 22.43 7.77 5.27
N PRO A 159 21.29 7.07 5.09
CA PRO A 159 20.78 6.50 3.84
C PRO A 159 19.56 7.26 3.29
N VAL A 160 19.16 6.87 2.09
CA VAL A 160 17.95 7.36 1.44
C VAL A 160 17.08 6.17 1.07
N THR A 161 15.76 6.37 1.11
CA THR A 161 14.81 5.35 0.70
C THR A 161 14.16 5.76 -0.61
N VAL A 162 14.08 4.82 -1.54
CA VAL A 162 13.44 5.05 -2.83
C VAL A 162 12.39 3.96 -3.00
N SER A 163 11.20 4.36 -3.41
CA SER A 163 10.14 3.43 -3.77
C SER A 163 9.51 3.93 -5.07
N TRP A 164 8.64 3.12 -5.64
CA TRP A 164 7.94 3.47 -6.87
C TRP A 164 6.45 3.32 -6.66
N ASN A 165 5.69 4.32 -7.09
CA ASN A 165 4.23 4.34 -6.95
C ASN A 165 3.81 4.02 -5.52
N SER A 166 4.44 4.72 -4.58
CA SER A 166 4.14 4.63 -3.15
C SER A 166 4.36 3.22 -2.60
N GLY A 167 5.26 2.46 -3.24
CA GLY A 167 5.56 1.11 -2.82
C GLY A 167 4.73 0.02 -3.47
N SER A 168 3.80 0.37 -4.35
CA SER A 168 2.99 -0.65 -5.00
C SER A 168 3.71 -1.29 -6.19
N LEU A 169 4.71 -0.60 -6.74
CA LEU A 169 5.50 -1.11 -7.86
C LEU A 169 6.88 -1.49 -7.34
N THR A 170 7.14 -2.79 -7.25
CA THR A 170 8.40 -3.31 -6.74
C THR A 170 9.13 -4.25 -7.70
N SER A 171 8.43 -4.90 -8.63
CA SER A 171 9.11 -5.82 -9.53
C SER A 171 9.86 -5.05 -10.60
N GLY A 172 11.07 -5.52 -10.91
CA GLY A 172 11.90 -4.84 -11.89
C GLY A 172 12.48 -3.52 -11.43
N VAL A 173 12.48 -3.24 -10.13
CA VAL A 173 13.06 -2.02 -9.59
C VAL A 173 14.48 -2.35 -9.14
N HIS A 174 15.43 -1.50 -9.53
CA HIS A 174 16.80 -1.62 -9.04
C HIS A 174 17.24 -0.26 -8.51
N THR A 175 17.52 -0.19 -7.23
CA THR A 175 18.09 1.00 -6.62
C THR A 175 19.56 0.73 -6.37
N PHE A 176 20.41 1.51 -7.00
CA PHE A 176 21.83 1.25 -6.94
C PHE A 176 22.44 1.84 -5.68
N PRO A 177 23.48 1.19 -5.14
CA PRO A 177 24.18 1.75 -3.98
C PRO A 177 24.72 3.14 -4.29
N ALA A 178 24.60 4.02 -3.31
CA ALA A 178 25.09 5.39 -3.46
C ALA A 178 26.61 5.40 -3.62
N VAL A 179 27.09 6.43 -4.29
CA VAL A 179 28.51 6.72 -4.38
C VAL A 179 28.77 8.06 -3.71
N LEU A 180 29.90 8.17 -3.01
CA LEU A 180 30.32 9.44 -2.43
C LEU A 180 30.99 10.29 -3.51
N GLN A 181 30.50 11.51 -3.70
CA GLN A 181 31.09 12.42 -4.67
C GLN A 181 32.29 13.12 -4.06
N SER A 182 33.04 13.82 -4.92
CA SER A 182 34.17 14.60 -4.41
C SER A 182 33.69 15.74 -3.52
N SER A 183 32.48 16.25 -3.77
CA SER A 183 31.90 17.26 -2.91
C SER A 183 31.65 16.76 -1.50
N GLY A 184 31.72 15.46 -1.26
CA GLY A 184 31.36 14.89 0.03
C GLY A 184 29.89 14.57 0.20
N LEU A 185 29.09 14.69 -0.84
CA LEU A 185 27.68 14.30 -0.83
C LEU A 185 27.53 13.02 -1.63
N TYR A 186 26.38 12.37 -1.47
CA TYR A 186 26.13 11.08 -2.10
C TYR A 186 25.19 11.24 -3.29
N SER A 187 25.32 10.29 -4.23
CA SER A 187 24.41 10.19 -5.36
C SER A 187 24.12 8.73 -5.64
N LEU A 188 22.88 8.48 -6.05
CA LEU A 188 22.51 7.15 -6.52
C LEU A 188 21.42 7.30 -7.57
N SER A 189 21.11 6.20 -8.23
CA SER A 189 19.99 6.13 -9.17
C SER A 189 19.12 4.94 -8.84
N SER A 190 17.83 5.07 -9.15
CA SER A 190 16.87 3.99 -9.04
C SER A 190 16.15 3.89 -10.37
N VAL A 191 16.00 2.66 -10.90
CA VAL A 191 15.40 2.44 -12.19
C VAL A 191 14.36 1.34 -12.09
N VAL A 192 13.49 1.28 -13.10
CA VAL A 192 12.48 0.23 -13.19
C VAL A 192 12.17 -0.01 -14.66
N THR A 193 12.00 -1.28 -15.00
CA THR A 193 11.56 -1.67 -16.33
C THR A 193 10.06 -1.94 -16.29
N VAL A 194 9.37 -1.47 -17.33
CA VAL A 194 7.91 -1.55 -17.43
C VAL A 194 7.54 -1.91 -18.86
N PRO A 195 6.34 -2.46 -19.07
CA PRO A 195 5.87 -2.66 -20.45
C PRO A 195 5.68 -1.30 -21.12
N SER A 196 6.16 -1.20 -22.36
CA SER A 196 5.99 0.04 -23.09
C SER A 196 4.52 0.29 -23.45
N SER A 197 3.77 -0.78 -23.72
CA SER A 197 2.33 -0.76 -23.97
C SER A 197 1.63 0.13 -22.95
N SER A 198 2.11 0.09 -21.71
CA SER A 198 1.48 0.71 -20.55
C SER A 198 1.77 2.21 -20.38
N LEU A 199 2.72 2.78 -21.13
CA LEU A 199 3.12 4.16 -20.84
C LEU A 199 1.98 5.16 -21.04
N GLY A 200 0.99 4.84 -21.87
CA GLY A 200 -0.08 5.79 -22.13
C GLY A 200 -1.11 5.87 -21.03
N THR A 201 -1.31 4.77 -20.29
CA THR A 201 -2.35 4.67 -19.28
C THR A 201 -1.80 4.53 -17.86
N GLN A 202 -0.50 4.37 -17.68
CA GLN A 202 0.10 4.23 -16.37
C GLN A 202 0.97 5.43 -16.04
N THR A 203 0.98 5.78 -14.76
CA THR A 203 1.85 6.83 -14.27
C THR A 203 2.87 6.20 -13.35
N TYR A 204 4.11 6.67 -13.45
CA TYR A 204 5.20 6.16 -12.65
C TYR A 204 5.82 7.30 -11.87
N VAL A 205 5.94 7.11 -10.56
CA VAL A 205 6.41 8.16 -9.66
C VAL A 205 7.46 7.55 -8.75
N CYS A 206 8.64 8.16 -8.69
CA CYS A 206 9.62 7.74 -7.70
C CYS A 206 9.42 8.58 -6.45
N ASN A 207 9.39 7.90 -5.30
CA ASN A 207 9.24 8.53 -4.00
C ASN A 207 10.54 8.37 -3.24
N VAL A 208 11.14 9.50 -2.91
CA VAL A 208 12.44 9.58 -2.25
C VAL A 208 12.18 10.11 -0.86
N ASN A 209 12.62 9.34 0.14
CA ASN A 209 12.48 9.70 1.55
C ASN A 209 13.89 9.74 2.14
N HIS A 210 14.34 10.92 2.54
CA HIS A 210 15.63 11.09 3.20
C HIS A 210 15.36 11.37 4.66
N LYS A 211 15.34 10.30 5.45
CA LYS A 211 14.98 10.40 6.86
C LYS A 211 15.92 11.27 7.70
N PRO A 212 17.25 11.22 7.54
CA PRO A 212 18.12 12.10 8.37
C PRO A 212 17.80 13.59 8.24
N SER A 213 17.26 14.03 7.11
CA SER A 213 16.93 15.43 6.94
C SER A 213 15.43 15.68 6.84
N ASN A 214 14.59 14.65 7.02
CA ASN A 214 13.14 14.76 6.92
C ASN A 214 12.69 15.29 5.55
N THR A 215 13.33 14.83 4.48
CA THR A 215 13.01 15.30 3.13
C THR A 215 12.20 14.25 2.38
N LYS A 216 11.07 14.65 1.78
CA LYS A 216 10.28 13.74 0.98
C LYS A 216 9.99 14.37 -0.37
N VAL A 217 10.36 13.68 -1.44
CA VAL A 217 10.20 14.21 -2.78
C VAL A 217 9.60 13.14 -3.69
N ASP A 218 8.57 13.52 -4.44
CA ASP A 218 8.01 12.67 -5.48
C ASP A 218 8.39 13.26 -6.81
N LYS A 219 8.69 12.41 -7.78
CA LYS A 219 8.85 12.87 -9.15
C LYS A 219 8.17 11.91 -10.10
N ARG A 220 7.27 12.44 -10.93
CA ARG A 220 6.69 11.66 -12.01
C ARG A 220 7.71 11.53 -13.15
N VAL A 221 7.83 10.32 -13.68
CA VAL A 221 8.75 10.03 -14.78
C VAL A 221 7.91 9.72 -16.01
N GLU A 222 8.09 10.53 -17.06
CA GLU A 222 7.33 10.44 -18.29
C GLU A 222 8.28 10.68 -19.45
N ILE A 223 7.81 10.42 -20.66
CA ILE A 223 8.65 10.59 -21.83
C ILE A 223 8.16 11.73 -22.71
N ASP B 1 50.28 -10.59 14.95
CA ASP B 1 48.90 -10.92 14.68
C ASP B 1 48.76 -12.16 13.80
N ILE B 2 47.80 -13.02 14.16
CA ILE B 2 47.48 -14.18 13.35
C ILE B 2 46.72 -13.74 12.12
N VAL B 3 47.25 -14.09 10.94
CA VAL B 3 46.59 -13.79 9.67
C VAL B 3 45.71 -14.97 9.29
N MET B 4 44.46 -14.67 8.93
CA MET B 4 43.49 -15.65 8.44
C MET B 4 43.33 -15.45 6.94
N THR B 5 43.59 -16.50 6.16
CA THR B 5 43.52 -16.43 4.70
C THR B 5 42.38 -17.31 4.20
N GLN B 6 41.42 -16.68 3.54
CA GLN B 6 40.24 -17.37 3.04
C GLN B 6 40.33 -17.55 1.54
N THR B 7 39.90 -18.72 1.06
CA THR B 7 39.83 -19.01 -0.37
C THR B 7 38.58 -19.82 -0.68
N PRO B 8 37.92 -19.57 -1.81
CA PRO B 8 38.33 -18.51 -2.73
C PRO B 8 37.79 -17.13 -2.37
N LEU B 9 38.20 -16.14 -3.15
CA LEU B 9 37.61 -14.81 -3.05
C LEU B 9 36.11 -14.86 -3.30
N SER B 10 35.69 -15.65 -4.28
CA SER B 10 34.31 -15.70 -4.75
C SER B 10 34.03 -17.13 -5.21
N LEU B 11 32.81 -17.58 -4.99
CA LEU B 11 32.38 -18.88 -5.46
C LEU B 11 30.98 -18.76 -6.07
N SER B 12 30.79 -19.40 -7.21
CA SER B 12 29.48 -19.52 -7.85
C SER B 12 28.95 -20.94 -7.74
N VAL B 13 27.74 -21.08 -7.20
CA VAL B 13 27.12 -22.37 -6.93
C VAL B 13 25.76 -22.43 -7.62
N THR B 14 25.46 -23.55 -8.27
CA THR B 14 24.06 -23.68 -8.64
C THR B 14 23.28 -24.32 -7.48
N PRO B 15 22.07 -23.87 -7.14
CA PRO B 15 21.37 -24.38 -5.95
C PRO B 15 21.23 -25.89 -5.91
N GLY B 16 21.59 -26.46 -4.76
CA GLY B 16 21.55 -27.89 -4.53
C GLY B 16 22.93 -28.54 -4.54
N GLU B 17 23.98 -27.90 -5.31
CA GLU B 17 25.24 -28.62 -5.21
C GLU B 17 26.05 -28.16 -4.02
N PRO B 18 26.96 -28.98 -3.51
CA PRO B 18 27.75 -28.56 -2.35
C PRO B 18 28.68 -27.40 -2.69
N ALA B 19 29.07 -26.70 -1.63
CA ALA B 19 30.13 -25.69 -1.68
C ALA B 19 31.11 -25.97 -0.56
N SER B 20 32.34 -25.50 -0.76
CA SER B 20 33.43 -25.76 0.16
C SER B 20 34.30 -24.52 0.19
N ILE B 21 34.45 -23.91 1.37
CA ILE B 21 35.32 -22.75 1.55
C ILE B 21 36.44 -23.09 2.52
N SER B 22 37.61 -22.51 2.25
CA SER B 22 38.87 -22.84 2.91
C SER B 22 39.40 -21.65 3.71
N CYS B 23 39.93 -21.93 4.89
CA CYS B 23 40.50 -20.89 5.75
C CYS B 23 41.77 -21.42 6.36
N ARG B 24 42.80 -20.62 6.25
CA ARG B 24 44.01 -21.12 6.80
C ARG B 24 44.72 -20.08 7.67
N SER B 25 45.21 -20.50 8.80
CA SER B 25 45.80 -19.60 9.76
C SER B 25 47.31 -19.51 9.68
N SER B 26 47.88 -18.42 10.12
CA SER B 26 49.34 -18.30 10.07
C SER B 26 50.03 -19.05 11.19
N GLN B 27 49.27 -19.49 12.18
CA GLN B 27 49.72 -20.30 13.28
C GLN B 27 48.57 -21.17 13.79
N SER B 28 48.86 -22.16 14.58
CA SER B 28 47.89 -23.10 15.10
C SER B 28 46.86 -22.43 15.99
N LEU B 29 45.63 -22.86 15.92
CA LEU B 29 44.59 -22.32 16.70
C LEU B 29 44.18 -23.20 17.85
N LEU B 30 45.00 -24.16 18.15
CA LEU B 30 44.74 -25.04 19.26
C LEU B 30 45.29 -24.44 20.51
N HIS B 31 44.46 -24.33 21.47
CA HIS B 31 44.85 -23.85 22.79
C HIS B 31 45.34 -25.03 23.62
N SER B 32 46.11 -24.72 24.67
CA SER B 32 46.56 -25.78 25.57
C SER B 32 45.40 -26.41 26.32
N ASN B 33 44.23 -25.78 26.36
CA ASN B 33 43.10 -26.42 27.00
C ASN B 33 42.41 -27.42 26.10
N GLY B 34 42.91 -27.62 24.88
CA GLY B 34 42.40 -28.62 23.97
C GLY B 34 41.32 -28.17 23.01
N HIS B 35 40.92 -26.91 23.05
CA HIS B 35 39.95 -26.38 22.11
C HIS B 35 40.69 -25.67 20.98
N THR B 36 40.11 -25.73 19.79
CA THR B 36 40.60 -25.00 18.62
C THR B 36 39.62 -23.87 18.31
N TYR B 37 40.10 -22.63 18.37
CA TYR B 37 39.23 -21.45 18.43
C TYR B 37 39.11 -20.79 17.06
N VAL B 38 38.40 -21.47 16.16
CA VAL B 38 38.10 -20.94 14.84
C VAL B 38 36.61 -21.09 14.59
N HIS B 39 36.03 -20.10 13.92
CA HIS B 39 34.58 -20.00 13.78
C HIS B 39 34.23 -19.52 12.37
N TRP B 40 33.01 -19.84 11.95
CA TRP B 40 32.47 -19.50 10.64
C TRP B 40 31.16 -18.74 10.80
N TYR B 41 31.05 -17.62 10.06
CA TYR B 41 29.86 -16.79 9.98
C TYR B 41 29.38 -16.63 8.54
N LEU B 42 28.09 -16.35 8.42
CA LEU B 42 27.48 -15.87 7.19
C LEU B 42 26.91 -14.47 7.43
N GLN B 43 27.30 -13.52 6.60
CA GLN B 43 26.70 -12.19 6.61
C GLN B 43 25.96 -11.99 5.29
N LYS B 44 24.65 -11.89 5.38
CA LYS B 44 23.81 -11.56 4.25
C LYS B 44 23.80 -10.06 4.04
N ALA B 45 23.40 -9.65 2.85
CA ALA B 45 23.47 -8.26 2.44
C ALA B 45 22.68 -7.37 3.40
N GLY B 46 23.30 -6.26 3.81
CA GLY B 46 22.72 -5.32 4.74
C GLY B 46 22.35 -5.88 6.10
N GLN B 47 23.12 -6.86 6.59
CA GLN B 47 22.74 -7.57 7.79
C GLN B 47 23.98 -7.85 8.63
N SER B 48 23.75 -8.19 9.83
CA SER B 48 24.90 -8.41 10.69
C SER B 48 25.37 -9.85 10.59
N PRO B 49 26.65 -10.11 10.84
CA PRO B 49 27.16 -11.49 10.72
C PRO B 49 26.39 -12.45 11.61
N GLN B 50 26.21 -13.66 11.10
CA GLN B 50 25.47 -14.71 11.80
C GLN B 50 26.39 -15.90 12.01
N LEU B 51 26.55 -16.31 13.27
CA LEU B 51 27.43 -17.42 13.60
C LEU B 51 26.84 -18.73 13.09
N LEU B 52 27.60 -19.42 12.23
CA LEU B 52 27.22 -20.75 11.75
C LEU B 52 27.90 -21.86 12.54
N ILE B 53 29.22 -21.77 12.71
CA ILE B 53 30.00 -22.87 13.28
C ILE B 53 31.01 -22.32 14.28
N TYR B 54 31.09 -22.92 15.46
CA TYR B 54 32.11 -22.56 16.44
C TYR B 54 33.02 -23.73 16.75
N GLU B 55 34.27 -23.41 17.08
CA GLU B 55 35.29 -24.41 17.42
C GLU B 55 35.34 -25.53 16.39
N VAL B 56 35.69 -25.13 15.16
CA VAL B 56 35.90 -26.00 14.01
C VAL B 56 34.61 -26.62 13.50
N SER B 57 33.90 -27.35 14.37
CA SER B 57 32.93 -28.35 13.91
C SER B 57 31.54 -28.22 14.51
N ASN B 58 31.37 -27.45 15.57
CA ASN B 58 30.08 -27.40 16.23
C ASN B 58 29.14 -26.43 15.51
N ARG B 59 27.85 -26.79 15.49
CA ARG B 59 26.80 -26.00 14.87
C ARG B 59 26.19 -25.04 15.88
N ALA B 60 26.08 -23.76 15.51
CA ALA B 60 25.36 -22.85 16.37
C ALA B 60 23.87 -23.21 16.40
N SER B 61 23.20 -22.81 17.49
CA SER B 61 21.95 -23.46 17.89
C SER B 61 20.84 -23.39 16.85
N GLY B 62 20.90 -22.49 15.89
CA GLY B 62 19.80 -22.43 14.94
C GLY B 62 20.19 -22.73 13.50
N VAL B 63 21.32 -23.38 13.32
CA VAL B 63 21.90 -23.57 11.99
C VAL B 63 21.54 -24.97 11.47
N PRO B 64 21.03 -25.07 10.25
CA PRO B 64 20.65 -26.39 9.71
C PRO B 64 21.82 -27.35 9.55
N ASP B 65 21.49 -28.65 9.51
CA ASP B 65 22.48 -29.71 9.34
C ASP B 65 23.26 -29.58 8.04
N ARG B 66 22.76 -28.79 7.10
CA ARG B 66 23.41 -28.64 5.81
C ARG B 66 24.77 -27.94 5.92
N PHE B 67 25.02 -27.17 7.00
CA PHE B 67 26.33 -26.58 7.23
C PHE B 67 27.13 -27.49 8.13
N SER B 68 28.42 -27.63 7.82
CA SER B 68 29.30 -28.45 8.62
C SER B 68 30.70 -27.86 8.54
N GLY B 69 31.50 -28.15 9.55
CA GLY B 69 32.84 -27.62 9.62
C GLY B 69 33.83 -28.71 9.94
N SER B 70 35.02 -28.58 9.38
CA SER B 70 36.07 -29.59 9.50
C SER B 70 37.40 -28.90 9.57
N GLY B 71 38.42 -29.65 9.96
CA GLY B 71 39.79 -29.24 9.88
C GLY B 71 40.46 -29.37 11.22
N SER B 72 41.71 -29.00 11.29
CA SER B 72 42.50 -29.01 12.50
C SER B 72 43.70 -28.12 12.33
N GLY B 73 44.25 -27.68 13.43
CA GLY B 73 45.48 -26.95 13.41
C GLY B 73 45.53 -25.59 12.84
N THR B 74 45.89 -25.62 11.58
CA THR B 74 46.00 -24.49 10.73
C THR B 74 45.12 -24.51 9.51
N ASP B 75 44.45 -25.60 9.22
CA ASP B 75 43.63 -25.72 8.01
C ASP B 75 42.20 -26.03 8.34
N PHE B 76 41.26 -25.22 7.87
CA PHE B 76 39.85 -25.39 8.16
C PHE B 76 38.96 -25.31 6.93
N THR B 77 37.85 -26.01 6.94
CA THR B 77 36.97 -26.07 5.78
C THR B 77 35.53 -25.96 6.26
N LEU B 78 34.77 -25.09 5.64
CA LEU B 78 33.33 -25.05 5.80
C LEU B 78 32.70 -25.71 4.59
N LYS B 79 31.74 -26.60 4.84
CA LYS B 79 31.04 -27.31 3.77
C LYS B 79 29.55 -27.02 3.87
N ILE B 80 28.95 -26.70 2.74
CA ILE B 80 27.50 -26.59 2.63
C ILE B 80 27.09 -27.72 1.69
N SER B 81 26.46 -28.76 2.25
CA SER B 81 26.11 -29.95 1.49
C SER B 81 25.27 -29.60 0.27
N ARG B 82 24.25 -28.78 0.45
CA ARG B 82 23.47 -28.27 -0.67
C ARG B 82 23.29 -26.77 -0.46
N VAL B 83 23.71 -25.97 -1.42
CA VAL B 83 23.50 -24.53 -1.31
C VAL B 83 22.09 -24.22 -1.76
N GLU B 84 21.37 -23.45 -0.95
CA GLU B 84 20.03 -23.00 -1.29
C GLU B 84 20.07 -21.49 -1.51
N ALA B 85 18.95 -20.95 -2.00
CA ALA B 85 18.89 -19.53 -2.28
C ALA B 85 19.18 -18.69 -1.04
N GLU B 86 18.76 -19.17 0.14
CA GLU B 86 18.95 -18.46 1.40
C GLU B 86 20.40 -18.40 1.87
N ASP B 87 21.31 -19.16 1.26
CA ASP B 87 22.71 -19.22 1.71
C ASP B 87 23.63 -18.25 1.00
N VAL B 88 23.11 -17.36 0.15
CA VAL B 88 23.96 -16.40 -0.55
C VAL B 88 24.47 -15.36 0.43
N GLY B 89 25.68 -14.86 0.19
CA GLY B 89 26.21 -13.82 1.07
C GLY B 89 27.72 -13.98 1.22
N VAL B 90 28.29 -13.35 2.24
CA VAL B 90 29.73 -13.42 2.44
C VAL B 90 30.01 -14.25 3.70
N TYR B 91 30.82 -15.29 3.56
CA TYR B 91 31.21 -16.14 4.66
C TYR B 91 32.58 -15.73 5.18
N TYR B 92 32.70 -15.67 6.50
CA TYR B 92 33.93 -15.26 7.15
C TYR B 92 34.39 -16.33 8.13
N CYS B 93 35.69 -16.55 8.20
CA CYS B 93 36.27 -17.27 9.31
C CYS B 93 36.88 -16.27 10.29
N GLU B 94 37.02 -16.70 11.54
CA GLU B 94 37.55 -15.86 12.60
C GLU B 94 38.28 -16.72 13.63
N GLN B 95 39.40 -16.21 14.15
CA GLN B 95 40.09 -16.83 15.27
C GLN B 95 39.86 -15.99 16.52
N THR B 96 39.61 -16.66 17.65
CA THR B 96 39.55 -16.00 18.95
C THR B 96 40.58 -16.58 19.92
N LEU B 97 41.69 -17.11 19.39
CA LEU B 97 42.73 -17.67 20.24
C LEU B 97 43.54 -16.58 20.94
N GLN B 98 43.97 -15.56 20.19
CA GLN B 98 44.86 -14.53 20.71
C GLN B 98 44.30 -13.15 20.38
N ILE B 99 44.72 -12.19 21.19
CA ILE B 99 44.36 -10.78 20.96
C ILE B 99 45.35 -10.21 19.95
N PRO B 100 44.89 -9.48 18.93
CA PRO B 100 43.49 -9.21 18.59
C PRO B 100 42.81 -10.36 17.84
N PHE B 101 41.49 -10.49 17.96
CA PHE B 101 40.75 -11.40 17.09
C PHE B 101 40.83 -10.90 15.67
N THR B 102 41.00 -11.83 14.73
CA THR B 102 41.16 -11.47 13.32
C THR B 102 40.26 -12.34 12.45
N PHE B 103 39.76 -11.74 11.39
CA PHE B 103 38.87 -12.40 10.45
C PHE B 103 39.58 -12.63 9.13
N GLY B 104 39.11 -13.62 8.39
CA GLY B 104 39.51 -13.74 7.01
C GLY B 104 38.86 -12.67 6.15
N GLY B 105 39.40 -12.52 4.94
CA GLY B 105 38.94 -11.52 4.00
C GLY B 105 37.56 -11.77 3.46
N GLY B 106 37.01 -12.95 3.68
CA GLY B 106 35.65 -13.21 3.25
C GLY B 106 35.59 -13.95 1.94
N THR B 107 34.57 -14.79 1.81
CA THR B 107 34.29 -15.51 0.57
C THR B 107 32.87 -15.15 0.16
N LYS B 108 32.73 -14.47 -0.99
CA LYS B 108 31.41 -14.15 -1.51
C LYS B 108 30.84 -15.38 -2.22
N VAL B 109 29.67 -15.83 -1.78
CA VAL B 109 28.96 -16.95 -2.37
C VAL B 109 27.74 -16.40 -3.07
N GLU B 110 27.66 -16.68 -4.38
CA GLU B 110 26.60 -16.25 -5.27
C GLU B 110 26.05 -17.46 -6.01
N ILE B 111 24.93 -17.26 -6.69
CA ILE B 111 24.24 -18.33 -7.42
C ILE B 111 24.68 -18.30 -8.87
N LYS B 112 25.06 -19.47 -9.41
CA LYS B 112 25.41 -19.59 -10.82
C LYS B 112 24.16 -19.76 -11.67
N ARG B 113 24.17 -19.14 -12.85
CA ARG B 113 23.08 -19.29 -13.81
C ARG B 113 23.65 -19.10 -15.21
N THR B 114 22.78 -19.30 -16.19
CA THR B 114 23.16 -19.12 -17.57
C THR B 114 23.67 -17.71 -17.81
N VAL B 115 24.70 -17.59 -18.66
CA VAL B 115 25.20 -16.28 -19.06
C VAL B 115 24.07 -15.48 -19.68
N ALA B 116 23.91 -14.25 -19.21
CA ALA B 116 22.85 -13.37 -19.69
C ALA B 116 23.46 -12.03 -20.05
N ALA B 117 23.24 -11.58 -21.29
CA ALA B 117 23.73 -10.29 -21.73
C ALA B 117 22.85 -9.18 -21.17
N PRO B 118 23.43 -8.00 -20.90
CA PRO B 118 22.65 -6.90 -20.33
C PRO B 118 21.79 -6.23 -21.38
N SER B 119 20.63 -5.73 -20.93
CA SER B 119 19.88 -4.76 -21.71
C SER B 119 20.41 -3.37 -21.37
N VAL B 120 20.78 -2.60 -22.39
CA VAL B 120 21.47 -1.33 -22.20
C VAL B 120 20.55 -0.17 -22.51
N PHE B 121 20.56 0.84 -21.66
CA PHE B 121 19.74 2.02 -21.83
C PHE B 121 20.60 3.23 -21.50
N ILE B 122 20.47 4.31 -22.26
CA ILE B 122 21.13 5.55 -21.91
C ILE B 122 20.06 6.61 -21.66
N PHE B 123 20.27 7.44 -20.64
CA PHE B 123 19.25 8.43 -20.30
C PHE B 123 19.82 9.82 -20.54
N PRO B 124 19.33 10.56 -21.53
CA PRO B 124 19.79 11.92 -21.70
C PRO B 124 19.37 12.74 -20.49
N PRO B 125 20.22 13.67 -20.05
CA PRO B 125 19.89 14.46 -18.86
C PRO B 125 18.80 15.48 -19.14
N SER B 126 17.88 15.60 -18.18
CA SER B 126 16.75 16.50 -18.30
C SER B 126 17.19 17.97 -18.23
N GLU B 127 16.30 18.84 -18.72
CA GLU B 127 16.55 20.28 -18.71
C GLU B 127 16.76 20.80 -17.29
N ASP B 128 15.93 20.34 -16.34
CA ASP B 128 16.17 20.60 -14.92
C ASP B 128 17.65 20.42 -14.56
N GLN B 129 18.20 19.26 -14.93
CA GLN B 129 19.59 18.95 -14.60
C GLN B 129 20.54 19.98 -15.21
N VAL B 130 20.26 20.38 -16.45
CA VAL B 130 21.14 21.33 -17.12
C VAL B 130 21.09 22.69 -16.43
N LYS B 131 19.89 23.14 -16.00
CA LYS B 131 19.88 24.44 -15.32
C LYS B 131 20.50 24.36 -13.93
N SER B 132 20.61 23.15 -13.37
CA SER B 132 21.25 23.01 -12.06
C SER B 132 22.73 23.35 -12.09
N GLY B 133 23.36 23.34 -13.27
CA GLY B 133 24.75 23.70 -13.42
C GLY B 133 25.67 22.51 -13.59
N THR B 134 25.26 21.32 -13.16
CA THR B 134 26.01 20.09 -13.36
C THR B 134 25.05 18.99 -13.81
N VAL B 135 25.58 18.06 -14.59
CA VAL B 135 24.76 17.08 -15.28
C VAL B 135 25.32 15.68 -15.04
N SER B 136 24.43 14.70 -14.97
CA SER B 136 24.77 13.29 -14.88
C SER B 136 24.11 12.56 -16.04
N VAL B 137 24.91 11.88 -16.85
CA VAL B 137 24.41 11.03 -17.93
C VAL B 137 24.52 9.60 -17.42
N VAL B 138 23.40 8.89 -17.40
CA VAL B 138 23.32 7.56 -16.82
C VAL B 138 23.22 6.54 -17.94
N CYS B 139 24.02 5.48 -17.83
CA CYS B 139 23.95 4.33 -18.72
C CYS B 139 23.63 3.13 -17.83
N LEU B 140 22.53 2.45 -18.15
CA LEU B 140 22.03 1.34 -17.36
C LEU B 140 22.27 0.03 -18.10
N LEU B 141 22.94 -0.91 -17.44
CA LEU B 141 23.10 -2.28 -17.92
C LEU B 141 22.25 -3.14 -16.99
N ASN B 142 21.17 -3.69 -17.52
CA ASN B 142 20.16 -4.29 -16.66
C ASN B 142 20.07 -5.79 -16.90
N ASN B 143 20.03 -6.53 -15.79
CA ASN B 143 19.70 -7.96 -15.78
C ASN B 143 20.68 -8.78 -16.62
N PHE B 144 21.94 -8.77 -16.20
CA PHE B 144 22.99 -9.49 -16.87
C PHE B 144 23.66 -10.47 -15.91
N TYR B 145 24.36 -11.45 -16.49
CA TYR B 145 25.12 -12.43 -15.71
C TYR B 145 26.19 -12.99 -16.62
N PRO B 146 27.44 -13.15 -16.14
CA PRO B 146 27.89 -12.82 -14.79
C PRO B 146 28.12 -11.33 -14.54
N ARG B 147 28.75 -11.03 -13.41
CA ARG B 147 28.81 -9.68 -12.89
C ARG B 147 29.80 -8.80 -13.64
N GLU B 148 30.83 -9.39 -14.23
CA GLU B 148 31.85 -8.64 -14.95
C GLU B 148 31.25 -7.99 -16.21
N ALA B 149 31.54 -6.71 -16.41
CA ALA B 149 31.06 -5.99 -17.59
C ALA B 149 31.90 -4.74 -17.77
N SER B 150 32.02 -4.30 -19.02
CA SER B 150 32.82 -3.12 -19.31
C SER B 150 31.95 -2.06 -19.98
N VAL B 151 32.13 -0.82 -19.55
CA VAL B 151 31.45 0.36 -20.10
C VAL B 151 32.50 1.41 -20.45
N LYS B 152 32.51 1.82 -21.71
CA LYS B 152 33.33 2.94 -22.19
C LYS B 152 32.41 4.11 -22.51
N TRP B 153 32.83 5.30 -22.13
CA TRP B 153 32.13 6.52 -22.47
C TRP B 153 32.83 7.17 -23.67
N LYS B 154 32.06 7.49 -24.70
CA LYS B 154 32.60 8.18 -25.86
C LYS B 154 31.82 9.47 -26.05
N VAL B 155 32.55 10.58 -26.16
CA VAL B 155 31.95 11.89 -26.35
C VAL B 155 32.44 12.44 -27.68
N ASP B 156 31.50 12.64 -28.62
CA ASP B 156 31.83 13.01 -29.99
C ASP B 156 32.84 12.04 -30.60
N GLY B 157 32.61 10.75 -30.35
CA GLY B 157 33.44 9.69 -30.88
C GLY B 157 34.74 9.47 -30.15
N ALA B 158 35.15 10.37 -29.25
CA ALA B 158 36.41 10.24 -28.54
C ALA B 158 36.17 9.58 -27.19
N LEU B 159 37.05 8.64 -26.84
CA LEU B 159 36.98 7.99 -25.54
C LEU B 159 37.17 9.02 -24.43
N LYS B 160 36.32 8.95 -23.41
CA LYS B 160 36.37 9.91 -22.31
C LYS B 160 36.56 9.13 -21.00
N THR B 161 37.78 9.18 -20.48
CA THR B 161 38.13 8.60 -19.18
C THR B 161 37.94 9.65 -18.09
N GLY B 162 37.72 9.19 -16.87
CA GLY B 162 37.40 10.08 -15.76
C GLY B 162 36.01 10.66 -15.82
N ASN B 163 35.58 11.32 -14.74
CA ASN B 163 34.26 11.93 -14.65
C ASN B 163 33.12 10.90 -14.73
N SER B 164 33.43 9.62 -14.55
CA SER B 164 32.41 8.58 -14.57
C SER B 164 32.58 7.68 -13.34
N GLN B 165 31.45 7.23 -12.80
CA GLN B 165 31.39 6.36 -11.65
C GLN B 165 30.45 5.19 -11.95
N GLU B 166 30.75 4.01 -11.41
CA GLU B 166 29.90 2.85 -11.61
C GLU B 166 29.34 2.36 -10.28
N SER B 167 28.20 1.68 -10.36
CA SER B 167 27.60 1.08 -9.16
C SER B 167 26.83 -0.17 -9.59
N VAL B 168 26.90 -1.22 -8.76
CA VAL B 168 26.35 -2.53 -9.10
C VAL B 168 25.43 -3.01 -7.98
N THR B 169 24.29 -3.57 -8.36
CA THR B 169 23.36 -4.14 -7.39
C THR B 169 23.89 -5.47 -6.85
N GLU B 170 23.28 -5.90 -5.74
CA GLU B 170 23.47 -7.28 -5.32
C GLU B 170 22.70 -8.20 -6.28
N GLN B 171 23.07 -9.49 -6.23
CA GLN B 171 22.41 -10.44 -7.11
C GLN B 171 20.91 -10.47 -6.81
N ASP B 172 20.11 -10.29 -7.86
CA ASP B 172 18.67 -10.32 -7.75
C ASP B 172 18.20 -11.71 -7.34
N SER B 173 17.30 -11.77 -6.34
CA SER B 173 16.88 -13.08 -5.82
C SER B 173 15.97 -13.83 -6.79
N LYS B 174 15.27 -13.13 -7.68
CA LYS B 174 14.36 -13.82 -8.58
C LYS B 174 15.09 -14.51 -9.74
N ASP B 175 15.94 -13.78 -10.46
CA ASP B 175 16.56 -14.29 -11.67
C ASP B 175 18.07 -14.45 -11.57
N ASN B 176 18.67 -14.12 -10.43
CA ASN B 176 20.11 -14.31 -10.20
C ASN B 176 20.95 -13.44 -11.13
N THR B 177 20.45 -12.27 -11.51
CA THR B 177 21.18 -11.37 -12.38
C THR B 177 21.71 -10.16 -11.61
N TYR B 178 22.49 -9.36 -12.32
CA TYR B 178 23.03 -8.13 -11.78
C TYR B 178 22.57 -6.99 -12.67
N SER B 179 22.56 -5.78 -12.09
CA SER B 179 22.37 -4.58 -12.86
C SER B 179 23.46 -3.59 -12.45
N LEU B 180 23.76 -2.69 -13.36
CA LEU B 180 24.89 -1.78 -13.20
C LEU B 180 24.49 -0.42 -13.76
N SER B 181 24.91 0.64 -13.07
CA SER B 181 24.77 2.00 -13.54
C SER B 181 26.16 2.58 -13.73
N SER B 182 26.37 3.26 -14.86
CA SER B 182 27.56 4.06 -15.08
C SER B 182 27.10 5.50 -15.30
N THR B 183 27.54 6.39 -14.43
CA THR B 183 27.14 7.80 -14.46
C THR B 183 28.34 8.64 -14.84
N LEU B 184 28.23 9.34 -15.97
CA LEU B 184 29.22 10.32 -16.36
C LEU B 184 28.75 11.68 -15.87
N THR B 185 29.54 12.32 -15.03
CA THR B 185 29.16 13.59 -14.42
C THR B 185 30.04 14.68 -14.99
N LEU B 186 29.40 15.72 -15.53
CA LEU B 186 30.10 16.83 -16.16
C LEU B 186 29.47 18.14 -15.70
N SER B 187 30.21 19.23 -15.88
CA SER B 187 29.60 20.53 -15.72
C SER B 187 28.65 20.82 -16.88
N SER B 188 27.70 21.73 -16.64
CA SER B 188 26.78 22.08 -17.72
C SER B 188 27.53 22.65 -18.92
N THR B 189 28.58 23.45 -18.66
CA THR B 189 29.40 24.02 -19.72
C THR B 189 30.07 22.95 -20.57
N GLU B 190 30.96 22.15 -19.96
CA GLU B 190 31.57 21.04 -20.67
C GLU B 190 30.51 20.17 -21.36
N TYR B 191 29.40 19.89 -20.66
CA TYR B 191 28.39 19.02 -21.26
C TYR B 191 27.85 19.61 -22.55
N GLN B 192 27.56 20.90 -22.56
CA GLN B 192 27.04 21.58 -23.74
C GLN B 192 28.11 21.88 -24.77
N SER B 193 29.38 21.64 -24.44
CA SER B 193 30.47 21.79 -25.40
C SER B 193 30.57 20.62 -26.37
N HIS B 194 29.75 19.58 -26.23
CA HIS B 194 29.82 18.40 -27.09
C HIS B 194 28.41 17.99 -27.46
N LYS B 195 28.30 17.17 -28.50
CA LYS B 195 27.02 16.83 -29.09
C LYS B 195 26.66 15.35 -28.96
N VAL B 196 27.56 14.43 -29.29
CA VAL B 196 27.23 13.01 -29.30
C VAL B 196 27.75 12.36 -28.04
N TYR B 197 26.87 11.67 -27.32
CA TYR B 197 27.22 10.95 -26.10
C TYR B 197 26.85 9.49 -26.28
N ALA B 198 27.77 8.60 -25.93
CA ALA B 198 27.54 7.17 -26.14
C ALA B 198 28.17 6.39 -25.00
N CYS B 199 27.48 5.32 -24.57
CA CYS B 199 28.07 4.31 -23.72
C CYS B 199 28.17 3.01 -24.50
N GLU B 200 29.36 2.44 -24.48
CA GLU B 200 29.72 1.25 -25.22
C GLU B 200 29.94 0.12 -24.23
N VAL B 201 29.25 -0.99 -24.43
CA VAL B 201 29.12 -2.03 -23.44
C VAL B 201 29.69 -3.32 -24.02
N THR B 202 30.54 -3.98 -23.26
CA THR B 202 31.00 -5.32 -23.60
C THR B 202 30.70 -6.24 -22.44
N HIS B 203 30.34 -7.49 -22.77
CA HIS B 203 29.95 -8.51 -21.83
C HIS B 203 30.01 -9.85 -22.56
N GLN B 204 30.36 -10.90 -21.82
CA GLN B 204 30.57 -12.19 -22.48
C GLN B 204 29.28 -12.75 -23.08
N GLY B 205 28.11 -12.28 -22.63
CA GLY B 205 26.90 -12.68 -23.31
C GLY B 205 26.66 -12.01 -24.65
N LEU B 206 27.48 -11.01 -25.00
CA LEU B 206 27.37 -10.28 -26.26
C LEU B 206 28.32 -10.85 -27.31
N SER B 207 27.86 -10.88 -28.57
CA SER B 207 28.72 -11.23 -29.71
C SER B 207 29.60 -10.08 -30.17
N SER B 208 29.26 -8.85 -29.82
CA SER B 208 30.00 -7.67 -30.25
C SER B 208 29.59 -6.51 -29.34
N PRO B 209 30.37 -5.43 -29.30
CA PRO B 209 30.01 -4.31 -28.43
C PRO B 209 28.61 -3.75 -28.73
N VAL B 210 27.94 -3.32 -27.68
CA VAL B 210 26.62 -2.71 -27.76
C VAL B 210 26.78 -1.22 -27.44
N THR B 211 26.38 -0.36 -28.37
CA THR B 211 26.52 1.08 -28.16
C THR B 211 25.16 1.74 -28.12
N LYS B 212 24.89 2.49 -27.05
CA LYS B 212 23.70 3.32 -26.94
C LYS B 212 24.15 4.78 -26.84
N SER B 213 23.54 5.63 -27.66
CA SER B 213 23.99 7.00 -27.80
C SER B 213 22.80 7.94 -27.95
N PHE B 214 23.06 9.22 -27.74
CA PHE B 214 22.12 10.28 -28.08
C PHE B 214 22.88 11.52 -28.52
N ASN B 215 22.19 12.36 -29.28
CA ASN B 215 22.68 13.68 -29.61
C ASN B 215 22.02 14.66 -28.64
N ARG B 216 22.85 15.44 -27.95
CA ARG B 216 22.34 16.37 -26.95
C ARG B 216 21.43 17.42 -27.62
N GLY B 217 20.15 17.43 -27.24
CA GLY B 217 19.16 18.32 -27.81
C GLY B 217 18.51 17.88 -29.12
N GLN C 1 -10.57 -45.71 -11.75
CA GLN C 1 -10.11 -44.34 -11.58
C GLN C 1 -11.21 -43.31 -11.92
N VAL C 2 -11.23 -42.23 -11.19
CA VAL C 2 -12.14 -41.12 -11.47
C VAL C 2 -11.50 -40.24 -12.52
N GLN C 3 -12.29 -39.80 -13.49
CA GLN C 3 -11.82 -38.94 -14.57
C GLN C 3 -12.65 -37.67 -14.55
N LEU C 4 -11.99 -36.53 -14.71
CA LEU C 4 -12.67 -35.24 -14.76
C LEU C 4 -12.66 -34.80 -16.21
N GLN C 5 -13.85 -34.64 -16.78
CA GLN C 5 -14.00 -34.37 -18.20
C GLN C 5 -14.61 -32.98 -18.38
N GLU C 6 -13.79 -32.02 -18.81
CA GLU C 6 -14.27 -30.65 -18.93
C GLU C 6 -14.83 -30.37 -20.32
N SER C 7 -15.76 -29.44 -20.36
CA SER C 7 -16.21 -28.95 -21.65
C SER C 7 -16.82 -27.57 -21.44
N GLY C 8 -16.86 -26.82 -22.53
CA GLY C 8 -17.50 -25.54 -22.59
C GLY C 8 -17.16 -24.87 -23.90
N PRO C 9 -17.86 -23.79 -24.23
CA PRO C 9 -17.53 -23.06 -25.45
C PRO C 9 -16.10 -22.53 -25.38
N GLY C 10 -15.45 -22.48 -26.55
CA GLY C 10 -14.13 -21.91 -26.61
C GLY C 10 -14.11 -20.40 -26.72
N VAL C 11 -15.11 -19.80 -27.37
CA VAL C 11 -15.12 -18.36 -27.60
C VAL C 11 -16.33 -17.75 -26.92
N VAL C 12 -16.07 -16.72 -26.10
CA VAL C 12 -17.12 -15.95 -25.42
C VAL C 12 -16.92 -14.48 -25.77
N LYS C 13 -18.01 -13.82 -26.17
CA LYS C 13 -17.96 -12.39 -26.48
C LYS C 13 -17.84 -11.55 -25.22
N PRO C 14 -17.15 -10.41 -25.28
CA PRO C 14 -17.02 -9.54 -24.11
C PRO C 14 -18.39 -9.13 -23.56
N SER C 15 -18.41 -9.09 -22.27
CA SER C 15 -19.46 -8.71 -21.39
C SER C 15 -20.46 -9.80 -21.18
N GLU C 16 -20.31 -10.89 -21.86
CA GLU C 16 -21.21 -12.00 -21.75
C GLU C 16 -20.69 -12.98 -20.71
N THR C 17 -21.38 -14.10 -20.57
CA THR C 17 -21.11 -15.04 -19.49
C THR C 17 -20.41 -16.28 -20.00
N LEU C 18 -19.29 -16.64 -19.36
CA LEU C 18 -18.59 -17.90 -19.58
C LEU C 18 -19.21 -19.01 -18.74
N SER C 19 -19.40 -20.18 -19.34
CA SER C 19 -20.00 -21.31 -18.64
C SER C 19 -19.24 -22.59 -18.95
N LEU C 20 -18.75 -23.27 -17.91
CA LEU C 20 -18.04 -24.52 -18.10
C LEU C 20 -18.61 -25.61 -17.21
N THR C 21 -18.51 -26.85 -17.70
CA THR C 21 -18.91 -28.02 -16.92
C THR C 21 -17.73 -28.96 -16.79
N CYS C 22 -17.73 -29.71 -15.69
CA CYS C 22 -16.72 -30.71 -15.37
C CYS C 22 -17.50 -31.97 -15.00
N GLY C 23 -17.58 -32.92 -15.93
CA GLY C 23 -18.26 -34.17 -15.64
C GLY C 23 -17.36 -35.14 -14.88
N VAL C 24 -18.00 -35.90 -14.01
CA VAL C 24 -17.32 -36.82 -13.10
C VAL C 24 -17.55 -38.22 -13.66
N SER C 25 -16.56 -38.72 -14.40
CA SER C 25 -16.64 -40.04 -14.99
C SER C 25 -16.03 -41.06 -14.04
N GLY C 26 -16.79 -42.10 -13.70
CA GLY C 26 -16.26 -43.15 -12.87
C GLY C 26 -16.41 -42.93 -11.38
N GLY C 27 -17.45 -42.22 -10.96
CA GLY C 27 -17.66 -41.92 -9.57
C GLY C 27 -18.76 -40.89 -9.43
N THR C 28 -19.06 -40.53 -8.19
CA THR C 28 -20.14 -39.61 -7.90
C THR C 28 -19.61 -38.32 -7.30
N ILE C 29 -20.23 -37.20 -7.67
CA ILE C 29 -19.80 -35.89 -7.19
C ILE C 29 -20.03 -35.75 -5.70
N SER C 30 -20.86 -36.60 -5.11
CA SER C 30 -21.23 -36.44 -3.71
C SER C 30 -20.36 -37.24 -2.74
N SER C 31 -19.22 -37.76 -3.19
CA SER C 31 -18.33 -38.50 -2.29
C SER C 31 -17.73 -37.57 -1.24
N SER C 32 -17.71 -38.05 0.00
CA SER C 32 -17.27 -37.23 1.12
C SER C 32 -15.74 -37.09 1.13
N HIS C 33 -15.28 -36.08 1.87
CA HIS C 33 -13.87 -35.73 2.05
C HIS C 33 -13.20 -35.22 0.78
N PHE C 34 -13.94 -34.61 -0.14
CA PHE C 34 -13.32 -34.05 -1.33
C PHE C 34 -13.65 -32.56 -1.44
N TYR C 35 -12.68 -31.79 -1.92
CA TYR C 35 -12.83 -30.39 -2.25
C TYR C 35 -12.77 -30.27 -3.76
N TRP C 36 -13.65 -29.48 -4.34
CA TRP C 36 -13.68 -29.30 -5.79
C TRP C 36 -13.38 -27.85 -6.09
N SER C 37 -12.41 -27.61 -6.95
CA SER C 37 -12.00 -26.24 -7.20
C SER C 37 -11.86 -26.02 -8.71
N TRP C 38 -11.98 -24.74 -9.08
CA TRP C 38 -11.66 -24.26 -10.43
C TRP C 38 -10.43 -23.39 -10.37
N ILE C 39 -9.47 -23.64 -11.27
CA ILE C 39 -8.23 -22.90 -11.41
C ILE C 39 -8.10 -22.51 -12.87
N ARG C 40 -7.51 -21.34 -13.14
CA ARG C 40 -7.28 -20.92 -14.51
C ARG C 40 -5.83 -20.52 -14.73
N GLN C 41 -5.42 -20.53 -15.99
CA GLN C 41 -4.05 -20.19 -16.40
C GLN C 41 -4.13 -19.38 -17.69
N PRO C 42 -3.90 -18.07 -17.62
CA PRO C 42 -3.79 -17.30 -18.85
C PRO C 42 -2.60 -17.77 -19.65
N PRO C 43 -2.64 -17.64 -20.98
CA PRO C 43 -1.54 -18.18 -21.78
C PRO C 43 -0.17 -17.68 -21.32
N GLY C 44 0.66 -18.60 -20.84
CA GLY C 44 1.98 -18.25 -20.35
C GLY C 44 2.02 -17.38 -19.12
N LYS C 45 1.06 -17.55 -18.18
CA LYS C 45 0.98 -16.59 -17.08
C LYS C 45 0.78 -17.17 -15.68
N GLY C 46 1.00 -18.47 -15.45
CA GLY C 46 0.83 -19.04 -14.12
C GLY C 46 -0.62 -19.21 -13.69
N LEU C 47 -0.79 -19.89 -12.56
CA LEU C 47 -2.08 -20.43 -12.12
C LEU C 47 -2.80 -19.51 -11.13
N GLU C 48 -4.10 -19.34 -11.33
CA GLU C 48 -4.95 -18.58 -10.42
C GLU C 48 -6.11 -19.46 -9.94
N TRP C 49 -6.30 -19.50 -8.63
CA TRP C 49 -7.41 -20.23 -8.03
C TRP C 49 -8.66 -19.37 -8.05
N ILE C 50 -9.75 -19.92 -8.57
CA ILE C 50 -10.99 -19.18 -8.74
C ILE C 50 -11.91 -19.36 -7.54
N GLY C 51 -12.06 -20.59 -7.09
CA GLY C 51 -13.06 -20.91 -6.09
C GLY C 51 -13.15 -22.40 -5.92
N GLY C 52 -13.90 -22.80 -4.90
CA GLY C 52 -14.06 -24.20 -4.60
C GLY C 52 -15.26 -24.45 -3.73
N LEU C 53 -15.48 -25.73 -3.45
CA LEU C 53 -16.62 -26.25 -2.73
C LEU C 53 -16.16 -27.44 -1.91
N TYR C 54 -16.63 -27.49 -0.66
CA TYR C 54 -16.36 -28.60 0.24
C TYR C 54 -17.61 -29.48 0.33
N ILE C 55 -17.43 -30.78 0.14
CA ILE C 55 -18.58 -31.68 0.04
C ILE C 55 -19.26 -31.85 1.40
N ASN C 56 -18.46 -32.06 2.45
CA ASN C 56 -19.02 -32.44 3.74
C ASN C 56 -19.92 -31.35 4.33
N ASP C 57 -19.58 -30.08 4.13
CA ASP C 57 -20.34 -28.99 4.72
C ASP C 57 -21.03 -28.10 3.69
N GLU C 58 -20.89 -28.43 2.41
CA GLU C 58 -21.42 -27.62 1.32
C GLU C 58 -21.10 -26.14 1.50
N ARG C 59 -19.90 -25.84 1.99
CA ARG C 59 -19.48 -24.46 1.94
C ARG C 59 -18.74 -24.19 0.64
N ILE C 60 -19.03 -23.03 0.03
CA ILE C 60 -18.42 -22.55 -1.20
C ILE C 60 -17.55 -21.33 -0.89
N ASN C 61 -16.32 -21.36 -1.39
CA ASN C 61 -15.34 -20.28 -1.22
C ASN C 61 -14.99 -19.71 -2.58
N TYR C 62 -14.83 -18.39 -2.63
CA TYR C 62 -14.47 -17.71 -3.87
C TYR C 62 -13.22 -16.86 -3.68
N ASN C 63 -12.51 -16.63 -4.78
CA ASN C 63 -11.40 -15.68 -4.78
C ASN C 63 -11.96 -14.27 -4.68
N PRO C 64 -11.59 -13.49 -3.66
CA PRO C 64 -12.18 -12.14 -3.51
C PRO C 64 -12.01 -11.25 -4.72
N SER C 65 -10.93 -11.41 -5.49
CA SER C 65 -10.70 -10.59 -6.67
C SER C 65 -11.69 -10.91 -7.78
N LEU C 66 -12.33 -12.09 -7.71
CA LEU C 66 -13.34 -12.49 -8.68
C LEU C 66 -14.71 -12.68 -8.07
N GLU C 67 -14.84 -12.74 -6.73
CA GLU C 67 -16.08 -13.21 -6.12
C GLU C 67 -17.32 -12.56 -6.69
N SER C 68 -17.23 -11.30 -7.15
CA SER C 68 -18.42 -10.63 -7.65
C SER C 68 -19.05 -11.40 -8.81
N ARG C 69 -18.24 -11.96 -9.70
CA ARG C 69 -18.72 -12.46 -10.99
C ARG C 69 -18.84 -13.99 -11.09
N VAL C 70 -18.38 -14.75 -10.10
CA VAL C 70 -18.27 -16.19 -10.26
C VAL C 70 -19.40 -16.90 -9.52
N THR C 71 -19.91 -17.96 -10.15
CA THR C 71 -20.88 -18.88 -9.57
C THR C 71 -20.31 -20.28 -9.73
N ILE C 72 -20.12 -20.98 -8.62
CA ILE C 72 -19.65 -22.36 -8.65
C ILE C 72 -20.72 -23.23 -8.04
N SER C 73 -21.04 -24.34 -8.70
CA SER C 73 -22.08 -25.21 -8.18
C SER C 73 -21.72 -26.68 -8.35
N LYS C 74 -22.28 -27.48 -7.45
CA LYS C 74 -22.38 -28.93 -7.61
C LYS C 74 -23.75 -29.23 -8.18
N ASP C 75 -23.81 -30.15 -9.14
CA ASP C 75 -25.05 -30.55 -9.82
C ASP C 75 -25.14 -32.05 -9.58
N THR C 76 -25.78 -32.38 -8.46
CA THR C 76 -25.94 -33.78 -8.06
C THR C 76 -26.77 -34.56 -9.06
N SER C 77 -27.78 -33.91 -9.65
CA SER C 77 -28.68 -34.59 -10.58
C SER C 77 -27.94 -35.09 -11.83
N GLN C 78 -26.95 -34.34 -12.29
CA GLN C 78 -26.26 -34.68 -13.52
C GLN C 78 -24.80 -35.10 -13.30
N ASN C 79 -24.40 -35.31 -12.04
CA ASN C 79 -23.03 -35.70 -11.70
C ASN C 79 -22.01 -34.73 -12.29
N GLN C 80 -22.17 -33.43 -12.01
CA GLN C 80 -21.38 -32.42 -12.69
C GLN C 80 -20.93 -31.33 -11.71
N PHE C 81 -19.81 -30.70 -12.02
CA PHE C 81 -19.28 -29.56 -11.27
C PHE C 81 -19.24 -28.38 -12.23
N ALA C 82 -19.80 -27.25 -11.84
CA ALA C 82 -20.08 -26.20 -12.82
C ALA C 82 -19.48 -24.87 -12.39
N LEU C 83 -19.03 -24.09 -13.39
CA LEU C 83 -18.51 -22.76 -13.17
C LEU C 83 -19.14 -21.77 -14.13
N LYS C 84 -19.51 -20.61 -13.61
CA LYS C 84 -20.08 -19.52 -14.40
C LYS C 84 -19.36 -18.22 -14.05
N LEU C 85 -19.02 -17.45 -15.05
CA LEU C 85 -18.26 -16.22 -14.85
C LEU C 85 -18.90 -15.11 -15.69
N THR C 86 -19.43 -14.10 -15.03
CA THR C 86 -20.19 -13.08 -15.73
C THR C 86 -19.29 -11.95 -16.21
N SER C 87 -19.79 -11.19 -17.19
CA SER C 87 -19.18 -9.93 -17.65
C SER C 87 -17.69 -10.11 -17.96
N VAL C 88 -17.40 -11.08 -18.80
CA VAL C 88 -16.02 -11.47 -19.06
C VAL C 88 -15.34 -10.44 -19.94
N THR C 89 -14.02 -10.30 -19.77
CA THR C 89 -13.15 -9.46 -20.59
C THR C 89 -11.98 -10.31 -21.08
N ALA C 90 -11.13 -9.69 -21.90
CA ALA C 90 -9.93 -10.36 -22.39
C ALA C 90 -9.07 -10.93 -21.26
N ALA C 91 -9.18 -10.34 -20.06
CA ALA C 91 -8.43 -10.84 -18.91
C ALA C 91 -8.90 -12.22 -18.47
N ASP C 92 -10.10 -12.65 -18.89
CA ASP C 92 -10.60 -13.98 -18.57
C ASP C 92 -10.19 -15.02 -19.59
N THR C 93 -9.49 -14.63 -20.65
CA THR C 93 -8.99 -15.61 -21.61
C THR C 93 -7.96 -16.49 -20.91
N ALA C 94 -8.22 -17.80 -20.88
CA ALA C 94 -7.32 -18.68 -20.13
C ALA C 94 -7.71 -20.13 -20.39
N VAL C 95 -6.85 -21.04 -19.95
CA VAL C 95 -7.20 -22.45 -19.82
C VAL C 95 -7.78 -22.65 -18.43
N TYR C 96 -8.96 -23.27 -18.36
CA TYR C 96 -9.65 -23.53 -17.09
C TYR C 96 -9.55 -25.02 -16.76
N TYR C 97 -9.19 -25.32 -15.51
CA TYR C 97 -9.08 -26.66 -14.95
C TYR C 97 -10.06 -26.82 -13.80
N CYS C 98 -10.72 -27.98 -13.73
CA CYS C 98 -11.36 -28.42 -12.50
C CYS C 98 -10.46 -29.43 -11.81
N VAL C 99 -10.48 -29.42 -10.48
CA VAL C 99 -9.64 -30.28 -9.68
C VAL C 99 -10.49 -30.86 -8.55
N ARG C 100 -10.29 -32.13 -8.27
CA ARG C 100 -10.86 -32.78 -7.10
C ARG C 100 -9.71 -33.14 -6.17
N GLU C 101 -9.79 -32.67 -4.93
CA GLU C 101 -8.69 -32.75 -3.97
C GLU C 101 -9.16 -33.49 -2.73
N PRO C 102 -8.47 -34.56 -2.32
CA PRO C 102 -8.81 -35.19 -1.04
C PRO C 102 -8.35 -34.30 0.11
N VAL C 103 -9.30 -33.94 0.98
CA VAL C 103 -9.00 -33.05 2.08
C VAL C 103 -8.08 -33.71 3.11
N ILE C 104 -7.98 -35.04 3.08
CA ILE C 104 -7.13 -35.81 3.98
C ILE C 104 -6.53 -36.97 3.20
N ALA C 105 -5.31 -37.37 3.58
CA ALA C 105 -4.64 -38.44 2.86
C ALA C 105 -5.40 -39.76 2.97
N ALA C 106 -6.23 -39.91 4.01
CA ALA C 106 -7.04 -41.12 4.13
C ALA C 106 -8.02 -41.27 2.97
N ALA C 107 -8.56 -40.14 2.47
CA ALA C 107 -9.48 -40.18 1.34
C ALA C 107 -8.77 -40.33 0.00
N GLY C 108 -7.47 -40.06 -0.05
CA GLY C 108 -6.70 -40.25 -1.27
C GLY C 108 -5.30 -39.68 -1.15
N THR C 109 -4.33 -40.31 -1.80
CA THR C 109 -2.95 -39.87 -1.76
C THR C 109 -2.56 -39.13 -3.04
N VAL C 110 -3.55 -38.80 -3.86
CA VAL C 110 -3.32 -38.01 -5.07
C VAL C 110 -4.57 -37.19 -5.36
N ASP C 111 -4.38 -36.04 -6.00
CA ASP C 111 -5.48 -35.26 -6.53
C ASP C 111 -5.83 -35.74 -7.93
N VAL C 112 -6.85 -35.15 -8.55
CA VAL C 112 -7.18 -35.45 -9.93
C VAL C 112 -7.55 -34.14 -10.63
N TRP C 113 -6.96 -33.93 -11.81
CA TRP C 113 -7.17 -32.73 -12.61
C TRP C 113 -7.86 -33.09 -13.92
N GLY C 114 -8.78 -32.22 -14.37
CA GLY C 114 -9.29 -32.32 -15.72
C GLY C 114 -8.24 -31.88 -16.73
N ARG C 115 -8.50 -32.15 -18.01
CA ARG C 115 -7.49 -31.89 -19.01
C ARG C 115 -7.29 -30.40 -19.23
N GLY C 116 -8.32 -29.61 -18.98
CA GLY C 116 -8.20 -28.17 -19.13
C GLY C 116 -8.77 -27.74 -20.45
N VAL C 117 -9.58 -26.68 -20.46
CA VAL C 117 -10.23 -26.22 -21.68
C VAL C 117 -9.87 -24.75 -21.86
N LEU C 118 -9.44 -24.39 -23.06
CA LEU C 118 -9.10 -23.01 -23.36
C LEU C 118 -10.37 -22.24 -23.68
N VAL C 119 -10.55 -21.10 -23.03
CA VAL C 119 -11.66 -20.19 -23.30
C VAL C 119 -11.08 -18.87 -23.74
N THR C 120 -11.55 -18.37 -24.89
CA THR C 120 -11.11 -17.11 -25.47
C THR C 120 -12.22 -16.08 -25.35
N VAL C 121 -11.87 -14.90 -24.84
CA VAL C 121 -12.80 -13.79 -24.74
C VAL C 121 -12.41 -12.79 -25.81
N SER C 122 -13.27 -12.64 -26.82
CA SER C 122 -12.98 -11.79 -27.96
C SER C 122 -14.26 -11.58 -28.76
N SER C 123 -14.32 -10.46 -29.46
CA SER C 123 -15.44 -10.15 -30.33
C SER C 123 -15.17 -10.52 -31.77
N ALA C 124 -14.00 -11.11 -32.06
CA ALA C 124 -13.68 -11.55 -33.42
C ALA C 124 -14.58 -12.72 -33.82
N SER C 125 -14.89 -12.81 -35.10
CA SER C 125 -15.66 -13.92 -35.63
C SER C 125 -14.72 -15.06 -36.02
N THR C 126 -15.18 -16.28 -35.81
CA THR C 126 -14.40 -17.48 -36.11
C THR C 126 -13.98 -17.54 -37.57
N LYS C 127 -12.67 -17.63 -37.83
CA LYS C 127 -12.19 -17.61 -39.21
C LYS C 127 -10.93 -18.48 -39.37
N GLY C 128 -10.91 -19.21 -40.48
CA GLY C 128 -9.79 -20.03 -40.85
C GLY C 128 -8.67 -19.25 -41.49
N PRO C 129 -7.49 -19.84 -41.52
CA PRO C 129 -6.27 -19.13 -41.91
C PRO C 129 -5.94 -19.17 -43.40
N SER C 130 -5.18 -18.15 -43.80
CA SER C 130 -4.41 -18.21 -45.04
C SER C 130 -3.05 -18.84 -44.75
N VAL C 131 -2.61 -19.72 -45.64
CA VAL C 131 -1.35 -20.42 -45.48
C VAL C 131 -0.43 -19.99 -46.60
N PHE C 132 0.77 -19.52 -46.24
CA PHE C 132 1.74 -19.02 -47.19
C PHE C 132 3.06 -19.77 -47.07
N PRO C 133 3.68 -20.15 -48.18
CA PRO C 133 4.92 -20.92 -48.09
C PRO C 133 6.10 -20.06 -47.66
N LEU C 134 7.05 -20.69 -46.97
CA LEU C 134 8.31 -20.06 -46.55
C LEU C 134 9.43 -20.93 -47.13
N ALA C 135 10.00 -20.47 -48.23
CA ALA C 135 11.12 -21.10 -48.89
C ALA C 135 12.28 -20.12 -48.96
N PRO C 136 13.52 -20.59 -48.94
CA PRO C 136 14.65 -19.67 -49.08
C PRO C 136 14.56 -18.93 -50.41
N SER C 137 15.19 -17.76 -50.45
CA SER C 137 15.22 -16.91 -51.64
C SER C 137 16.09 -17.53 -52.74
N SER C 142 21.58 -23.25 -45.44
CA SER C 142 20.72 -23.64 -46.55
C SER C 142 21.62 -24.14 -47.72
N GLU C 143 22.66 -24.95 -47.35
CA GLU C 143 23.71 -25.60 -48.16
C GLU C 143 23.54 -27.11 -48.10
N SER C 144 24.03 -27.60 -46.95
CA SER C 144 23.95 -29.00 -46.58
C SER C 144 22.50 -29.37 -46.30
N THR C 145 21.87 -28.61 -45.42
CA THR C 145 20.45 -28.76 -45.15
C THR C 145 19.78 -27.39 -45.26
N ALA C 146 18.53 -27.43 -45.69
CA ALA C 146 17.71 -26.27 -45.96
C ALA C 146 16.53 -26.23 -45.00
N ALA C 147 16.02 -25.03 -44.76
CA ALA C 147 14.85 -24.83 -43.91
C ALA C 147 13.67 -24.47 -44.79
N LEU C 148 12.53 -25.11 -44.54
CA LEU C 148 11.29 -24.78 -45.22
C LEU C 148 10.22 -24.57 -44.17
N GLY C 149 9.15 -23.88 -44.55
CA GLY C 149 8.09 -23.67 -43.59
C GLY C 149 6.80 -23.19 -44.21
N CYS C 150 5.86 -22.87 -43.32
CA CYS C 150 4.55 -22.34 -43.64
C CYS C 150 4.16 -21.30 -42.61
N LEU C 151 3.66 -20.16 -43.08
CA LEU C 151 3.08 -19.15 -42.24
C LEU C 151 1.57 -19.34 -42.30
N VAL C 152 0.97 -19.68 -41.17
CA VAL C 152 -0.48 -19.86 -41.07
C VAL C 152 -1.02 -18.63 -40.33
N LYS C 153 -1.73 -17.78 -41.07
CA LYS C 153 -1.94 -16.39 -40.71
C LYS C 153 -3.42 -16.04 -40.73
N ASP C 154 -3.82 -15.13 -39.83
CA ASP C 154 -5.14 -14.49 -39.86
C ASP C 154 -6.25 -15.49 -39.57
N TYR C 155 -6.12 -16.24 -38.50
CA TYR C 155 -7.14 -17.19 -38.08
C TYR C 155 -7.60 -16.85 -36.67
N PHE C 156 -8.82 -17.29 -36.34
CA PHE C 156 -9.36 -17.10 -34.99
C PHE C 156 -10.39 -18.20 -34.75
N PRO C 157 -10.42 -18.81 -33.56
CA PRO C 157 -9.52 -18.68 -32.40
C PRO C 157 -8.42 -19.73 -32.41
N GLU C 158 -7.69 -19.85 -31.32
CA GLU C 158 -6.80 -20.99 -31.14
C GLU C 158 -7.62 -22.26 -30.95
N PRO C 159 -7.07 -23.44 -31.29
CA PRO C 159 -5.74 -23.69 -31.84
C PRO C 159 -5.77 -24.08 -33.31
N VAL C 160 -4.59 -24.19 -33.89
CA VAL C 160 -4.41 -24.74 -35.23
C VAL C 160 -3.43 -25.89 -35.12
N THR C 161 -3.60 -26.90 -35.97
CA THR C 161 -2.66 -28.01 -36.03
C THR C 161 -1.93 -27.97 -37.36
N VAL C 162 -0.63 -28.20 -37.33
CA VAL C 162 0.19 -28.24 -38.52
C VAL C 162 0.96 -29.54 -38.52
N SER C 163 0.98 -30.22 -39.65
CA SER C 163 1.80 -31.41 -39.84
C SER C 163 2.51 -31.29 -41.17
N TRP C 164 3.43 -32.21 -41.45
CA TRP C 164 4.15 -32.22 -42.70
C TRP C 164 4.04 -33.58 -43.37
N ASN C 165 3.73 -33.56 -44.67
CA ASN C 165 3.57 -34.76 -45.49
C ASN C 165 2.65 -35.77 -44.81
N SER C 166 1.47 -35.28 -44.42
CA SER C 166 0.40 -36.09 -43.85
C SER C 166 0.82 -36.77 -42.54
N GLY C 167 1.70 -36.14 -41.79
CA GLY C 167 2.17 -36.71 -40.55
C GLY C 167 3.38 -37.60 -40.69
N SER C 168 3.88 -37.80 -41.91
CA SER C 168 5.04 -38.66 -42.13
C SER C 168 6.36 -37.94 -41.85
N LEU C 169 6.39 -36.61 -41.88
CA LEU C 169 7.61 -35.86 -41.62
C LEU C 169 7.49 -35.17 -40.27
N THR C 170 8.19 -35.71 -39.27
CA THR C 170 8.18 -35.16 -37.92
C THR C 170 9.57 -34.78 -37.40
N SER C 171 10.63 -35.33 -37.98
CA SER C 171 11.97 -34.98 -37.53
C SER C 171 12.35 -33.61 -38.04
N GLY C 172 12.96 -32.81 -37.17
CA GLY C 172 13.35 -31.47 -37.53
C GLY C 172 12.21 -30.48 -37.69
N VAL C 173 11.02 -30.80 -37.19
CA VAL C 173 9.85 -29.93 -37.30
C VAL C 173 9.75 -29.09 -36.03
N HIS C 174 9.52 -27.78 -36.21
CA HIS C 174 9.21 -26.87 -35.11
C HIS C 174 7.96 -26.07 -35.49
N THR C 175 6.91 -26.20 -34.71
CA THR C 175 5.73 -25.37 -34.90
C THR C 175 5.69 -24.35 -33.78
N PHE C 176 5.73 -23.07 -34.14
CA PHE C 176 5.88 -22.05 -33.12
C PHE C 176 4.52 -21.72 -32.48
N PRO C 177 4.52 -21.35 -31.20
CA PRO C 177 3.29 -20.87 -30.57
C PRO C 177 2.75 -19.68 -31.32
N ALA C 178 1.43 -19.61 -31.43
CA ALA C 178 0.82 -18.48 -32.11
C ALA C 178 1.08 -17.18 -31.34
N VAL C 179 1.07 -16.08 -32.08
CA VAL C 179 1.03 -14.74 -31.50
C VAL C 179 -0.32 -14.12 -31.87
N LEU C 180 -0.89 -13.37 -30.93
CA LEU C 180 -2.09 -12.60 -31.21
C LEU C 180 -1.70 -11.28 -31.86
N GLN C 181 -2.26 -10.99 -33.03
CA GLN C 181 -2.02 -9.72 -33.72
C GLN C 181 -2.89 -8.62 -33.13
N SER C 182 -2.58 -7.37 -33.50
CA SER C 182 -3.40 -6.25 -33.06
C SER C 182 -4.81 -6.30 -33.65
N SER C 183 -4.95 -6.90 -34.84
CA SER C 183 -6.27 -7.11 -35.43
C SER C 183 -7.13 -8.06 -34.60
N GLY C 184 -6.56 -8.74 -33.60
CA GLY C 184 -7.29 -9.73 -32.85
C GLY C 184 -7.28 -11.12 -33.45
N LEU C 185 -6.50 -11.36 -34.50
CA LEU C 185 -6.34 -12.68 -35.08
C LEU C 185 -4.95 -13.23 -34.76
N TYR C 186 -4.79 -14.54 -34.98
CA TYR C 186 -3.56 -15.25 -34.65
C TYR C 186 -2.74 -15.55 -35.90
N SER C 187 -1.42 -15.68 -35.69
CA SER C 187 -0.48 -16.14 -36.70
C SER C 187 0.53 -17.06 -36.04
N LEU C 188 0.99 -18.05 -36.79
CA LEU C 188 2.10 -18.85 -36.32
C LEU C 188 2.89 -19.34 -37.53
N SER C 189 4.05 -19.89 -37.25
CA SER C 189 4.89 -20.46 -38.29
C SER C 189 5.24 -21.89 -37.93
N SER C 190 5.40 -22.71 -38.97
CA SER C 190 5.90 -24.07 -38.82
C SER C 190 7.07 -24.25 -39.77
N VAL C 191 8.16 -24.84 -39.29
CA VAL C 191 9.37 -25.00 -40.08
C VAL C 191 9.90 -26.42 -39.93
N VAL C 192 10.73 -26.81 -40.88
CA VAL C 192 11.33 -28.14 -40.87
C VAL C 192 12.65 -28.03 -41.61
N THR C 193 13.66 -28.71 -41.10
CA THR C 193 14.95 -28.78 -41.76
C THR C 193 15.06 -30.09 -42.53
N VAL C 194 15.55 -30.00 -43.76
CA VAL C 194 15.60 -31.15 -44.67
C VAL C 194 16.94 -31.15 -45.39
N PRO C 195 17.39 -32.33 -45.82
CA PRO C 195 18.60 -32.38 -46.64
C PRO C 195 18.37 -31.68 -47.97
N SER C 196 19.36 -30.87 -48.37
CA SER C 196 19.28 -30.14 -49.64
C SER C 196 19.38 -31.06 -50.85
N SER C 197 20.13 -32.16 -50.73
CA SER C 197 20.20 -33.16 -51.80
C SER C 197 18.82 -33.62 -52.30
N SER C 198 17.87 -33.83 -51.38
CA SER C 198 16.58 -34.46 -51.63
C SER C 198 15.54 -33.53 -52.23
N LEU C 199 15.84 -32.23 -52.24
CA LEU C 199 14.92 -31.16 -52.59
C LEU C 199 14.41 -31.30 -54.02
N GLY C 200 15.20 -31.93 -54.91
CA GLY C 200 14.81 -32.12 -56.30
C GLY C 200 13.89 -33.30 -56.54
N THR C 201 13.93 -34.31 -55.67
CA THR C 201 13.14 -35.52 -55.84
C THR C 201 12.11 -35.73 -54.74
N GLN C 202 12.17 -34.95 -53.66
CA GLN C 202 11.21 -35.05 -52.56
C GLN C 202 10.33 -33.79 -52.53
N THR C 203 9.08 -33.98 -52.15
CA THR C 203 8.12 -32.90 -52.00
C THR C 203 7.80 -32.70 -50.52
N TYR C 204 7.63 -31.44 -50.12
CA TYR C 204 7.32 -31.12 -48.74
C TYR C 204 6.01 -30.33 -48.72
N VAL C 205 5.08 -30.78 -47.89
CA VAL C 205 3.75 -30.19 -47.85
C VAL C 205 3.36 -30.00 -46.39
N CYS C 206 2.95 -28.79 -46.04
CA CYS C 206 2.38 -28.55 -44.73
C CYS C 206 0.87 -28.68 -44.82
N ASN C 207 0.31 -29.42 -43.88
CA ASN C 207 -1.12 -29.65 -43.76
C ASN C 207 -1.60 -28.89 -42.53
N VAL C 208 -2.51 -27.95 -42.74
CA VAL C 208 -3.02 -27.07 -41.70
C VAL C 208 -4.46 -27.45 -41.45
N ASN C 209 -4.77 -27.80 -40.20
CA ASN C 209 -6.13 -28.13 -39.77
C ASN C 209 -6.54 -27.16 -38.67
N HIS C 210 -7.50 -26.29 -38.97
CA HIS C 210 -8.13 -25.36 -38.04
C HIS C 210 -9.54 -25.86 -37.78
N LYS C 211 -9.68 -26.69 -36.74
CA LYS C 211 -10.95 -27.33 -36.46
C LYS C 211 -12.07 -26.38 -36.08
N PRO C 212 -11.86 -25.31 -35.30
CA PRO C 212 -12.98 -24.41 -34.98
C PRO C 212 -13.67 -23.83 -36.21
N SER C 213 -13.01 -23.77 -37.37
CA SER C 213 -13.62 -23.25 -38.58
C SER C 213 -13.84 -24.32 -39.64
N ASN C 214 -13.59 -25.59 -39.33
CA ASN C 214 -13.68 -26.66 -40.32
C ASN C 214 -12.79 -26.39 -41.52
N THR C 215 -11.60 -25.82 -41.28
CA THR C 215 -10.71 -25.44 -42.36
C THR C 215 -9.53 -26.40 -42.46
N LYS C 216 -9.29 -26.92 -43.66
CA LYS C 216 -8.12 -27.75 -43.95
C LYS C 216 -7.46 -27.20 -45.21
N VAL C 217 -6.18 -26.88 -45.10
CA VAL C 217 -5.43 -26.28 -46.20
C VAL C 217 -4.10 -27.01 -46.32
N ASP C 218 -3.73 -27.36 -47.54
CA ASP C 218 -2.42 -27.92 -47.81
C ASP C 218 -1.60 -26.89 -48.57
N LYS C 219 -0.32 -26.78 -48.24
CA LYS C 219 0.56 -25.94 -49.05
C LYS C 219 1.86 -26.67 -49.30
N ARG C 220 2.19 -26.85 -50.58
CA ARG C 220 3.49 -27.34 -50.98
C ARG C 220 4.49 -26.18 -50.93
N VAL C 221 5.64 -26.41 -50.32
CA VAL C 221 6.66 -25.38 -50.16
C VAL C 221 7.89 -25.77 -50.96
N GLU C 222 8.25 -24.94 -51.95
CA GLU C 222 9.37 -25.21 -52.84
C GLU C 222 10.01 -23.90 -53.25
N ILE C 223 11.16 -23.99 -53.91
CA ILE C 223 11.84 -22.81 -54.41
C ILE C 223 11.87 -22.84 -55.94
N ASP D 1 -53.46 -4.41 -0.63
CA ASP D 1 -52.11 -4.39 -0.09
C ASP D 1 -52.05 -3.57 1.20
N ILE D 2 -51.36 -4.11 2.21
CA ILE D 2 -51.15 -3.37 3.44
C ILE D 2 -50.10 -2.30 3.19
N VAL D 3 -50.49 -1.04 3.39
CA VAL D 3 -49.57 0.09 3.22
C VAL D 3 -48.91 0.38 4.56
N MET D 4 -47.59 0.51 4.54
CA MET D 4 -46.80 0.86 5.73
C MET D 4 -46.36 2.30 5.57
N THR D 5 -46.71 3.14 6.53
CA THR D 5 -46.34 4.55 6.52
C THR D 5 -45.36 4.78 7.65
N GLN D 6 -44.15 5.20 7.30
CA GLN D 6 -43.09 5.45 8.26
C GLN D 6 -42.94 6.95 8.46
N THR D 7 -42.73 7.36 9.71
CA THR D 7 -42.47 8.77 10.01
C THR D 7 -41.46 8.90 11.13
N PRO D 8 -40.56 9.89 11.04
CA PRO D 8 -40.51 10.79 9.87
C PRO D 8 -39.65 10.25 8.73
N LEU D 9 -39.63 10.98 7.62
CA LEU D 9 -38.73 10.66 6.52
C LEU D 9 -37.27 10.70 6.96
N SER D 10 -36.93 11.60 7.87
CA SER D 10 -35.53 11.88 8.20
C SER D 10 -35.43 12.29 9.66
N LEU D 11 -34.34 11.92 10.29
CA LEU D 11 -34.07 12.36 11.65
C LEU D 11 -32.60 12.72 11.84
N SER D 12 -32.34 13.82 12.54
CA SER D 12 -31.02 14.16 13.05
C SER D 12 -31.03 14.00 14.55
N VAL D 13 -30.09 13.22 15.09
CA VAL D 13 -30.04 12.92 16.51
C VAL D 13 -28.75 13.47 17.05
N THR D 14 -28.83 14.11 18.21
CA THR D 14 -27.63 14.50 18.90
C THR D 14 -27.07 13.27 19.58
N PRO D 15 -25.76 13.02 19.47
CA PRO D 15 -25.22 11.77 20.01
C PRO D 15 -25.57 11.61 21.48
N GLY D 16 -26.19 10.47 21.81
CA GLY D 16 -26.58 10.14 23.15
C GLY D 16 -28.06 10.32 23.45
N GLU D 17 -28.75 11.21 22.75
CA GLU D 17 -30.16 11.38 23.03
C GLU D 17 -30.97 10.29 22.33
N PRO D 18 -32.10 9.89 22.90
CA PRO D 18 -32.88 8.81 22.30
C PRO D 18 -33.51 9.23 20.97
N ALA D 19 -33.81 8.23 20.16
CA ALA D 19 -34.52 8.43 18.91
C ALA D 19 -35.71 7.47 18.83
N SER D 20 -36.71 7.87 18.05
CA SER D 20 -37.97 7.17 17.99
C SER D 20 -38.47 7.25 16.55
N ILE D 21 -38.72 6.11 15.93
CA ILE D 21 -39.28 6.03 14.59
C ILE D 21 -40.65 5.36 14.70
N SER D 22 -41.60 5.84 13.91
CA SER D 22 -42.98 5.39 14.01
C SER D 22 -43.38 4.72 12.70
N CYS D 23 -44.15 3.64 12.83
CA CYS D 23 -44.65 2.92 11.65
C CYS D 23 -46.11 2.55 11.91
N ARG D 24 -46.97 2.90 10.95
CA ARG D 24 -48.37 2.46 10.99
C ARG D 24 -48.82 1.78 9.72
N SER D 25 -49.60 0.71 9.93
CA SER D 25 -50.12 -0.15 8.88
C SER D 25 -51.50 0.19 8.56
N SER D 26 -51.96 -0.10 7.34
CA SER D 26 -53.33 0.22 6.93
C SER D 26 -54.38 -0.71 7.51
N GLN D 27 -53.96 -1.77 8.16
CA GLN D 27 -54.82 -2.71 8.85
C GLN D 27 -54.03 -3.41 9.93
N SER D 28 -54.70 -4.11 10.83
CA SER D 28 -54.01 -4.79 11.91
C SER D 28 -53.05 -5.83 11.39
N LEU D 29 -52.02 -6.07 12.18
CA LEU D 29 -50.98 -6.98 11.85
C LEU D 29 -50.93 -8.06 12.82
N LEU D 30 -51.94 -8.14 13.63
CA LEU D 30 -52.02 -9.23 14.58
C LEU D 30 -52.61 -10.47 13.90
N HIS D 31 -51.96 -11.61 14.10
CA HIS D 31 -52.46 -12.87 13.57
C HIS D 31 -53.36 -13.58 14.58
N SER D 32 -54.19 -14.49 14.07
CA SER D 32 -55.07 -15.26 14.94
C SER D 32 -54.31 -16.16 15.89
N ASN D 33 -53.03 -16.44 15.61
CA ASN D 33 -52.23 -17.25 16.53
C ASN D 33 -51.65 -16.43 17.67
N GLY D 34 -51.93 -15.13 17.72
CA GLY D 34 -51.46 -14.27 18.79
C GLY D 34 -50.14 -13.58 18.52
N HIS D 35 -49.54 -13.78 17.36
CA HIS D 35 -48.31 -13.07 16.98
C HIS D 35 -48.66 -11.88 16.11
N THR D 36 -47.89 -10.80 16.24
CA THR D 36 -48.05 -9.56 15.43
C THR D 36 -46.81 -9.49 14.58
N TYR D 37 -46.97 -9.46 13.27
CA TYR D 37 -45.88 -9.71 12.33
C TYR D 37 -45.36 -8.40 11.75
N VAL D 38 -44.56 -7.70 12.54
CA VAL D 38 -43.94 -6.44 12.19
C VAL D 38 -42.49 -6.57 12.55
N HIS D 39 -41.61 -5.98 11.78
CA HIS D 39 -40.18 -6.12 11.98
C HIS D 39 -39.48 -4.82 11.57
N TRP D 40 -38.29 -4.63 12.13
CA TRP D 40 -37.48 -3.44 11.91
C TRP D 40 -36.09 -3.86 11.45
N TYR D 41 -35.61 -3.19 10.40
CA TYR D 41 -34.27 -3.36 9.88
C TYR D 41 -33.53 -2.03 9.86
N LEU D 42 -32.21 -2.13 9.91
CA LEU D 42 -31.30 -1.04 9.63
C LEU D 42 -30.47 -1.40 8.40
N GLN D 43 -30.45 -0.54 7.40
CA GLN D 43 -29.60 -0.70 6.23
C GLN D 43 -28.60 0.45 6.23
N LYS D 44 -27.33 0.10 6.40
CA LYS D 44 -26.24 1.05 6.24
C LYS D 44 -25.87 1.14 4.77
N ALA D 45 -25.25 2.26 4.40
CA ALA D 45 -24.96 2.54 3.01
C ALA D 45 -24.10 1.45 2.37
N GLY D 46 -24.48 1.05 1.15
CA GLY D 46 -23.79 -0.01 0.43
C GLY D 46 -23.79 -1.36 1.14
N GLN D 47 -24.83 -1.67 1.89
CA GLN D 47 -24.87 -2.84 2.74
C GLN D 47 -26.27 -3.43 2.68
N SER D 48 -26.37 -4.60 3.07
CA SER D 48 -27.70 -5.17 2.96
C SER D 48 -28.48 -4.94 4.25
N PRO D 49 -29.82 -4.92 4.17
CA PRO D 49 -30.61 -4.66 5.38
C PRO D 49 -30.30 -5.69 6.46
N GLN D 50 -30.32 -5.21 7.70
CA GLN D 50 -29.99 -6.01 8.88
C GLN D 50 -31.19 -6.00 9.81
N LEU D 51 -31.69 -7.19 10.16
CA LEU D 51 -32.85 -7.30 11.04
C LEU D 51 -32.48 -6.82 12.44
N LEU D 52 -33.19 -5.82 12.93
CA LEU D 52 -33.03 -5.33 14.30
C LEU D 52 -34.07 -5.93 15.24
N ILE D 53 -35.31 -5.85 14.87
CA ILE D 53 -36.42 -6.27 15.68
C ILE D 53 -37.42 -7.15 14.96
N TYR D 54 -37.78 -8.25 15.57
CA TYR D 54 -38.80 -9.13 15.07
C TYR D 54 -39.96 -9.28 16.03
N GLU D 55 -41.14 -9.42 15.49
CA GLU D 55 -42.32 -9.60 16.29
C GLU D 55 -42.48 -8.56 17.38
N VAL D 56 -42.36 -7.31 16.99
CA VAL D 56 -42.47 -6.15 17.80
C VAL D 56 -41.38 -5.80 18.78
N SER D 57 -41.07 -6.68 19.71
CA SER D 57 -40.14 -6.38 20.74
C SER D 57 -38.94 -7.22 20.95
N ASN D 58 -38.73 -8.24 20.15
CA ASN D 58 -37.60 -9.08 20.35
C ASN D 58 -36.44 -8.61 19.62
N ARG D 59 -35.24 -8.78 20.17
CA ARG D 59 -34.09 -8.43 19.34
C ARG D 59 -33.56 -9.67 18.69
N ALA D 60 -33.15 -9.50 17.45
CA ALA D 60 -32.38 -10.49 16.76
C ALA D 60 -31.01 -10.65 17.44
N SER D 61 -30.40 -11.82 17.21
CA SER D 61 -29.34 -12.31 18.08
C SER D 61 -28.11 -11.41 18.15
N GLY D 62 -27.90 -10.53 17.19
CA GLY D 62 -26.68 -9.72 17.24
C GLY D 62 -26.91 -8.23 17.39
N VAL D 63 -28.09 -7.87 17.86
CA VAL D 63 -28.51 -6.47 17.94
C VAL D 63 -28.29 -6.01 19.37
N PRO D 64 -27.58 -4.90 19.59
CA PRO D 64 -27.35 -4.44 20.96
C PRO D 64 -28.67 -4.07 21.64
N ASP D 65 -28.63 -4.14 22.97
CA ASP D 65 -29.77 -3.84 23.83
C ASP D 65 -30.25 -2.40 23.70
N ARG D 66 -29.45 -1.55 23.08
CA ARG D 66 -29.80 -0.16 22.87
C ARG D 66 -31.01 0.02 21.97
N PHE D 67 -31.35 -1.00 21.16
CA PHE D 67 -32.55 -0.97 20.32
C PHE D 67 -33.72 -1.65 21.03
N SER D 68 -34.92 -1.09 20.83
CA SER D 68 -36.12 -1.62 21.45
C SER D 68 -37.30 -1.38 20.51
N GLY D 69 -38.34 -2.17 20.66
CA GLY D 69 -39.48 -2.04 19.80
C GLY D 69 -40.78 -2.10 20.50
N SER D 70 -41.78 -1.42 19.98
CA SER D 70 -43.05 -1.37 20.65
C SER D 70 -44.21 -1.16 19.78
N GLY D 71 -45.37 -1.36 20.37
CA GLY D 71 -46.59 -1.14 19.67
C GLY D 71 -47.57 -2.21 19.72
N SER D 72 -48.71 -1.91 19.18
CA SER D 72 -49.89 -2.72 19.25
C SER D 72 -50.33 -2.79 17.89
N GLY D 73 -51.54 -3.22 17.67
CA GLY D 73 -52.07 -3.62 16.41
C GLY D 73 -51.89 -2.81 15.18
N THR D 74 -51.95 -1.49 15.23
CA THR D 74 -51.69 -0.73 14.02
C THR D 74 -50.59 0.30 14.20
N ASP D 75 -50.13 0.47 15.43
CA ASP D 75 -49.09 1.42 15.69
C ASP D 75 -47.90 0.89 16.45
N PHE D 76 -46.75 0.87 15.77
CA PHE D 76 -45.48 0.42 16.34
C PHE D 76 -44.42 1.50 16.33
N THR D 77 -43.45 1.35 17.21
CA THR D 77 -42.38 2.32 17.40
C THR D 77 -41.07 1.58 17.60
N LEU D 78 -40.04 2.01 16.87
CA LEU D 78 -38.68 1.58 17.11
C LEU D 78 -37.99 2.65 17.93
N LYS D 79 -37.28 2.26 18.98
CA LYS D 79 -36.59 3.19 19.85
C LYS D 79 -35.11 2.84 19.88
N ILE D 80 -34.28 3.87 19.81
CA ILE D 80 -32.84 3.75 20.01
C ILE D 80 -32.51 4.59 21.24
N SER D 81 -32.09 3.93 22.32
CA SER D 81 -31.80 4.64 23.56
C SER D 81 -30.76 5.74 23.33
N ARG D 82 -29.65 5.40 22.68
CA ARG D 82 -28.66 6.38 22.26
C ARG D 82 -28.24 6.12 20.82
N VAL D 83 -28.36 7.11 19.95
CA VAL D 83 -27.87 6.93 18.60
C VAL D 83 -26.37 7.18 18.60
N GLU D 84 -25.63 6.26 18.00
CA GLU D 84 -24.19 6.36 17.81
C GLU D 84 -23.87 6.46 16.33
N ALA D 85 -22.57 6.65 16.02
CA ALA D 85 -22.18 6.78 14.62
C ALA D 85 -22.53 5.54 13.82
N GLU D 86 -22.38 4.34 14.41
CA GLU D 86 -22.66 3.12 13.68
C GLU D 86 -24.14 2.90 13.44
N ASP D 87 -25.02 3.67 14.09
CA ASP D 87 -26.45 3.52 13.92
C ASP D 87 -26.99 4.43 12.82
N VAL D 88 -26.12 5.13 12.10
CA VAL D 88 -26.55 5.99 11.01
C VAL D 88 -26.98 5.13 9.83
N GLY D 89 -28.00 5.56 9.11
CA GLY D 89 -28.46 4.78 7.97
C GLY D 89 -29.96 4.88 7.81
N VAL D 90 -30.53 3.97 7.04
CA VAL D 90 -31.96 4.00 6.74
C VAL D 90 -32.63 2.86 7.49
N TYR D 91 -33.67 3.18 8.27
CA TYR D 91 -34.43 2.19 9.03
C TYR D 91 -35.73 1.90 8.30
N TYR D 92 -36.13 0.62 8.28
CA TYR D 92 -37.37 0.21 7.62
C TYR D 92 -38.21 -0.66 8.55
N CYS D 93 -39.54 -0.49 8.49
CA CYS D 93 -40.45 -1.47 9.05
C CYS D 93 -41.03 -2.33 7.93
N GLU D 94 -41.44 -3.54 8.30
CA GLU D 94 -41.96 -4.52 7.35
C GLU D 94 -43.03 -5.37 8.03
N GLN D 95 -44.08 -5.70 7.27
CA GLN D 95 -45.11 -6.65 7.69
C GLN D 95 -44.95 -7.95 6.91
N THR D 96 -45.09 -9.08 7.60
CA THR D 96 -45.13 -10.39 6.96
C THR D 96 -46.45 -11.11 7.25
N LEU D 97 -47.51 -10.35 7.58
CA LEU D 97 -48.81 -10.94 7.85
C LEU D 97 -49.48 -11.42 6.57
N GLN D 98 -49.46 -10.59 5.53
CA GLN D 98 -50.18 -10.84 4.30
C GLN D 98 -49.23 -10.72 3.13
N ILE D 99 -49.62 -11.37 2.03
CA ILE D 99 -48.93 -11.28 0.77
C ILE D 99 -49.58 -10.20 -0.09
N PRO D 100 -48.81 -9.32 -0.74
CA PRO D 100 -47.35 -9.28 -0.69
C PRO D 100 -46.80 -8.64 0.58
N PHE D 101 -45.60 -9.08 1.00
CA PHE D 101 -44.92 -8.41 2.09
C PHE D 101 -44.64 -6.98 1.67
N THR D 102 -44.85 -6.04 2.59
CA THR D 102 -44.71 -4.64 2.25
C THR D 102 -43.85 -3.92 3.29
N PHE D 103 -43.08 -2.97 2.80
CA PHE D 103 -42.16 -2.19 3.61
C PHE D 103 -42.68 -0.77 3.77
N GLY D 104 -42.26 -0.13 4.86
CA GLY D 104 -42.39 1.30 4.96
C GLY D 104 -41.39 2.01 4.07
N GLY D 105 -41.63 3.30 3.86
CA GLY D 105 -40.79 4.08 2.96
C GLY D 105 -39.39 4.35 3.48
N GLY D 106 -39.15 4.14 4.76
CA GLY D 106 -37.82 4.32 5.32
C GLY D 106 -37.57 5.64 6.05
N THR D 107 -36.79 5.59 7.12
CA THR D 107 -36.42 6.78 7.88
C THR D 107 -34.90 6.90 7.90
N LYS D 108 -34.39 7.99 7.35
CA LYS D 108 -32.96 8.26 7.35
C LYS D 108 -32.55 8.84 8.70
N VAL D 109 -31.65 8.16 9.41
CA VAL D 109 -31.16 8.59 10.71
C VAL D 109 -29.73 9.08 10.53
N GLU D 110 -29.51 10.32 10.95
CA GLU D 110 -28.26 11.04 10.79
C GLU D 110 -27.85 11.60 12.16
N ILE D 111 -26.59 11.97 12.30
CA ILE D 111 -26.08 12.52 13.55
C ILE D 111 -26.04 14.04 13.46
N LYS D 112 -26.56 14.70 14.49
CA LYS D 112 -26.53 16.15 14.56
C LYS D 112 -25.16 16.65 15.02
N ARG D 113 -24.72 17.77 14.45
CA ARG D 113 -23.51 18.46 14.85
C ARG D 113 -23.70 19.95 14.57
N THR D 114 -22.75 20.76 15.03
CA THR D 114 -22.85 22.19 14.79
C THR D 114 -22.86 22.48 13.29
N VAL D 115 -23.67 23.45 12.88
CA VAL D 115 -23.74 23.86 11.49
C VAL D 115 -22.35 24.23 10.98
N ALA D 116 -21.96 23.65 9.85
CA ALA D 116 -20.67 23.91 9.23
C ALA D 116 -20.88 24.25 7.77
N ALA D 117 -20.40 25.42 7.35
CA ALA D 117 -20.51 25.90 5.99
C ALA D 117 -19.49 25.21 5.09
N PRO D 118 -19.80 25.03 3.81
CA PRO D 118 -18.88 24.31 2.93
C PRO D 118 -17.68 25.14 2.51
N SER D 119 -16.57 24.45 2.31
CA SER D 119 -15.48 25.02 1.55
C SER D 119 -15.77 24.79 0.06
N VAL D 120 -15.74 25.86 -0.73
CA VAL D 120 -16.18 25.82 -2.11
C VAL D 120 -14.98 25.91 -3.05
N PHE D 121 -14.99 25.09 -4.09
CA PHE D 121 -13.94 25.09 -5.08
C PHE D 121 -14.55 24.92 -6.46
N ILE D 122 -14.01 25.61 -7.46
CA ILE D 122 -14.42 25.41 -8.85
C ILE D 122 -13.21 24.92 -9.63
N PHE D 123 -13.43 23.98 -10.55
CA PHE D 123 -12.36 23.35 -11.32
C PHE D 123 -12.55 23.59 -12.81
N PRO D 124 -11.68 24.34 -13.49
CA PRO D 124 -11.83 24.48 -14.93
C PRO D 124 -11.61 23.17 -15.63
N PRO D 125 -12.24 22.95 -16.78
CA PRO D 125 -12.01 21.70 -17.53
C PRO D 125 -10.63 21.70 -18.17
N SER D 126 -9.97 20.53 -18.13
CA SER D 126 -8.62 20.33 -18.65
C SER D 126 -8.56 20.43 -20.18
N GLU D 127 -7.35 20.62 -20.73
CA GLU D 127 -7.25 20.84 -22.17
C GLU D 127 -7.76 19.61 -22.93
N ASP D 128 -7.39 18.40 -22.46
CA ASP D 128 -7.93 17.14 -22.98
C ASP D 128 -9.44 17.17 -23.21
N GLN D 129 -10.20 17.56 -22.18
CA GLN D 129 -11.65 17.58 -22.30
C GLN D 129 -12.09 18.52 -23.39
N VAL D 130 -11.37 19.63 -23.56
CA VAL D 130 -11.68 20.51 -24.68
C VAL D 130 -11.40 19.80 -25.98
N LYS D 131 -10.39 18.94 -26.03
CA LYS D 131 -10.31 18.27 -27.32
C LYS D 131 -11.39 17.20 -27.51
N SER D 132 -12.03 16.72 -26.45
CA SER D 132 -13.05 15.70 -26.64
C SER D 132 -14.33 16.19 -27.33
N GLY D 133 -14.64 17.49 -27.30
CA GLY D 133 -15.86 17.97 -27.92
C GLY D 133 -16.96 18.32 -26.92
N THR D 134 -16.84 17.83 -25.69
CA THR D 134 -17.75 18.18 -24.61
C THR D 134 -16.93 18.45 -23.35
N VAL D 135 -17.40 19.34 -22.48
CA VAL D 135 -16.65 19.77 -21.32
C VAL D 135 -17.52 19.71 -20.07
N SER D 136 -16.87 19.41 -18.95
CA SER D 136 -17.51 19.41 -17.63
C SER D 136 -16.77 20.37 -16.69
N VAL D 137 -17.51 21.27 -16.07
CA VAL D 137 -17.02 22.19 -15.05
C VAL D 137 -17.52 21.71 -13.71
N VAL D 138 -16.62 21.51 -12.76
CA VAL D 138 -16.97 20.89 -11.49
C VAL D 138 -16.92 21.94 -10.39
N CYS D 139 -17.94 21.94 -9.53
CA CYS D 139 -18.00 22.74 -8.31
C CYS D 139 -18.09 21.79 -7.13
N LEU D 140 -17.15 21.92 -6.20
CA LEU D 140 -17.05 21.07 -5.02
C LEU D 140 -17.47 21.86 -3.79
N LEU D 141 -18.43 21.32 -3.03
CA LEU D 141 -18.82 21.83 -1.73
C LEU D 141 -18.35 20.79 -0.72
N ASN D 142 -17.36 21.16 0.11
CA ASN D 142 -16.66 20.17 0.93
C ASN D 142 -16.95 20.40 2.41
N ASN D 143 -17.30 19.32 3.10
CA ASN D 143 -17.35 19.23 4.56
C ASN D 143 -18.32 20.25 5.18
N PHE D 144 -19.59 20.12 4.84
CA PHE D 144 -20.62 21.02 5.36
C PHE D 144 -21.70 20.26 6.11
N TYR D 145 -22.44 20.99 6.97
CA TYR D 145 -23.56 20.43 7.71
C TYR D 145 -24.54 21.54 8.05
N PRO D 146 -25.86 21.33 7.90
CA PRO D 146 -26.49 20.10 7.40
C PRO D 146 -26.43 19.93 5.87
N ARG D 147 -27.15 18.92 5.37
CA ARG D 147 -26.97 18.46 4.00
C ARG D 147 -27.57 19.40 2.97
N GLU D 148 -28.57 20.20 3.36
CA GLU D 148 -29.22 21.11 2.44
C GLU D 148 -28.24 22.18 1.96
N ALA D 149 -28.20 22.40 0.65
CA ALA D 149 -27.32 23.43 0.07
C ALA D 149 -27.79 23.73 -1.33
N SER D 150 -27.47 24.93 -1.81
CA SER D 150 -27.84 25.36 -3.15
C SER D 150 -26.60 25.67 -3.97
N VAL D 151 -26.62 25.22 -5.23
CA VAL D 151 -25.59 25.49 -6.22
C VAL D 151 -26.27 26.06 -7.45
N LYS D 152 -25.88 27.26 -7.85
CA LYS D 152 -26.30 27.87 -9.10
C LYS D 152 -25.09 28.01 -10.01
N TRP D 153 -25.25 27.72 -11.29
CA TRP D 153 -24.20 27.97 -12.27
C TRP D 153 -24.52 29.26 -13.02
N LYS D 154 -23.52 30.13 -13.12
CA LYS D 154 -23.63 31.35 -13.90
C LYS D 154 -22.54 31.36 -14.95
N VAL D 155 -22.95 31.61 -16.20
CA VAL D 155 -22.05 31.72 -17.35
C VAL D 155 -22.23 33.14 -17.89
N ASP D 156 -21.16 33.93 -17.85
CA ASP D 156 -21.23 35.35 -18.20
C ASP D 156 -22.34 36.04 -17.41
N GLY D 157 -22.42 35.74 -16.12
CA GLY D 157 -23.41 36.35 -15.27
C GLY D 157 -24.82 35.80 -15.41
N ALA D 158 -25.08 34.96 -16.39
CA ALA D 158 -26.43 34.45 -16.64
C ALA D 158 -26.69 33.10 -15.99
N LEU D 159 -27.87 32.97 -15.40
CA LEU D 159 -28.36 31.65 -15.03
C LEU D 159 -28.20 30.63 -16.15
N LYS D 160 -27.68 29.49 -15.77
CA LYS D 160 -27.60 28.39 -16.69
C LYS D 160 -28.48 27.31 -16.09
N THR D 161 -29.67 27.14 -16.67
CA THR D 161 -30.61 26.08 -16.29
C THR D 161 -30.28 24.83 -17.08
N GLY D 162 -30.57 23.66 -16.51
CA GLY D 162 -30.23 22.43 -17.20
C GLY D 162 -28.72 22.29 -17.28
N ASN D 163 -28.30 21.18 -17.88
CA ASN D 163 -26.89 20.88 -18.13
C ASN D 163 -26.09 20.69 -16.87
N SER D 164 -26.74 20.50 -15.72
CA SER D 164 -26.01 20.30 -14.47
C SER D 164 -26.55 19.08 -13.73
N GLN D 165 -25.64 18.32 -13.12
CA GLN D 165 -26.01 17.18 -12.30
C GLN D 165 -25.27 17.27 -10.96
N GLU D 166 -25.96 16.89 -9.89
CA GLU D 166 -25.40 16.93 -8.55
C GLU D 166 -25.28 15.53 -7.94
N SER D 167 -24.38 15.41 -6.99
CA SER D 167 -24.15 14.17 -6.26
C SER D 167 -23.67 14.49 -4.86
N VAL D 168 -24.11 13.71 -3.87
CA VAL D 168 -23.80 13.96 -2.47
C VAL D 168 -23.31 12.67 -1.81
N THR D 169 -22.27 12.80 -0.98
CA THR D 169 -21.76 11.69 -0.20
C THR D 169 -22.69 11.34 0.96
N GLU D 170 -22.44 10.17 1.53
CA GLU D 170 -23.01 9.80 2.81
C GLU D 170 -22.37 10.63 3.92
N GLN D 171 -23.04 10.68 5.08
CA GLN D 171 -22.47 11.41 6.20
C GLN D 171 -21.13 10.79 6.61
N ASP D 172 -20.09 11.61 6.66
CA ASP D 172 -18.76 11.18 7.05
C ASP D 172 -18.75 10.75 8.52
N SER D 173 -18.16 9.57 8.81
CA SER D 173 -18.26 9.01 10.15
C SER D 173 -17.36 9.73 11.15
N LYS D 174 -16.27 10.35 10.69
CA LYS D 174 -15.28 11.09 11.46
C LYS D 174 -15.76 12.49 11.92
N ASP D 175 -16.24 13.31 10.97
CA ASP D 175 -16.65 14.68 11.31
C ASP D 175 -18.14 14.95 11.11
N ASN D 176 -18.94 13.96 10.69
CA ASN D 176 -20.40 14.12 10.54
C ASN D 176 -20.79 15.13 9.46
N THR D 177 -19.94 15.33 8.45
CA THR D 177 -20.24 16.30 7.41
C THR D 177 -20.59 15.60 6.11
N TYR D 178 -21.00 16.42 5.14
CA TYR D 178 -21.31 15.99 3.79
C TYR D 178 -20.43 16.76 2.83
N SER D 179 -20.27 16.21 1.63
CA SER D 179 -19.70 16.94 0.52
C SER D 179 -20.61 16.74 -0.68
N LEU D 180 -20.51 17.64 -1.65
CA LEU D 180 -21.39 17.69 -2.79
C LEU D 180 -20.57 18.06 -4.02
N SER D 181 -20.89 17.44 -5.14
CA SER D 181 -20.30 17.74 -6.43
C SER D 181 -21.41 18.20 -7.36
N SER D 182 -21.18 19.32 -8.06
CA SER D 182 -22.06 19.76 -9.13
C SER D 182 -21.26 19.85 -10.43
N THR D 183 -21.69 19.09 -11.43
CA THR D 183 -21.01 19.05 -12.72
C THR D 183 -21.90 19.75 -13.74
N LEU D 184 -21.40 20.83 -14.32
CA LEU D 184 -22.06 21.50 -15.43
C LEU D 184 -21.48 20.98 -16.72
N THR D 185 -22.32 20.45 -17.58
CA THR D 185 -21.83 19.88 -18.83
C THR D 185 -22.28 20.75 -19.99
N LEU D 186 -21.34 21.14 -20.83
CA LEU D 186 -21.62 21.97 -21.97
C LEU D 186 -20.93 21.36 -23.18
N SER D 187 -21.41 21.74 -24.36
CA SER D 187 -20.67 21.44 -25.57
C SER D 187 -19.40 22.29 -25.62
N SER D 188 -18.40 21.83 -26.36
CA SER D 188 -17.19 22.63 -26.48
C SER D 188 -17.50 23.97 -27.11
N THR D 189 -18.39 23.98 -28.11
CA THR D 189 -18.87 25.23 -28.68
C THR D 189 -19.50 26.07 -27.59
N GLU D 190 -20.38 25.46 -26.81
CA GLU D 190 -21.03 26.23 -25.78
C GLU D 190 -20.01 26.84 -24.84
N TYR D 191 -18.99 26.05 -24.46
CA TYR D 191 -17.97 26.49 -23.51
C TYR D 191 -17.11 27.63 -24.05
N GLN D 192 -16.65 27.52 -25.30
CA GLN D 192 -15.74 28.53 -25.85
C GLN D 192 -16.44 29.82 -26.26
N SER D 193 -17.77 29.83 -26.31
CA SER D 193 -18.49 31.04 -26.62
C SER D 193 -18.61 31.99 -25.42
N HIS D 194 -18.08 31.61 -24.26
CA HIS D 194 -18.19 32.42 -23.06
C HIS D 194 -16.87 32.43 -22.29
N LYS D 195 -16.74 33.40 -21.36
CA LYS D 195 -15.46 33.62 -20.69
C LYS D 195 -15.48 33.39 -19.18
N VAL D 196 -16.47 33.89 -18.43
CA VAL D 196 -16.49 33.75 -16.98
C VAL D 196 -17.48 32.67 -16.58
N TYR D 197 -17.01 31.73 -15.76
CA TYR D 197 -17.81 30.64 -15.24
C TYR D 197 -17.79 30.71 -13.72
N ALA D 198 -18.96 30.57 -13.10
CA ALA D 198 -19.07 30.75 -11.66
C ALA D 198 -20.09 29.78 -11.10
N CYS D 199 -19.81 29.24 -9.93
CA CYS D 199 -20.81 28.54 -9.15
C CYS D 199 -21.05 29.35 -7.88
N GLU D 200 -22.33 29.58 -7.60
CA GLU D 200 -22.78 30.37 -6.48
C GLU D 200 -23.50 29.45 -5.50
N VAL D 201 -23.08 29.50 -4.25
CA VAL D 201 -23.43 28.53 -3.24
C VAL D 201 -24.09 29.24 -2.08
N THR D 202 -25.21 28.70 -1.63
CA THR D 202 -25.83 29.18 -0.40
C THR D 202 -26.03 28.02 0.55
N HIS D 203 -25.87 28.30 1.84
CA HIS D 203 -25.94 27.31 2.90
C HIS D 203 -26.10 28.06 4.21
N GLN D 204 -26.85 27.47 5.15
CA GLN D 204 -27.18 28.21 6.36
C GLN D 204 -25.95 28.56 7.19
N GLY D 205 -24.83 27.87 6.98
CA GLY D 205 -23.60 28.29 7.64
C GLY D 205 -22.92 29.51 7.03
N LEU D 206 -23.40 29.97 5.88
CA LEU D 206 -22.85 31.15 5.23
C LEU D 206 -23.64 32.41 5.63
N SER D 207 -22.92 33.50 5.87
CA SER D 207 -23.57 34.80 6.09
C SER D 207 -24.06 35.43 4.79
N SER D 208 -23.52 35.00 3.65
CA SER D 208 -23.84 35.57 2.35
C SER D 208 -23.47 34.54 1.29
N PRO D 209 -24.03 34.64 0.09
CA PRO D 209 -23.69 33.66 -0.96
C PRO D 209 -22.20 33.65 -1.22
N VAL D 210 -21.65 32.46 -1.50
CA VAL D 210 -20.24 32.30 -1.83
C VAL D 210 -20.15 31.98 -3.31
N THR D 211 -19.38 32.77 -4.05
CA THR D 211 -19.23 32.58 -5.49
C THR D 211 -17.78 32.26 -5.79
N LYS D 212 -17.56 31.17 -6.52
CA LYS D 212 -16.23 30.82 -7.03
C LYS D 212 -16.28 30.86 -8.54
N SER D 213 -15.27 31.48 -9.16
CA SER D 213 -15.30 31.74 -10.60
C SER D 213 -13.92 31.57 -11.21
N PHE D 214 -13.92 31.39 -12.54
CA PHE D 214 -12.70 31.46 -13.32
C PHE D 214 -13.02 32.08 -14.68
N ASN D 215 -11.99 32.68 -15.27
CA ASN D 215 -12.03 33.20 -16.62
C ASN D 215 -11.41 32.18 -17.56
N ARG D 216 -12.13 31.84 -18.62
CA ARG D 216 -11.66 30.84 -19.56
C ARG D 216 -10.38 31.32 -20.24
N GLY D 217 -9.30 30.57 -20.04
CA GLY D 217 -7.98 30.96 -20.52
C GLY D 217 -7.26 31.89 -19.56
N GLN E 1 -23.47 -19.59 10.39
CA GLN E 1 -22.74 -20.53 9.56
C GLN E 1 -23.35 -20.67 8.17
N VAL E 2 -24.64 -20.38 8.04
CA VAL E 2 -25.27 -20.40 6.72
C VAL E 2 -25.03 -19.06 6.04
N GLN E 3 -24.59 -19.08 4.79
CA GLN E 3 -24.39 -17.84 4.05
C GLN E 3 -24.95 -17.98 2.64
N LEU E 4 -25.54 -16.90 2.14
CA LEU E 4 -26.17 -16.86 0.82
C LEU E 4 -25.30 -16.05 -0.13
N GLN E 5 -24.92 -16.68 -1.24
CA GLN E 5 -23.99 -16.12 -2.22
C GLN E 5 -24.76 -15.88 -3.51
N GLU E 6 -25.00 -14.62 -3.85
CA GLU E 6 -25.75 -14.29 -5.04
C GLU E 6 -24.83 -14.11 -6.24
N SER E 7 -25.37 -14.38 -7.41
CA SER E 7 -24.65 -14.06 -8.63
C SER E 7 -25.63 -13.97 -9.80
N GLY E 8 -25.20 -13.24 -10.82
CA GLY E 8 -25.92 -13.14 -12.06
C GLY E 8 -25.29 -12.05 -12.90
N PRO E 9 -25.65 -11.96 -14.18
CA PRO E 9 -25.12 -10.88 -15.02
C PRO E 9 -25.52 -9.53 -14.47
N GLY E 10 -24.61 -8.56 -14.57
CA GLY E 10 -24.92 -7.22 -14.12
C GLY E 10 -25.76 -6.43 -15.11
N VAL E 11 -25.64 -6.72 -16.39
CA VAL E 11 -26.29 -5.95 -17.45
C VAL E 11 -27.25 -6.86 -18.21
N VAL E 12 -28.50 -6.44 -18.31
CA VAL E 12 -29.53 -7.13 -19.09
C VAL E 12 -30.14 -6.13 -20.06
N LYS E 13 -30.23 -6.50 -21.33
CA LYS E 13 -30.80 -5.59 -22.31
C LYS E 13 -32.32 -5.50 -22.13
N PRO E 14 -32.90 -4.32 -22.39
CA PRO E 14 -34.35 -4.18 -22.24
C PRO E 14 -35.09 -5.21 -23.06
N SER E 15 -36.21 -5.70 -22.51
CA SER E 15 -37.12 -6.71 -23.04
C SER E 15 -36.59 -8.12 -22.86
N GLU E 16 -35.34 -8.31 -22.43
CA GLU E 16 -34.81 -9.65 -22.21
C GLU E 16 -35.08 -10.10 -20.77
N THR E 17 -34.51 -11.25 -20.40
CA THR E 17 -34.78 -11.93 -19.14
C THR E 17 -33.61 -11.76 -18.18
N LEU E 18 -33.92 -11.30 -16.97
CA LEU E 18 -32.96 -11.26 -15.86
C LEU E 18 -33.01 -12.60 -15.12
N SER E 19 -31.84 -13.14 -14.81
CA SER E 19 -31.77 -14.41 -14.08
C SER E 19 -30.71 -14.30 -12.99
N LEU E 20 -31.12 -14.57 -11.75
CA LEU E 20 -30.21 -14.50 -10.61
C LEU E 20 -30.24 -15.81 -9.84
N THR E 21 -29.10 -16.10 -9.21
CA THR E 21 -28.89 -17.29 -8.40
C THR E 21 -28.48 -16.90 -6.98
N CYS E 22 -28.94 -17.69 -6.01
CA CYS E 22 -28.60 -17.53 -4.60
C CYS E 22 -28.13 -18.90 -4.13
N GLY E 23 -26.81 -19.11 -4.08
CA GLY E 23 -26.28 -20.36 -3.58
C GLY E 23 -26.20 -20.38 -2.06
N VAL E 24 -26.38 -21.55 -1.48
CA VAL E 24 -26.45 -21.73 -0.03
C VAL E 24 -25.19 -22.43 0.43
N SER E 25 -24.22 -21.71 0.98
CA SER E 25 -23.02 -22.33 1.52
C SER E 25 -23.19 -22.55 3.02
N GLY E 26 -22.90 -23.76 3.47
CA GLY E 26 -22.97 -24.08 4.88
C GLY E 26 -24.32 -24.58 5.35
N GLY E 27 -25.09 -25.19 4.46
CA GLY E 27 -26.41 -25.69 4.77
C GLY E 27 -27.10 -26.07 3.48
N THR E 28 -28.33 -26.57 3.64
CA THR E 28 -29.08 -27.04 2.48
C THR E 28 -30.39 -26.26 2.34
N ILE E 29 -30.77 -26.03 1.08
CA ILE E 29 -32.00 -25.30 0.80
C ILE E 29 -33.25 -26.06 1.22
N SER E 30 -33.15 -27.35 1.54
CA SER E 30 -34.32 -28.14 1.86
C SER E 30 -34.64 -28.15 3.36
N SER E 31 -33.99 -27.30 4.15
CA SER E 31 -34.24 -27.25 5.59
C SER E 31 -35.66 -26.77 5.84
N SER E 32 -36.31 -27.38 6.84
CA SER E 32 -37.77 -27.41 6.91
C SER E 32 -38.42 -26.06 7.26
N HIS E 33 -37.88 -25.31 8.22
CA HIS E 33 -38.62 -24.19 8.79
C HIS E 33 -38.21 -22.82 8.26
N PHE E 34 -37.93 -22.68 6.97
CA PHE E 34 -37.52 -21.41 6.40
C PHE E 34 -38.41 -20.96 5.25
N TYR E 35 -38.55 -19.64 5.13
CA TYR E 35 -39.15 -18.97 4.00
C TYR E 35 -38.06 -18.22 3.25
N TRP E 36 -38.05 -18.33 1.92
CA TRP E 36 -37.02 -17.74 1.08
C TRP E 36 -37.65 -16.63 0.24
N SER E 37 -37.01 -15.46 0.20
CA SER E 37 -37.57 -14.29 -0.46
C SER E 37 -36.57 -13.66 -1.41
N TRP E 38 -37.09 -13.02 -2.45
CA TRP E 38 -36.34 -12.11 -3.29
C TRP E 38 -36.87 -10.70 -3.05
N ILE E 39 -35.98 -9.76 -2.74
CA ILE E 39 -36.31 -8.37 -2.47
C ILE E 39 -35.46 -7.49 -3.36
N ARG E 40 -36.01 -6.38 -3.85
CA ARG E 40 -35.20 -5.50 -4.67
C ARG E 40 -35.27 -4.07 -4.16
N GLN E 41 -34.28 -3.30 -4.55
CA GLN E 41 -34.18 -1.90 -4.15
C GLN E 41 -33.61 -1.10 -5.31
N PRO E 42 -34.44 -0.31 -6.01
CA PRO E 42 -33.90 0.57 -7.04
C PRO E 42 -32.95 1.57 -6.42
N PRO E 43 -31.97 2.05 -7.17
CA PRO E 43 -30.95 2.95 -6.61
C PRO E 43 -31.52 4.19 -5.92
N GLY E 44 -31.29 4.33 -4.62
CA GLY E 44 -31.83 5.42 -3.83
C GLY E 44 -33.32 5.42 -3.57
N LYS E 45 -33.94 4.23 -3.50
CA LYS E 45 -35.37 4.11 -3.23
C LYS E 45 -35.56 3.00 -2.19
N GLY E 46 -36.82 2.73 -1.84
CA GLY E 46 -37.15 1.73 -0.84
C GLY E 46 -37.07 0.29 -1.33
N LEU E 47 -37.36 -0.62 -0.41
CA LEU E 47 -37.20 -2.05 -0.63
C LEU E 47 -38.53 -2.60 -1.14
N GLU E 48 -38.46 -3.45 -2.17
CA GLU E 48 -39.64 -4.06 -2.77
C GLU E 48 -39.53 -5.57 -2.69
N TRP E 49 -40.58 -6.20 -2.17
CA TRP E 49 -40.66 -7.65 -2.09
C TRP E 49 -41.14 -8.23 -3.42
N ILE E 50 -40.37 -9.15 -3.98
CA ILE E 50 -40.71 -9.71 -5.29
C ILE E 50 -41.58 -10.94 -5.14
N GLY E 51 -41.20 -11.83 -4.26
CA GLY E 51 -41.84 -13.12 -4.13
C GLY E 51 -41.05 -14.00 -3.21
N GLY E 52 -41.65 -15.14 -2.87
CA GLY E 52 -40.98 -16.04 -1.97
C GLY E 52 -41.58 -17.43 -2.03
N LEU E 53 -41.00 -18.31 -1.23
CA LEU E 53 -41.46 -19.69 -1.17
C LEU E 53 -41.23 -20.23 0.24
N TYR E 54 -42.20 -21.00 0.71
CA TYR E 54 -42.13 -21.68 1.99
C TYR E 54 -41.78 -23.14 1.72
N ILE E 55 -40.74 -23.64 2.39
CA ILE E 55 -40.24 -24.99 2.09
C ILE E 55 -41.24 -26.05 2.54
N ASN E 56 -41.82 -25.88 3.74
CA ASN E 56 -42.59 -26.97 4.34
C ASN E 56 -43.77 -27.39 3.47
N ASP E 57 -44.43 -26.45 2.79
CA ASP E 57 -45.59 -26.79 1.97
C ASP E 57 -45.39 -26.55 0.49
N GLU E 58 -44.21 -26.12 0.07
CA GLU E 58 -43.91 -25.76 -1.33
C GLU E 58 -44.98 -24.88 -1.99
N ARG E 59 -45.56 -23.93 -1.26
CA ARG E 59 -46.43 -22.96 -1.90
C ARG E 59 -45.53 -21.74 -2.22
N ILE E 60 -45.70 -21.19 -3.42
CA ILE E 60 -44.89 -20.10 -3.93
C ILE E 60 -45.79 -18.88 -4.05
N ASN E 61 -45.32 -17.74 -3.56
CA ASN E 61 -46.07 -16.50 -3.57
C ASN E 61 -45.35 -15.46 -4.40
N TYR E 62 -46.12 -14.68 -5.15
CA TYR E 62 -45.59 -13.62 -5.95
C TYR E 62 -46.23 -12.29 -5.58
N ASN E 63 -45.50 -11.21 -5.82
CA ASN E 63 -46.08 -9.88 -5.70
C ASN E 63 -47.01 -9.67 -6.88
N PRO E 64 -48.30 -9.39 -6.67
CA PRO E 64 -49.24 -9.30 -7.80
C PRO E 64 -48.84 -8.30 -8.88
N SER E 65 -48.13 -7.22 -8.52
CA SER E 65 -47.77 -6.24 -9.53
C SER E 65 -46.76 -6.76 -10.54
N LEU E 66 -46.09 -7.88 -10.24
CA LEU E 66 -45.14 -8.49 -11.16
C LEU E 66 -45.48 -9.91 -11.56
N GLU E 67 -46.44 -10.57 -10.89
CA GLU E 67 -46.61 -12.02 -10.98
C GLU E 67 -46.57 -12.54 -12.43
N SER E 68 -46.94 -11.72 -13.39
CA SER E 68 -46.89 -12.15 -14.79
C SER E 68 -45.48 -12.52 -15.20
N ARG E 69 -44.48 -11.78 -14.73
CA ARG E 69 -43.12 -11.79 -15.27
C ARG E 69 -42.11 -12.58 -14.43
N VAL E 70 -42.47 -13.04 -13.24
CA VAL E 70 -41.49 -13.59 -12.30
C VAL E 70 -41.61 -15.11 -12.21
N THR E 71 -40.45 -15.77 -12.05
CA THR E 71 -40.35 -17.19 -11.71
C THR E 71 -39.37 -17.33 -10.55
N ILE E 72 -39.82 -17.92 -9.45
CA ILE E 72 -38.93 -18.22 -8.33
C ILE E 72 -38.90 -19.71 -8.11
N SER E 73 -37.70 -20.27 -7.93
CA SER E 73 -37.61 -21.71 -7.76
C SER E 73 -36.59 -22.10 -6.70
N LYS E 74 -36.86 -23.25 -6.09
CA LYS E 74 -35.90 -24.01 -5.31
C LYS E 74 -35.27 -25.04 -6.25
N ASP E 75 -33.96 -25.18 -6.15
CA ASP E 75 -33.19 -26.10 -6.99
C ASP E 75 -32.41 -27.01 -6.04
N THR E 76 -33.00 -28.14 -5.68
CA THR E 76 -32.34 -29.10 -4.80
C THR E 76 -31.09 -29.70 -5.45
N SER E 77 -31.11 -29.89 -6.77
CA SER E 77 -29.97 -30.50 -7.44
C SER E 77 -28.70 -29.67 -7.28
N GLN E 78 -28.82 -28.34 -7.24
CA GLN E 78 -27.65 -27.48 -7.12
C GLN E 78 -27.60 -26.74 -5.80
N ASN E 79 -28.50 -27.04 -4.86
CA ASN E 79 -28.57 -26.34 -3.59
C ASN E 79 -28.67 -24.82 -3.81
N GLN E 80 -29.69 -24.42 -4.58
CA GLN E 80 -29.75 -23.08 -5.13
C GLN E 80 -31.16 -22.51 -5.02
N PHE E 81 -31.24 -21.19 -4.90
CA PHE E 81 -32.49 -20.44 -4.89
C PHE E 81 -32.45 -19.51 -6.10
N ALA E 82 -33.50 -19.50 -6.92
CA ALA E 82 -33.41 -18.88 -8.24
C ALA E 82 -34.52 -17.85 -8.47
N LEU E 83 -34.17 -16.80 -9.23
CA LEU E 83 -35.12 -15.77 -9.64
C LEU E 83 -34.99 -15.52 -11.15
N LYS E 84 -36.13 -15.41 -11.82
CA LYS E 84 -36.18 -15.09 -13.24
C LYS E 84 -37.22 -14.00 -13.42
N LEU E 85 -36.88 -12.99 -14.22
CA LEU E 85 -37.78 -11.86 -14.44
C LEU E 85 -37.78 -11.56 -15.92
N THR E 86 -38.95 -11.67 -16.53
CA THR E 86 -39.14 -11.57 -17.97
C THR E 86 -39.34 -10.11 -18.39
N SER E 87 -39.03 -9.80 -19.65
CA SER E 87 -39.39 -8.53 -20.29
C SER E 87 -39.01 -7.31 -19.46
N VAL E 88 -37.75 -7.22 -19.08
CA VAL E 88 -37.31 -6.19 -18.14
C VAL E 88 -37.22 -4.82 -18.83
N THR E 89 -37.39 -3.77 -18.03
CA THR E 89 -37.20 -2.38 -18.44
C THR E 89 -36.30 -1.69 -17.42
N ALA E 90 -35.96 -0.42 -17.69
CA ALA E 90 -35.19 0.36 -16.74
C ALA E 90 -35.82 0.36 -15.34
N ALA E 91 -37.13 0.12 -15.25
CA ALA E 91 -37.76 0.04 -13.93
C ALA E 91 -37.29 -1.17 -13.12
N ASP E 92 -36.69 -2.17 -13.77
CA ASP E 92 -36.16 -3.33 -13.06
C ASP E 92 -34.68 -3.16 -12.68
N THR E 93 -34.06 -2.02 -12.99
CA THR E 93 -32.70 -1.76 -12.55
C THR E 93 -32.68 -1.61 -11.03
N ALA E 94 -31.94 -2.48 -10.35
CA ALA E 94 -32.01 -2.46 -8.90
C ALA E 94 -30.92 -3.35 -8.33
N VAL E 95 -30.74 -3.23 -7.02
CA VAL E 95 -29.98 -4.20 -6.26
C VAL E 95 -30.95 -5.28 -5.80
N TYR E 96 -30.59 -6.56 -6.05
CA TYR E 96 -31.43 -7.70 -5.71
C TYR E 96 -30.81 -8.48 -4.54
N TYR E 97 -31.64 -8.79 -3.54
CA TYR E 97 -31.28 -9.57 -2.37
C TYR E 97 -32.11 -10.85 -2.32
N CYS E 98 -31.48 -11.95 -1.96
CA CYS E 98 -32.21 -13.12 -1.46
C CYS E 98 -32.10 -13.13 0.06
N VAL E 99 -33.16 -13.61 0.72
CA VAL E 99 -33.20 -13.66 2.17
C VAL E 99 -33.80 -15.00 2.60
N ARG E 100 -33.24 -15.58 3.67
CA ARG E 100 -33.84 -16.75 4.31
C ARG E 100 -34.29 -16.38 5.72
N GLU E 101 -35.57 -16.61 6.02
CA GLU E 101 -36.15 -16.21 7.29
C GLU E 101 -36.81 -17.40 7.97
N PRO E 102 -36.45 -17.70 9.22
CA PRO E 102 -37.13 -18.78 9.96
C PRO E 102 -38.53 -18.33 10.37
N VAL E 103 -39.55 -19.07 9.90
CA VAL E 103 -40.94 -18.69 10.12
C VAL E 103 -41.33 -18.70 11.59
N ILE E 104 -40.51 -19.30 12.45
CA ILE E 104 -40.74 -19.32 13.88
C ILE E 104 -39.40 -19.08 14.55
N ALA E 105 -39.43 -18.43 15.71
CA ALA E 105 -38.20 -18.11 16.40
C ALA E 105 -37.44 -19.37 16.81
N ALA E 106 -38.14 -20.51 16.95
CA ALA E 106 -37.46 -21.75 17.27
C ALA E 106 -36.47 -22.15 16.19
N ALA E 107 -36.76 -21.85 14.93
CA ALA E 107 -35.83 -22.15 13.84
C ALA E 107 -34.70 -21.14 13.75
N GLY E 108 -34.85 -19.95 14.33
CA GLY E 108 -33.77 -18.98 14.35
C GLY E 108 -34.16 -17.61 14.83
N THR E 109 -33.23 -16.92 15.50
CA THR E 109 -33.45 -15.57 15.99
C THR E 109 -32.76 -14.54 15.11
N VAL E 110 -32.37 -14.92 13.89
CA VAL E 110 -31.82 -13.99 12.92
C VAL E 110 -32.13 -14.51 11.52
N ASP E 111 -32.36 -13.60 10.58
CA ASP E 111 -32.45 -14.01 9.19
C ASP E 111 -31.05 -13.95 8.58
N VAL E 112 -30.94 -14.35 7.31
CA VAL E 112 -29.68 -14.28 6.58
C VAL E 112 -29.97 -13.67 5.22
N TRP E 113 -29.20 -12.65 4.87
CA TRP E 113 -29.34 -11.93 3.61
C TRP E 113 -28.11 -12.18 2.75
N GLY E 114 -28.30 -12.29 1.45
CA GLY E 114 -27.19 -12.21 0.54
C GLY E 114 -26.66 -10.80 0.46
N ARG E 115 -25.48 -10.67 -0.14
CA ARG E 115 -24.79 -9.39 -0.20
C ARG E 115 -25.51 -8.41 -1.11
N GLY E 116 -26.23 -8.91 -2.11
CA GLY E 116 -26.97 -8.02 -2.99
C GLY E 116 -26.21 -7.83 -4.28
N VAL E 117 -26.90 -7.93 -5.42
CA VAL E 117 -26.26 -7.82 -6.73
C VAL E 117 -26.97 -6.74 -7.52
N LEU E 118 -26.21 -5.81 -8.08
CA LEU E 118 -26.80 -4.75 -8.89
C LEU E 118 -27.04 -5.26 -10.30
N VAL E 119 -28.27 -5.11 -10.79
CA VAL E 119 -28.62 -5.47 -12.15
C VAL E 119 -29.11 -4.20 -12.83
N THR E 120 -28.46 -3.84 -13.94
CA THR E 120 -28.81 -2.66 -14.70
C THR E 120 -29.42 -3.10 -16.03
N VAL E 121 -30.56 -2.51 -16.38
CA VAL E 121 -31.24 -2.82 -17.62
C VAL E 121 -30.98 -1.66 -18.56
N SER E 122 -30.18 -1.92 -19.60
CA SER E 122 -29.78 -0.87 -20.51
C SER E 122 -29.21 -1.50 -21.77
N SER E 123 -29.34 -0.79 -22.88
CA SER E 123 -28.79 -1.25 -24.15
C SER E 123 -27.43 -0.66 -24.43
N ALA E 124 -26.88 0.12 -23.51
CA ALA E 124 -25.55 0.68 -23.69
C ALA E 124 -24.51 -0.45 -23.75
N SER E 125 -23.41 -0.20 -24.46
CA SER E 125 -22.30 -1.14 -24.53
C SER E 125 -21.35 -0.93 -23.36
N THR E 126 -20.79 -2.02 -22.86
CA THR E 126 -19.81 -1.94 -21.78
C THR E 126 -18.62 -1.11 -22.24
N LYS E 127 -18.31 -0.05 -21.51
CA LYS E 127 -17.35 0.95 -21.97
C LYS E 127 -16.58 1.52 -20.80
N GLY E 128 -15.25 1.63 -20.96
CA GLY E 128 -14.38 2.16 -19.95
C GLY E 128 -14.30 3.67 -19.97
N PRO E 129 -13.90 4.27 -18.85
CA PRO E 129 -13.98 5.72 -18.69
C PRO E 129 -12.79 6.49 -19.24
N SER E 130 -13.08 7.75 -19.59
CA SER E 130 -12.06 8.79 -19.72
C SER E 130 -11.87 9.45 -18.36
N VAL E 131 -10.61 9.74 -18.03
CA VAL E 131 -10.27 10.34 -16.74
C VAL E 131 -9.62 11.70 -16.98
N PHE E 132 -10.15 12.73 -16.33
CA PHE E 132 -9.62 14.07 -16.50
C PHE E 132 -9.26 14.67 -15.16
N PRO E 133 -8.13 15.36 -15.06
CA PRO E 133 -7.74 15.95 -13.77
C PRO E 133 -8.58 17.17 -13.43
N LEU E 134 -8.73 17.40 -12.13
CA LEU E 134 -9.43 18.53 -11.55
C LEU E 134 -8.44 19.29 -10.68
N ALA E 135 -7.92 20.39 -11.20
CA ALA E 135 -7.01 21.28 -10.52
C ALA E 135 -7.63 22.66 -10.40
N PRO E 136 -7.32 23.41 -9.35
CA PRO E 136 -7.83 24.79 -9.26
C PRO E 136 -7.34 25.62 -10.43
N SER E 137 -8.01 26.74 -10.66
CA SER E 137 -7.60 27.63 -11.74
C SER E 137 -6.27 28.34 -11.43
N SER E 142 -7.81 28.38 -1.73
CA SER E 142 -6.70 27.67 -2.38
C SER E 142 -5.36 28.14 -1.82
N GLU E 143 -5.29 28.34 -0.51
CA GLU E 143 -4.13 28.87 0.17
C GLU E 143 -3.78 28.00 1.38
N SER E 144 -4.68 27.94 2.36
CA SER E 144 -4.49 27.04 3.49
C SER E 144 -4.48 25.58 3.06
N THR E 145 -5.56 25.13 2.44
CA THR E 145 -5.67 23.78 1.92
C THR E 145 -6.18 23.84 0.49
N ALA E 146 -5.75 22.88 -0.33
CA ALA E 146 -6.13 22.83 -1.73
C ALA E 146 -6.93 21.56 -1.97
N ALA E 147 -7.85 21.63 -2.92
CA ALA E 147 -8.63 20.47 -3.34
C ALA E 147 -8.18 20.05 -4.73
N LEU E 148 -7.96 18.76 -4.91
CA LEU E 148 -7.62 18.18 -6.19
C LEU E 148 -8.58 17.04 -6.46
N GLY E 149 -8.69 16.65 -7.71
CA GLY E 149 -9.56 15.53 -8.01
C GLY E 149 -9.39 15.00 -9.41
N CYS E 150 -10.24 14.05 -9.74
CA CYS E 150 -10.33 13.56 -11.10
C CYS E 150 -11.78 13.22 -11.39
N LEU E 151 -12.18 13.57 -12.60
CA LEU E 151 -13.50 13.26 -13.13
C LEU E 151 -13.40 12.02 -13.99
N VAL E 152 -14.13 10.99 -13.60
CA VAL E 152 -14.19 9.69 -14.29
C VAL E 152 -15.49 9.67 -15.08
N LYS E 153 -15.40 9.71 -16.40
CA LYS E 153 -16.51 10.10 -17.27
C LYS E 153 -16.77 9.06 -18.34
N ASP E 154 -18.06 8.86 -18.67
CA ASP E 154 -18.50 8.12 -19.85
C ASP E 154 -18.15 6.62 -19.76
N TYR E 155 -18.55 5.99 -18.66
CA TYR E 155 -18.34 4.56 -18.50
C TYR E 155 -19.67 3.84 -18.31
N PHE E 156 -19.65 2.55 -18.63
CA PHE E 156 -20.81 1.68 -18.43
C PHE E 156 -20.32 0.25 -18.32
N PRO E 157 -20.85 -0.54 -17.39
CA PRO E 157 -21.79 -0.08 -16.36
C PRO E 157 -21.05 0.30 -15.08
N GLU E 158 -21.82 0.49 -14.01
CA GLU E 158 -21.23 0.55 -12.68
C GLU E 158 -20.65 -0.81 -12.34
N PRO E 159 -19.64 -0.87 -11.46
CA PRO E 159 -18.97 0.22 -10.74
C PRO E 159 -17.55 0.52 -11.24
N VAL E 160 -17.00 1.61 -10.70
CA VAL E 160 -15.59 1.96 -10.84
C VAL E 160 -15.04 2.14 -9.44
N THR E 161 -13.77 1.84 -9.27
CA THR E 161 -13.07 2.11 -8.03
C THR E 161 -12.03 3.19 -8.31
N VAL E 162 -11.92 4.14 -7.39
CA VAL E 162 -10.94 5.21 -7.49
C VAL E 162 -10.10 5.19 -6.23
N SER E 163 -8.79 5.25 -6.37
CA SER E 163 -7.90 5.36 -5.22
C SER E 163 -6.89 6.46 -5.50
N TRP E 164 -6.13 6.85 -4.49
CA TRP E 164 -5.15 7.91 -4.66
C TRP E 164 -3.79 7.41 -4.21
N ASN E 165 -2.78 7.63 -5.04
CA ASN E 165 -1.41 7.19 -4.77
C ASN E 165 -1.40 5.71 -4.38
N SER E 166 -2.03 4.90 -5.22
CA SER E 166 -2.03 3.43 -5.11
C SER E 166 -2.61 2.94 -3.78
N GLY E 167 -3.52 3.70 -3.19
CA GLY E 167 -4.12 3.34 -1.92
C GLY E 167 -3.41 3.86 -0.68
N SER E 168 -2.31 4.60 -0.83
CA SER E 168 -1.62 5.14 0.36
C SER E 168 -2.22 6.44 0.86
N LEU E 169 -2.97 7.16 0.02
CA LEU E 169 -3.61 8.42 0.40
C LEU E 169 -5.11 8.16 0.52
N THR E 170 -5.60 8.14 1.76
CA THR E 170 -7.02 7.92 2.02
C THR E 170 -7.69 9.02 2.83
N SER E 171 -6.92 9.85 3.54
CA SER E 171 -7.51 10.92 4.34
C SER E 171 -7.93 12.09 3.46
N GLY E 172 -9.10 12.65 3.75
CA GLY E 172 -9.64 13.73 2.96
C GLY E 172 -10.13 13.33 1.59
N VAL E 173 -10.36 12.04 1.35
CA VAL E 173 -10.83 11.56 0.05
C VAL E 173 -12.35 11.46 0.06
N HIS E 174 -12.98 11.98 -0.99
CA HIS E 174 -14.41 11.82 -1.19
C HIS E 174 -14.62 11.36 -2.63
N THR E 175 -15.21 10.19 -2.78
CA THR E 175 -15.60 9.68 -4.08
C THR E 175 -17.11 9.77 -4.18
N PHE E 176 -17.60 10.54 -5.12
CA PHE E 176 -19.02 10.84 -5.17
C PHE E 176 -19.80 9.75 -5.88
N PRO E 177 -21.05 9.53 -5.49
CA PRO E 177 -21.89 8.59 -6.21
C PRO E 177 -21.97 8.96 -7.68
N ALA E 178 -21.91 7.94 -8.52
CA ALA E 178 -22.00 8.16 -9.95
C ALA E 178 -23.38 8.70 -10.31
N VAL E 179 -23.43 9.46 -11.40
CA VAL E 179 -24.69 9.93 -11.98
C VAL E 179 -24.84 9.36 -13.38
N LEU E 180 -26.07 9.00 -13.72
CA LEU E 180 -26.39 8.55 -15.08
C LEU E 180 -26.61 9.74 -16.00
N GLN E 181 -25.88 9.80 -17.11
CA GLN E 181 -26.11 10.84 -18.10
C GLN E 181 -27.26 10.45 -19.02
N SER E 182 -27.73 11.42 -19.82
CA SER E 182 -28.77 11.12 -20.80
C SER E 182 -28.28 10.17 -21.88
N SER E 183 -26.98 10.19 -22.16
CA SER E 183 -26.38 9.25 -23.09
C SER E 183 -26.46 7.80 -22.62
N GLY E 184 -26.84 7.55 -21.37
CA GLY E 184 -26.79 6.21 -20.84
C GLY E 184 -25.45 5.79 -20.29
N LEU E 185 -24.50 6.72 -20.19
CA LEU E 185 -23.22 6.47 -19.56
C LEU E 185 -23.19 7.15 -18.19
N TYR E 186 -22.25 6.74 -17.36
CA TYR E 186 -22.11 7.24 -16.01
C TYR E 186 -20.90 8.17 -15.91
N SER E 187 -20.97 9.09 -14.94
CA SER E 187 -19.84 9.93 -14.56
C SER E 187 -19.81 10.10 -13.05
N LEU E 188 -18.61 10.18 -12.50
CA LEU E 188 -18.47 10.54 -11.11
C LEU E 188 -17.18 11.34 -10.96
N SER E 189 -17.01 11.92 -9.79
CA SER E 189 -15.80 12.65 -9.46
C SER E 189 -15.25 12.10 -8.16
N SER E 190 -13.94 12.20 -8.02
CA SER E 190 -13.25 11.88 -6.79
C SER E 190 -12.34 13.05 -6.45
N VAL E 191 -12.37 13.51 -5.20
CA VAL E 191 -11.56 14.64 -4.79
C VAL E 191 -10.85 14.29 -3.50
N VAL E 192 -9.82 15.07 -3.21
CA VAL E 192 -9.04 14.93 -1.98
C VAL E 192 -8.47 16.31 -1.66
N THR E 193 -8.47 16.64 -0.38
CA THR E 193 -7.86 17.88 0.09
C THR E 193 -6.47 17.60 0.65
N VAL E 194 -5.52 18.48 0.32
CA VAL E 194 -4.12 18.33 0.68
C VAL E 194 -3.57 19.68 1.13
N PRO E 195 -2.52 19.66 1.95
CA PRO E 195 -1.83 20.91 2.29
C PRO E 195 -1.20 21.54 1.06
N SER E 196 -1.34 22.86 0.94
CA SER E 196 -0.73 23.56 -0.19
C SER E 196 0.79 23.57 -0.08
N SER E 197 1.31 23.64 1.15
CA SER E 197 2.75 23.54 1.40
C SER E 197 3.37 22.36 0.64
N SER E 198 2.68 21.22 0.61
CA SER E 198 3.24 20.00 0.05
C SER E 198 3.17 19.94 -1.47
N LEU E 199 2.42 20.85 -2.12
CA LEU E 199 2.16 20.73 -3.55
C LEU E 199 3.43 20.82 -4.40
N GLY E 200 4.48 21.45 -3.87
CA GLY E 200 5.71 21.58 -4.65
C GLY E 200 6.56 20.33 -4.66
N THR E 201 6.48 19.50 -3.62
CA THR E 201 7.35 18.33 -3.49
C THR E 201 6.61 17.02 -3.56
N GLN E 202 5.28 17.04 -3.47
CA GLN E 202 4.48 15.83 -3.46
C GLN E 202 3.71 15.73 -4.78
N THR E 203 3.52 14.51 -5.24
CA THR E 203 2.74 14.22 -6.43
C THR E 203 1.46 13.48 -6.03
N TYR E 204 0.37 13.79 -6.72
CA TYR E 204 -0.93 13.17 -6.46
C TYR E 204 -1.45 12.54 -7.74
N VAL E 205 -1.84 11.27 -7.66
CA VAL E 205 -2.29 10.50 -8.82
C VAL E 205 -3.55 9.73 -8.41
N CYS E 206 -4.61 9.86 -9.20
CA CYS E 206 -5.77 9.01 -8.99
C CYS E 206 -5.69 7.79 -9.90
N ASN E 207 -5.97 6.62 -9.33
CA ASN E 207 -5.98 5.34 -10.02
C ASN E 207 -7.42 4.86 -10.13
N VAL E 208 -7.89 4.65 -11.36
CA VAL E 208 -9.26 4.30 -11.66
C VAL E 208 -9.28 2.88 -12.22
N ASN E 209 -10.08 2.02 -11.61
CA ASN E 209 -10.25 0.64 -12.04
C ASN E 209 -11.71 0.42 -12.41
N HIS E 210 -11.96 0.19 -13.70
CA HIS E 210 -13.29 -0.17 -14.20
C HIS E 210 -13.21 -1.66 -14.54
N LYS E 211 -13.52 -2.48 -13.54
CA LYS E 211 -13.39 -3.92 -13.70
C LYS E 211 -14.31 -4.49 -14.78
N PRO E 212 -15.57 -4.05 -14.94
CA PRO E 212 -16.39 -4.61 -16.01
C PRO E 212 -15.78 -4.50 -17.38
N SER E 213 -14.87 -3.56 -17.59
CA SER E 213 -14.23 -3.34 -18.88
C SER E 213 -12.74 -3.67 -18.87
N ASN E 214 -12.22 -4.18 -17.74
CA ASN E 214 -10.79 -4.45 -17.60
C ASN E 214 -9.95 -3.20 -17.83
N THR E 215 -10.46 -2.03 -17.39
CA THR E 215 -9.78 -0.77 -17.65
C THR E 215 -9.09 -0.24 -16.40
N LYS E 216 -7.82 0.13 -16.53
CA LYS E 216 -7.10 0.77 -15.44
C LYS E 216 -6.40 2.01 -15.98
N VAL E 217 -6.66 3.17 -15.35
CA VAL E 217 -6.12 4.45 -15.77
C VAL E 217 -5.54 5.18 -14.57
N ASP E 218 -4.35 5.76 -14.73
CA ASP E 218 -3.76 6.65 -13.74
C ASP E 218 -3.75 8.06 -14.29
N LYS E 219 -4.07 9.05 -13.44
CA LYS E 219 -3.91 10.44 -13.81
C LYS E 219 -3.24 11.23 -12.70
N ARG E 220 -2.13 11.88 -13.04
CA ARG E 220 -1.49 12.83 -12.15
C ARG E 220 -2.29 14.12 -12.17
N VAL E 221 -2.51 14.69 -10.99
CA VAL E 221 -3.29 15.92 -10.86
C VAL E 221 -2.33 17.05 -10.46
N GLU E 222 -2.27 18.06 -11.31
CA GLU E 222 -1.28 19.13 -11.26
C GLU E 222 -1.93 20.45 -11.63
N ILE E 223 -1.27 21.54 -11.30
CA ILE E 223 -1.77 22.85 -11.72
C ILE E 223 -0.73 23.50 -12.63
N ASP F 1 -4.08 -11.81 1.56
CA ASP F 1 -3.75 -12.98 0.76
C ASP F 1 -2.35 -13.47 1.07
N ILE F 2 -2.19 -14.79 1.22
CA ILE F 2 -0.87 -15.38 1.38
C ILE F 2 -0.16 -15.32 0.04
N VAL F 3 0.94 -14.61 -0.01
CA VAL F 3 1.77 -14.55 -1.16
C VAL F 3 2.87 -15.63 -1.12
N MET F 4 3.05 -16.30 -2.26
CA MET F 4 4.05 -17.29 -2.42
C MET F 4 5.08 -16.82 -3.42
N THR F 5 6.33 -16.77 -3.01
CA THR F 5 7.42 -16.34 -3.84
C THR F 5 8.34 -17.49 -4.12
N GLN F 6 8.49 -17.78 -5.38
CA GLN F 6 9.32 -18.89 -5.83
C GLN F 6 10.63 -18.36 -6.42
N THR F 7 11.72 -19.09 -6.15
CA THR F 7 13.02 -18.73 -6.69
C THR F 7 13.77 -19.99 -7.10
N PRO F 8 14.51 -19.93 -8.23
CA PRO F 8 14.51 -18.75 -9.09
C PRO F 8 13.46 -18.84 -10.21
N LEU F 9 13.38 -17.81 -11.05
CA LEU F 9 12.53 -17.85 -12.24
C LEU F 9 12.86 -19.07 -13.09
N SER F 10 14.15 -19.36 -13.25
CA SER F 10 14.62 -20.36 -14.20
C SER F 10 15.87 -21.00 -13.63
N LEU F 11 16.01 -22.30 -13.80
CA LEU F 11 17.27 -22.96 -13.47
C LEU F 11 17.62 -23.94 -14.58
N SER F 12 18.89 -23.93 -14.98
CA SER F 12 19.39 -24.91 -15.93
C SER F 12 20.25 -25.93 -15.18
N VAL F 13 19.89 -27.19 -15.30
CA VAL F 13 20.48 -28.27 -14.52
C VAL F 13 21.02 -29.32 -15.49
N THR F 14 22.18 -29.88 -15.15
CA THR F 14 22.79 -30.99 -15.87
C THR F 14 22.13 -32.30 -15.45
N PRO F 15 21.85 -33.20 -16.38
CA PRO F 15 21.21 -34.47 -16.01
C PRO F 15 22.05 -35.20 -14.98
N GLY F 16 21.41 -35.58 -13.87
CA GLY F 16 22.07 -36.27 -12.80
C GLY F 16 22.39 -35.37 -11.62
N GLU F 17 22.58 -34.09 -11.86
CA GLU F 17 22.90 -33.21 -10.74
C GLU F 17 21.61 -32.78 -10.04
N PRO F 18 21.66 -32.60 -8.73
CA PRO F 18 20.48 -32.17 -7.98
C PRO F 18 20.02 -30.78 -8.38
N ALA F 19 18.74 -30.53 -8.13
CA ALA F 19 18.15 -29.22 -8.31
C ALA F 19 17.38 -28.84 -7.05
N SER F 20 17.21 -27.53 -6.86
CA SER F 20 16.59 -26.99 -5.65
C SER F 20 15.74 -25.80 -6.04
N ILE F 21 14.45 -25.86 -5.70
CA ILE F 21 13.54 -24.72 -5.90
C ILE F 21 13.06 -24.30 -4.53
N SER F 22 13.01 -23.01 -4.29
CA SER F 22 12.56 -22.54 -3.02
C SER F 22 11.27 -21.72 -3.10
N CYS F 23 10.40 -21.88 -2.13
CA CYS F 23 9.17 -21.13 -2.08
C CYS F 23 9.09 -20.61 -0.71
N ARG F 24 8.78 -19.35 -0.53
CA ARG F 24 8.67 -18.76 0.77
C ARG F 24 7.24 -18.23 0.90
N SER F 25 6.58 -18.30 2.05
CA SER F 25 5.22 -17.79 2.17
C SER F 25 5.12 -16.50 2.91
N SER F 26 4.03 -15.79 2.73
CA SER F 26 3.82 -14.51 3.37
C SER F 26 3.60 -14.64 4.87
N GLN F 27 3.27 -15.83 5.29
CA GLN F 27 3.04 -16.17 6.64
C GLN F 27 3.19 -17.65 6.69
N SER F 28 3.17 -18.21 7.86
CA SER F 28 3.30 -19.63 8.02
C SER F 28 2.12 -20.37 7.52
N LEU F 29 2.39 -21.51 6.96
CA LEU F 29 1.35 -22.35 6.44
C LEU F 29 1.11 -23.50 7.36
N LEU F 30 1.40 -23.30 8.63
CA LEU F 30 1.09 -24.27 9.67
C LEU F 30 -0.34 -24.09 10.13
N HIS F 31 -1.10 -25.17 10.13
CA HIS F 31 -2.45 -25.17 10.66
C HIS F 31 -2.42 -25.58 12.12
N SER F 32 -3.46 -25.23 12.86
CA SER F 32 -3.52 -25.65 14.24
C SER F 32 -3.66 -27.15 14.38
N ASN F 33 -4.04 -27.86 13.31
CA ASN F 33 -4.13 -29.31 13.40
C ASN F 33 -2.79 -30.01 13.23
N GLY F 34 -1.71 -29.26 13.04
CA GLY F 34 -0.40 -29.85 12.94
C GLY F 34 0.06 -30.21 11.55
N HIS F 35 -0.73 -29.94 10.52
CA HIS F 35 -0.32 -30.14 9.14
C HIS F 35 0.15 -28.81 8.55
N THR F 36 1.14 -28.89 7.67
CA THR F 36 1.61 -27.74 6.92
C THR F 36 1.14 -27.88 5.48
N TYR F 37 0.33 -26.92 5.02
CA TYR F 37 -0.47 -27.09 3.80
C TYR F 37 0.16 -26.37 2.61
N VAL F 38 1.32 -26.87 2.18
CA VAL F 38 1.97 -26.39 0.97
C VAL F 38 2.35 -27.63 0.15
N HIS F 39 2.28 -27.48 -1.16
CA HIS F 39 2.38 -28.59 -2.09
C HIS F 39 3.16 -28.12 -3.31
N TRP F 40 3.71 -29.09 -4.04
CA TRP F 40 4.51 -28.84 -5.23
C TRP F 40 3.92 -29.62 -6.40
N TYR F 41 3.78 -28.94 -7.53
CA TYR F 41 3.35 -29.50 -8.80
C TYR F 41 4.43 -29.27 -9.87
N LEU F 42 4.39 -30.14 -10.86
CA LEU F 42 5.12 -29.99 -12.11
C LEU F 42 4.09 -29.93 -13.23
N GLN F 43 4.19 -28.91 -14.08
CA GLN F 43 3.36 -28.78 -15.27
C GLN F 43 4.27 -28.91 -16.50
N LYS F 44 4.06 -29.97 -17.27
CA LYS F 44 4.76 -30.15 -18.53
C LYS F 44 4.05 -29.38 -19.64
N ALA F 45 4.78 -29.13 -20.72
CA ALA F 45 4.28 -28.29 -21.79
C ALA F 45 2.98 -28.86 -22.36
N GLY F 46 1.98 -27.99 -22.51
CA GLY F 46 0.68 -28.41 -23.00
C GLY F 46 0.00 -29.49 -22.20
N GLN F 47 0.21 -29.49 -20.88
CA GLN F 47 -0.23 -30.59 -20.04
C GLN F 47 -0.82 -30.01 -18.76
N SER F 48 -1.56 -30.81 -18.07
CA SER F 48 -2.12 -30.16 -16.89
C SER F 48 -1.23 -30.44 -15.68
N PRO F 49 -1.27 -29.56 -14.68
CA PRO F 49 -0.40 -29.75 -13.51
C PRO F 49 -0.60 -31.10 -12.85
N GLN F 50 0.50 -31.69 -12.39
CA GLN F 50 0.49 -32.99 -11.74
C GLN F 50 1.13 -32.87 -10.36
N LEU F 51 0.42 -33.31 -9.34
CA LEU F 51 0.88 -33.19 -7.95
C LEU F 51 2.12 -34.05 -7.73
N LEU F 52 3.22 -33.44 -7.30
CA LEU F 52 4.42 -34.19 -6.90
C LEU F 52 4.47 -34.38 -5.39
N ILE F 53 4.30 -33.31 -4.63
CA ILE F 53 4.51 -33.36 -3.19
C ILE F 53 3.36 -32.67 -2.48
N TYR F 54 2.77 -33.33 -1.49
CA TYR F 54 1.75 -32.72 -0.65
C TYR F 54 2.22 -32.72 0.79
N GLU F 55 1.74 -31.73 1.54
CA GLU F 55 2.07 -31.56 2.95
C GLU F 55 3.58 -31.65 3.17
N VAL F 56 4.28 -30.69 2.55
CA VAL F 56 5.72 -30.45 2.70
C VAL F 56 6.57 -31.58 2.13
N SER F 57 6.34 -32.81 2.60
CA SER F 57 7.31 -33.89 2.48
C SER F 57 6.80 -35.14 1.80
N ASN F 58 5.48 -35.33 1.71
CA ASN F 58 4.95 -36.59 1.21
C ASN F 58 4.94 -36.62 -0.31
N ARG F 59 5.19 -37.79 -0.86
CA ARG F 59 5.16 -38.02 -2.30
C ARG F 59 3.79 -38.54 -2.71
N ALA F 60 3.22 -37.94 -3.76
CA ALA F 60 1.95 -38.40 -4.31
C ALA F 60 2.11 -39.80 -4.89
N SER F 61 0.98 -40.51 -5.02
CA SER F 61 1.01 -41.95 -5.14
C SER F 61 1.83 -42.43 -6.34
N GLY F 62 2.10 -41.57 -7.33
CA GLY F 62 2.85 -42.04 -8.48
C GLY F 62 4.17 -41.38 -8.79
N VAL F 63 4.77 -40.64 -7.86
CA VAL F 63 5.97 -39.87 -8.14
C VAL F 63 7.18 -40.67 -7.64
N PRO F 64 8.19 -40.90 -8.48
CA PRO F 64 9.37 -41.65 -8.04
C PRO F 64 10.10 -40.97 -6.89
N ASP F 65 10.90 -41.78 -6.17
CA ASP F 65 11.71 -41.28 -5.06
C ASP F 65 12.67 -40.20 -5.51
N ARG F 66 12.78 -40.01 -6.82
CA ARG F 66 13.67 -39.02 -7.41
C ARG F 66 13.30 -37.59 -6.99
N PHE F 67 12.04 -37.34 -6.56
CA PHE F 67 11.57 -36.07 -5.99
C PHE F 67 11.45 -36.11 -4.47
N SER F 68 11.76 -34.99 -3.80
CA SER F 68 11.60 -34.90 -2.35
C SER F 68 11.33 -33.46 -1.94
N GLY F 69 10.70 -33.27 -0.78
CA GLY F 69 10.34 -31.94 -0.32
C GLY F 69 10.67 -31.75 1.15
N SER F 70 11.03 -30.51 1.50
CA SER F 70 11.45 -30.19 2.86
C SER F 70 11.04 -28.77 3.22
N GLY F 71 11.16 -28.43 4.52
CA GLY F 71 11.01 -27.09 5.00
C GLY F 71 10.06 -27.00 6.16
N SER F 72 9.72 -25.81 6.56
CA SER F 72 8.83 -25.64 7.65
C SER F 72 8.49 -24.22 7.88
N GLY F 73 7.42 -23.95 8.60
CA GLY F 73 7.06 -22.59 8.92
C GLY F 73 6.90 -21.92 7.60
N THR F 74 7.79 -20.99 7.31
CA THR F 74 7.70 -20.29 6.06
C THR F 74 8.70 -20.53 4.99
N ASP F 75 9.48 -21.60 5.05
CA ASP F 75 10.48 -21.82 4.01
C ASP F 75 10.53 -23.23 3.62
N PHE F 76 10.19 -23.45 2.36
CA PHE F 76 10.13 -24.76 1.81
C PHE F 76 11.03 -24.88 0.65
N THR F 77 11.39 -26.09 0.36
CA THR F 77 12.32 -26.41 -0.71
C THR F 77 11.87 -27.70 -1.36
N LEU F 78 11.79 -27.68 -2.68
CA LEU F 78 11.66 -28.89 -3.47
C LEU F 78 13.04 -29.25 -3.95
N LYS F 79 13.40 -30.53 -3.79
CA LYS F 79 14.69 -31.06 -4.16
C LYS F 79 14.46 -32.13 -5.21
N ILE F 80 15.28 -32.12 -6.24
CA ILE F 80 15.35 -33.21 -7.18
C ILE F 80 16.73 -33.81 -7.00
N SER F 81 16.77 -35.03 -6.47
CA SER F 81 18.04 -35.70 -6.21
C SER F 81 18.85 -35.80 -7.48
N ARG F 82 18.26 -36.33 -8.54
CA ARG F 82 18.87 -36.33 -9.87
C ARG F 82 17.81 -35.96 -10.89
N VAL F 83 18.08 -34.92 -11.68
CA VAL F 83 17.15 -34.49 -12.72
C VAL F 83 17.26 -35.40 -13.93
N GLU F 84 16.12 -35.79 -14.47
CA GLU F 84 16.04 -36.52 -15.73
C GLU F 84 15.40 -35.62 -16.79
N ALA F 85 15.47 -36.07 -18.05
CA ALA F 85 14.95 -35.26 -19.14
C ALA F 85 13.45 -35.02 -19.01
N GLU F 86 12.70 -36.03 -18.55
CA GLU F 86 11.25 -35.89 -18.44
C GLU F 86 10.82 -34.96 -17.31
N ASP F 87 11.75 -34.49 -16.49
CA ASP F 87 11.43 -33.57 -15.40
C ASP F 87 11.48 -32.12 -15.82
N VAL F 88 11.64 -31.84 -17.12
CA VAL F 88 11.64 -30.46 -17.61
C VAL F 88 10.22 -29.91 -17.54
N GLY F 89 10.10 -28.61 -17.29
CA GLY F 89 8.77 -28.03 -17.22
C GLY F 89 8.71 -26.95 -16.17
N VAL F 90 7.52 -26.57 -15.74
CA VAL F 90 7.36 -25.48 -14.77
C VAL F 90 6.84 -26.05 -13.45
N TYR F 91 7.58 -25.78 -12.37
CA TYR F 91 7.21 -26.23 -11.04
C TYR F 91 6.54 -25.10 -10.29
N TYR F 92 5.49 -25.44 -9.52
CA TYR F 92 4.74 -24.49 -8.72
C TYR F 92 4.63 -24.99 -7.29
N CYS F 93 4.68 -24.06 -6.35
CA CYS F 93 4.23 -24.32 -4.99
C CYS F 93 2.83 -23.74 -4.82
N GLU F 94 2.09 -24.30 -3.87
CA GLU F 94 0.72 -23.88 -3.63
C GLU F 94 0.40 -24.07 -2.16
N GLN F 95 -0.31 -23.12 -1.57
CA GLN F 95 -0.80 -23.27 -0.20
C GLN F 95 -2.31 -23.50 -0.22
N THR F 96 -2.77 -24.43 0.62
CA THR F 96 -4.20 -24.63 0.82
C THR F 96 -4.59 -24.38 2.28
N LEU F 97 -3.79 -23.56 2.98
CA LEU F 97 -4.13 -23.19 4.35
C LEU F 97 -5.28 -22.20 4.39
N GLN F 98 -5.25 -21.18 3.52
CA GLN F 98 -6.21 -20.09 3.57
C GLN F 98 -6.84 -19.84 2.21
N ILE F 99 -8.05 -19.30 2.24
CA ILE F 99 -8.79 -18.85 1.07
C ILE F 99 -8.37 -17.40 0.82
N PRO F 100 -8.03 -17.00 -0.41
CA PRO F 100 -7.94 -17.88 -1.59
C PRO F 100 -6.66 -18.71 -1.62
N PHE F 101 -6.72 -19.90 -2.20
CA PHE F 101 -5.49 -20.66 -2.44
C PHE F 101 -4.61 -19.91 -3.43
N THR F 102 -3.30 -19.89 -3.16
CA THR F 102 -2.39 -19.11 -3.95
C THR F 102 -1.20 -19.97 -4.39
N PHE F 103 -0.72 -19.68 -5.59
CA PHE F 103 0.40 -20.36 -6.20
C PHE F 103 1.59 -19.42 -6.24
N GLY F 104 2.78 -20.01 -6.23
CA GLY F 104 3.98 -19.27 -6.58
C GLY F 104 4.03 -19.00 -8.07
N GLY F 105 4.93 -18.10 -8.44
CA GLY F 105 5.02 -17.65 -9.82
C GLY F 105 5.52 -18.69 -10.79
N GLY F 106 6.07 -19.80 -10.31
CA GLY F 106 6.55 -20.85 -11.19
C GLY F 106 8.05 -20.80 -11.42
N THR F 107 8.70 -21.95 -11.51
CA THR F 107 10.11 -22.05 -11.82
C THR F 107 10.28 -22.96 -13.04
N LYS F 108 10.81 -22.40 -14.13
CA LYS F 108 11.08 -23.16 -15.34
C LYS F 108 12.38 -23.96 -15.17
N VAL F 109 12.29 -25.28 -15.29
CA VAL F 109 13.42 -26.19 -15.16
C VAL F 109 13.74 -26.73 -16.54
N GLU F 110 15.00 -26.54 -16.96
CA GLU F 110 15.55 -26.88 -18.27
C GLU F 110 16.82 -27.70 -18.13
N ILE F 111 17.24 -28.33 -19.23
CA ILE F 111 18.42 -29.19 -19.29
C ILE F 111 19.62 -28.38 -19.76
N LYS F 112 20.75 -28.55 -19.09
CA LYS F 112 21.99 -27.91 -19.50
C LYS F 112 22.64 -28.65 -20.66
N ARG F 113 23.21 -27.90 -21.59
CA ARG F 113 24.00 -28.47 -22.68
C ARG F 113 25.00 -27.42 -23.15
N THR F 114 25.93 -27.86 -23.99
CA THR F 114 26.94 -26.94 -24.51
C THR F 114 26.26 -25.80 -25.29
N VAL F 115 26.84 -24.61 -25.19
CA VAL F 115 26.34 -23.47 -25.94
C VAL F 115 26.30 -23.81 -27.42
N ALA F 116 25.18 -23.52 -28.06
CA ALA F 116 24.97 -23.81 -29.48
C ALA F 116 24.47 -22.56 -30.18
N ALA F 117 25.19 -22.11 -31.18
CA ALA F 117 24.78 -20.93 -31.94
C ALA F 117 23.65 -21.28 -32.91
N PRO F 118 22.78 -20.32 -33.23
CA PRO F 118 21.65 -20.61 -34.10
C PRO F 118 22.04 -20.70 -35.57
N SER F 119 21.33 -21.56 -36.29
CA SER F 119 21.34 -21.46 -37.75
C SER F 119 20.23 -20.48 -38.15
N VAL F 120 20.60 -19.46 -38.90
CA VAL F 120 19.70 -18.34 -39.21
C VAL F 120 19.24 -18.41 -40.65
N PHE F 121 17.95 -18.18 -40.86
CA PHE F 121 17.35 -18.16 -42.19
C PHE F 121 16.35 -17.01 -42.31
N ILE F 122 16.34 -16.32 -43.45
CA ILE F 122 15.33 -15.29 -43.71
C ILE F 122 14.46 -15.75 -44.88
N PHE F 123 13.16 -15.50 -44.79
CA PHE F 123 12.18 -15.97 -45.77
C PHE F 123 11.46 -14.80 -46.43
N PRO F 124 11.67 -14.55 -47.73
CA PRO F 124 10.90 -13.50 -48.38
C PRO F 124 9.48 -13.86 -48.45
N PRO F 125 8.54 -12.90 -48.46
CA PRO F 125 7.11 -13.21 -48.60
C PRO F 125 6.78 -13.68 -50.00
N SER F 126 5.89 -14.67 -50.09
CA SER F 126 5.42 -15.12 -51.39
C SER F 126 4.51 -14.07 -52.05
N GLU F 127 4.32 -14.24 -53.35
CA GLU F 127 3.46 -13.36 -54.15
C GLU F 127 2.01 -13.25 -53.68
N ASP F 128 1.36 -14.37 -53.39
CA ASP F 128 0.10 -14.30 -52.66
C ASP F 128 0.04 -13.21 -51.59
N GLN F 129 1.02 -13.25 -50.69
CA GLN F 129 1.02 -12.35 -49.56
C GLN F 129 1.07 -10.91 -50.03
N VAL F 130 1.83 -10.65 -51.10
CA VAL F 130 1.91 -9.30 -51.61
C VAL F 130 0.56 -8.84 -52.13
N LYS F 131 -0.20 -9.73 -52.80
CA LYS F 131 -1.49 -9.26 -53.34
C LYS F 131 -2.56 -9.10 -52.28
N SER F 132 -2.47 -9.81 -51.16
CA SER F 132 -3.54 -9.68 -50.17
C SER F 132 -3.51 -8.33 -49.43
N GLY F 133 -2.43 -7.55 -49.52
CA GLY F 133 -2.38 -6.22 -48.92
C GLY F 133 -1.49 -6.06 -47.70
N THR F 134 -1.08 -7.16 -47.05
CA THR F 134 -0.11 -7.07 -45.96
C THR F 134 0.92 -8.17 -46.14
N VAL F 135 2.14 -7.91 -45.70
CA VAL F 135 3.27 -8.79 -45.98
C VAL F 135 3.96 -9.12 -44.67
N SER F 136 4.41 -10.37 -44.56
CA SER F 136 5.15 -10.87 -43.41
C SER F 136 6.48 -11.43 -43.87
N VAL F 137 7.56 -10.94 -43.26
CA VAL F 137 8.92 -11.43 -43.46
C VAL F 137 9.32 -12.22 -42.21
N VAL F 138 9.73 -13.47 -42.39
CA VAL F 138 10.00 -14.35 -41.26
C VAL F 138 11.51 -14.60 -41.19
N CYS F 139 12.06 -14.48 -39.98
CA CYS F 139 13.45 -14.82 -39.70
C CYS F 139 13.46 -15.95 -38.67
N LEU F 140 14.15 -17.03 -39.00
CA LEU F 140 14.21 -18.24 -38.19
C LEU F 140 15.59 -18.37 -37.56
N LEU F 141 15.62 -18.58 -36.23
CA LEU F 141 16.81 -18.98 -35.50
C LEU F 141 16.57 -20.42 -35.05
N ASN F 142 17.34 -21.36 -35.56
CA ASN F 142 17.05 -22.77 -35.39
C ASN F 142 18.12 -23.41 -34.52
N ASN F 143 17.68 -24.16 -33.50
CA ASN F 143 18.50 -25.10 -32.73
C ASN F 143 19.69 -24.45 -32.03
N PHE F 144 19.39 -23.54 -31.11
CA PHE F 144 20.42 -22.83 -30.35
C PHE F 144 20.22 -23.03 -28.86
N TYR F 145 21.30 -22.80 -28.09
CA TYR F 145 21.31 -22.88 -26.62
C TYR F 145 22.41 -21.97 -26.11
N PRO F 146 22.16 -21.18 -25.04
CA PRO F 146 20.87 -21.12 -24.35
C PRO F 146 19.80 -20.29 -25.09
N ARG F 147 18.68 -20.05 -24.41
CA ARG F 147 17.46 -19.58 -25.03
C ARG F 147 17.46 -18.09 -25.36
N GLU F 148 18.23 -17.30 -24.63
CA GLU F 148 18.30 -15.86 -24.90
C GLU F 148 18.99 -15.60 -26.23
N ALA F 149 18.37 -14.75 -27.06
CA ALA F 149 18.95 -14.37 -28.34
C ALA F 149 18.27 -13.09 -28.78
N SER F 150 18.98 -12.28 -29.57
CA SER F 150 18.44 -11.01 -30.03
C SER F 150 18.40 -10.96 -31.55
N VAL F 151 17.31 -10.40 -32.09
CA VAL F 151 17.08 -10.20 -33.51
C VAL F 151 16.74 -8.73 -33.77
N LYS F 152 17.48 -8.07 -34.67
CA LYS F 152 17.07 -6.77 -35.17
C LYS F 152 16.70 -6.85 -36.65
N TRP F 153 15.66 -6.14 -37.03
CA TRP F 153 15.23 -6.04 -38.42
C TRP F 153 15.77 -4.77 -39.05
N LYS F 154 16.38 -4.91 -40.23
CA LYS F 154 16.93 -3.80 -40.99
C LYS F 154 16.24 -3.71 -42.34
N VAL F 155 15.72 -2.54 -42.67
CA VAL F 155 15.08 -2.29 -43.96
C VAL F 155 15.83 -1.16 -44.65
N ASP F 156 16.41 -1.46 -45.82
CA ASP F 156 17.27 -0.52 -46.53
C ASP F 156 18.38 -0.01 -45.62
N GLY F 157 18.97 -0.92 -44.85
CA GLY F 157 20.05 -0.58 -43.94
C GLY F 157 19.64 0.13 -42.67
N ALA F 158 18.41 0.59 -42.57
CA ALA F 158 17.94 1.28 -41.38
C ALA F 158 17.23 0.30 -40.48
N LEU F 159 17.52 0.39 -39.18
CA LEU F 159 16.87 -0.47 -38.20
C LEU F 159 15.38 -0.18 -38.13
N LYS F 160 14.57 -1.24 -38.12
CA LYS F 160 13.12 -1.15 -38.21
C LYS F 160 12.54 -1.71 -36.92
N THR F 161 12.07 -0.79 -36.10
CA THR F 161 11.47 -1.09 -34.82
C THR F 161 9.96 -1.11 -34.89
N GLY F 162 9.36 -1.86 -33.97
CA GLY F 162 7.94 -2.06 -34.02
C GLY F 162 7.59 -2.91 -35.22
N ASN F 163 6.33 -3.32 -35.33
CA ASN F 163 5.83 -4.13 -36.45
C ASN F 163 6.48 -5.52 -36.49
N SER F 164 7.10 -5.97 -35.40
CA SER F 164 7.68 -7.30 -35.35
C SER F 164 7.25 -8.01 -34.07
N GLN F 165 7.03 -9.32 -34.18
CA GLN F 165 6.69 -10.18 -33.06
C GLN F 165 7.58 -11.42 -33.09
N GLU F 166 7.92 -11.91 -31.89
CA GLU F 166 8.76 -13.09 -31.71
C GLU F 166 8.00 -14.23 -31.06
N SER F 167 8.47 -15.44 -31.30
CA SER F 167 7.90 -16.63 -30.68
C SER F 167 8.97 -17.71 -30.54
N VAL F 168 8.94 -18.45 -29.42
CA VAL F 168 9.99 -19.41 -29.08
C VAL F 168 9.35 -20.76 -28.75
N THR F 169 9.95 -21.83 -29.26
CA THR F 169 9.50 -23.18 -28.93
C THR F 169 9.94 -23.58 -27.52
N GLU F 170 9.31 -24.65 -27.01
CA GLU F 170 9.82 -25.30 -25.82
C GLU F 170 11.14 -26.00 -26.14
N GLN F 171 11.89 -26.33 -25.08
CA GLN F 171 13.16 -27.00 -25.28
C GLN F 171 12.96 -28.33 -26.00
N ASP F 172 13.72 -28.53 -27.07
CA ASP F 172 13.67 -29.78 -27.83
C ASP F 172 14.21 -30.92 -26.97
N SER F 173 13.45 -32.00 -26.86
CA SER F 173 13.86 -33.10 -25.98
C SER F 173 15.02 -33.91 -26.55
N LYS F 174 15.22 -33.89 -27.87
CA LYS F 174 16.29 -34.67 -28.47
C LYS F 174 17.65 -34.00 -28.26
N ASP F 175 17.77 -32.72 -28.63
CA ASP F 175 19.05 -32.04 -28.64
C ASP F 175 19.14 -30.93 -27.61
N ASN F 176 18.09 -30.72 -26.82
CA ASN F 176 18.07 -29.75 -25.73
C ASN F 176 18.22 -28.31 -26.24
N THR F 177 17.78 -28.03 -27.47
CA THR F 177 17.90 -26.71 -28.06
C THR F 177 16.54 -26.02 -28.13
N TYR F 178 16.57 -24.75 -28.53
CA TYR F 178 15.41 -23.92 -28.75
C TYR F 178 15.44 -23.38 -30.18
N SER F 179 14.27 -23.01 -30.68
CA SER F 179 14.16 -22.28 -31.92
C SER F 179 13.26 -21.07 -31.71
N LEU F 180 13.43 -20.07 -32.55
CA LEU F 180 12.73 -18.79 -32.45
C LEU F 180 12.36 -18.33 -33.84
N SER F 181 11.17 -17.76 -33.97
CA SER F 181 10.73 -17.11 -35.19
C SER F 181 10.44 -15.65 -34.88
N SER F 182 10.93 -14.75 -35.73
CA SER F 182 10.58 -13.34 -35.69
C SER F 182 9.88 -12.97 -36.98
N THR F 183 8.67 -12.47 -36.87
CA THR F 183 7.90 -12.03 -38.02
C THR F 183 7.84 -10.51 -38.02
N LEU F 184 8.40 -9.89 -39.05
CA LEU F 184 8.25 -8.46 -39.30
C LEU F 184 7.10 -8.29 -40.29
N THR F 185 6.06 -7.59 -39.86
CA THR F 185 4.85 -7.41 -40.66
C THR F 185 4.72 -5.95 -41.08
N LEU F 186 4.58 -5.73 -42.38
CA LEU F 186 4.42 -4.40 -42.95
C LEU F 186 3.26 -4.42 -43.93
N SER F 187 2.73 -3.25 -44.23
CA SER F 187 1.76 -3.16 -45.32
C SER F 187 2.47 -3.35 -46.66
N SER F 188 1.71 -3.79 -47.65
CA SER F 188 2.29 -4.02 -48.97
C SER F 188 2.90 -2.75 -49.56
N THR F 189 2.27 -1.60 -49.33
CA THR F 189 2.78 -0.33 -49.83
C THR F 189 4.20 -0.05 -49.32
N GLU F 190 4.36 0.13 -48.00
CA GLU F 190 5.69 0.20 -47.39
C GLU F 190 6.62 -0.93 -47.81
N TYR F 191 6.11 -2.15 -47.90
CA TYR F 191 7.00 -3.25 -48.25
C TYR F 191 7.63 -3.01 -49.61
N GLN F 192 6.84 -2.58 -50.59
CA GLN F 192 7.41 -2.30 -51.89
C GLN F 192 8.18 -0.98 -51.94
N SER F 193 8.09 -0.11 -50.94
CA SER F 193 8.84 1.13 -50.94
C SER F 193 10.32 0.94 -50.61
N HIS F 194 10.76 -0.28 -50.30
CA HIS F 194 12.13 -0.53 -49.90
C HIS F 194 12.59 -1.82 -50.57
N LYS F 195 13.89 -2.01 -50.58
CA LYS F 195 14.48 -3.09 -51.36
C LYS F 195 15.26 -4.11 -50.54
N VAL F 196 16.08 -3.70 -49.60
CA VAL F 196 16.90 -4.64 -48.84
C VAL F 196 16.25 -4.91 -47.50
N TYR F 197 16.03 -6.19 -47.19
CA TYR F 197 15.46 -6.60 -45.91
C TYR F 197 16.45 -7.55 -45.25
N ALA F 198 16.68 -7.35 -43.95
CA ALA F 198 17.70 -8.13 -43.25
C ALA F 198 17.24 -8.38 -41.83
N CYS F 199 17.58 -9.56 -41.32
CA CYS F 199 17.51 -9.82 -39.89
C CYS F 199 18.93 -10.09 -39.39
N GLU F 200 19.29 -9.42 -38.31
CA GLU F 200 20.59 -9.49 -37.68
C GLU F 200 20.44 -10.19 -36.34
N VAL F 201 21.26 -11.20 -36.10
CA VAL F 201 21.12 -12.12 -34.99
C VAL F 201 22.36 -12.01 -34.12
N THR F 202 22.13 -11.89 -32.82
CA THR F 202 23.19 -11.93 -31.83
C THR F 202 22.86 -13.04 -30.82
N HIS F 203 23.91 -13.75 -30.39
CA HIS F 203 23.79 -14.87 -29.49
C HIS F 203 25.17 -15.18 -28.93
N GLN F 204 25.19 -15.64 -27.68
CA GLN F 204 26.45 -15.86 -26.97
C GLN F 204 27.31 -16.93 -27.64
N GLY F 205 26.72 -17.84 -28.40
CA GLY F 205 27.48 -18.79 -29.18
C GLY F 205 28.06 -18.26 -30.48
N LEU F 206 27.70 -17.05 -30.87
CA LEU F 206 28.23 -16.43 -32.07
C LEU F 206 29.43 -15.56 -31.71
N SER F 207 30.47 -15.68 -32.53
CA SER F 207 31.66 -14.84 -32.41
C SER F 207 31.42 -13.45 -32.97
N SER F 208 30.36 -13.28 -33.77
CA SER F 208 30.03 -12.04 -34.44
C SER F 208 28.55 -12.11 -34.81
N PRO F 209 27.90 -10.96 -34.98
CA PRO F 209 26.49 -10.98 -35.43
C PRO F 209 26.36 -11.66 -36.79
N VAL F 210 25.25 -12.37 -36.98
CA VAL F 210 24.95 -13.03 -38.25
C VAL F 210 23.80 -12.29 -38.90
N THR F 211 24.00 -11.80 -40.12
CA THR F 211 22.95 -11.07 -40.82
C THR F 211 22.52 -11.85 -42.07
N LYS F 212 21.23 -12.10 -42.18
CA LYS F 212 20.66 -12.72 -43.37
C LYS F 212 19.77 -11.70 -44.05
N SER F 213 19.94 -11.57 -45.36
CA SER F 213 19.24 -10.52 -46.06
C SER F 213 18.71 -11.04 -47.37
N PHE F 214 17.73 -10.33 -47.91
CA PHE F 214 17.35 -10.57 -49.30
C PHE F 214 16.98 -9.25 -49.94
N ASN F 215 17.06 -9.31 -51.26
CA ASN F 215 16.66 -8.25 -52.23
C ASN F 215 15.24 -8.47 -52.74
N ARG F 216 14.36 -7.51 -52.51
CA ARG F 216 13.00 -7.60 -53.00
C ARG F 216 12.94 -7.52 -54.52
N GLY F 217 12.50 -8.59 -55.16
CA GLY F 217 12.44 -8.63 -56.59
C GLY F 217 13.74 -9.04 -57.25
N GLN G 1 2.50 10.24 45.91
CA GLN G 1 3.73 9.48 46.16
C GLN G 1 4.78 9.73 45.08
N VAL G 2 4.86 8.89 44.05
CA VAL G 2 5.90 9.02 43.05
C VAL G 2 5.57 10.14 42.06
N GLN G 3 6.59 10.95 41.77
CA GLN G 3 6.49 12.10 40.86
C GLN G 3 7.60 12.00 39.83
N LEU G 4 7.28 12.33 38.57
CA LEU G 4 8.25 12.27 37.48
C LEU G 4 8.61 13.69 37.06
N GLN G 5 9.91 14.03 37.11
CA GLN G 5 10.38 15.39 36.89
C GLN G 5 11.22 15.42 35.61
N GLU G 6 10.68 16.01 34.56
CA GLU G 6 11.36 16.02 33.28
C GLU G 6 12.32 17.20 33.19
N SER G 7 13.35 17.02 32.38
CA SER G 7 14.29 18.10 32.14
C SER G 7 14.96 17.88 30.81
N GLY G 8 15.43 18.99 30.22
CA GLY G 8 16.21 18.93 29.02
C GLY G 8 16.30 20.30 28.38
N PRO G 9 17.19 20.45 27.41
CA PRO G 9 17.22 21.69 26.64
C PRO G 9 15.92 21.86 25.88
N GLY G 10 15.47 23.11 25.77
CA GLY G 10 14.28 23.38 24.99
C GLY G 10 14.54 23.46 23.52
N VAL G 11 15.75 23.84 23.12
CA VAL G 11 16.10 24.06 21.73
C VAL G 11 17.27 23.16 21.34
N VAL G 12 17.10 22.40 20.26
CA VAL G 12 18.14 21.56 19.68
C VAL G 12 18.34 21.99 18.23
N LYS G 13 19.59 22.22 17.83
CA LYS G 13 19.83 22.56 16.44
C LYS G 13 19.66 21.32 15.56
N PRO G 14 19.17 21.49 14.32
CA PRO G 14 18.94 20.33 13.45
C PRO G 14 20.19 19.48 13.24
N SER G 15 19.97 18.16 13.11
CA SER G 15 20.95 17.10 12.93
C SER G 15 21.68 16.78 14.22
N GLU G 16 21.51 17.56 15.28
CA GLU G 16 22.14 17.28 16.56
C GLU G 16 21.26 16.34 17.37
N THR G 17 21.63 16.11 18.62
CA THR G 17 20.98 15.11 19.46
C THR G 17 20.11 15.77 20.52
N LEU G 18 18.85 15.35 20.61
CA LEU G 18 17.97 15.72 21.70
C LEU G 18 18.20 14.75 22.84
N SER G 19 18.34 15.27 24.07
CA SER G 19 18.54 14.45 25.26
C SER G 19 17.65 14.98 26.37
N LEU G 20 16.80 14.10 26.91
CA LEU G 20 15.91 14.44 28.00
C LEU G 20 16.11 13.45 29.14
N THR G 21 15.91 13.94 30.37
CA THR G 21 15.96 13.11 31.55
C THR G 21 14.63 13.23 32.28
N CYS G 22 14.28 12.19 33.02
CA CYS G 22 13.06 12.09 33.80
C CYS G 22 13.51 11.61 35.17
N GLY G 23 13.61 12.52 36.13
CA GLY G 23 14.01 12.16 37.47
C GLY G 23 12.85 11.58 38.26
N VAL G 24 13.18 10.65 39.15
CA VAL G 24 12.17 9.91 39.91
C VAL G 24 12.17 10.45 41.32
N SER G 25 11.19 11.30 41.63
CA SER G 25 11.02 11.86 42.95
C SER G 25 10.09 10.98 43.76
N GLY G 26 10.53 10.54 44.92
CA GLY G 26 9.68 9.78 45.81
C GLY G 26 9.63 8.28 45.59
N GLY G 27 10.71 7.69 45.12
CA GLY G 27 10.72 6.27 44.83
C GLY G 27 11.97 5.91 44.06
N THR G 28 12.07 4.64 43.71
CA THR G 28 13.24 4.16 42.99
C THR G 28 12.84 3.68 41.60
N ILE G 29 13.73 3.90 40.64
CA ILE G 29 13.47 3.49 39.27
C ILE G 29 13.45 1.97 39.14
N SER G 30 14.00 1.26 40.12
CA SER G 30 14.18 -0.18 40.04
C SER G 30 12.98 -0.97 40.56
N SER G 31 11.84 -0.32 40.78
CA SER G 31 10.68 -1.02 41.29
C SER G 31 10.13 -1.98 40.25
N SER G 32 9.81 -3.20 40.70
CA SER G 32 9.35 -4.22 39.79
C SER G 32 7.89 -3.98 39.42
N HIS G 33 7.46 -4.62 38.33
CA HIS G 33 6.10 -4.57 37.78
C HIS G 33 5.74 -3.22 37.16
N PHE G 34 6.73 -2.46 36.67
CA PHE G 34 6.46 -1.19 36.01
C PHE G 34 7.09 -1.15 34.62
N TYR G 35 6.39 -0.50 33.71
CA TYR G 35 6.86 -0.20 32.37
C TYR G 35 7.10 1.30 32.27
N TRP G 36 8.21 1.71 31.64
CA TRP G 36 8.57 3.11 31.53
C TRP G 36 8.62 3.48 30.06
N SER G 37 7.93 4.54 29.67
CA SER G 37 7.79 4.93 28.27
C SER G 37 8.09 6.40 28.08
N TRP G 38 8.49 6.73 26.86
CA TRP G 38 8.52 8.09 26.36
C TRP G 38 7.47 8.23 25.27
N ILE G 39 6.63 9.26 25.38
CA ILE G 39 5.56 9.55 24.42
C ILE G 39 5.70 11.01 24.00
N ARG G 40 5.44 11.31 22.74
CA ARG G 40 5.60 12.67 22.24
C ARG G 40 4.32 13.22 21.63
N GLN G 41 4.23 14.55 21.57
CA GLN G 41 3.06 15.23 21.00
C GLN G 41 3.50 16.48 20.25
N PRO G 42 3.53 16.47 18.93
CA PRO G 42 3.79 17.70 18.20
C PRO G 42 2.66 18.69 18.44
N PRO G 43 2.93 20.01 18.35
CA PRO G 43 1.90 21.00 18.68
C PRO G 43 0.61 20.76 17.92
N GLY G 44 -0.46 20.48 18.66
CA GLY G 44 -1.76 20.20 18.09
C GLY G 44 -1.91 18.93 17.27
N LYS G 45 -1.17 17.84 17.58
CA LYS G 45 -1.28 16.68 16.69
C LYS G 45 -1.40 15.33 17.41
N GLY G 46 -1.81 15.27 18.65
CA GLY G 46 -1.93 13.92 19.21
C GLY G 46 -0.65 13.14 19.52
N LEU G 47 -0.82 12.00 20.16
CA LEU G 47 0.27 11.30 20.85
C LEU G 47 0.93 10.19 20.03
N GLU G 48 2.25 10.15 20.07
CA GLU G 48 3.04 9.10 19.44
C GLU G 48 3.93 8.45 20.49
N TRP G 49 3.86 7.12 20.58
CA TRP G 49 4.68 6.38 21.53
C TRP G 49 6.06 6.13 20.92
N ILE G 50 7.10 6.53 21.66
CA ILE G 50 8.47 6.48 21.14
C ILE G 50 9.13 5.15 21.46
N GLY G 51 8.97 4.69 22.68
CA GLY G 51 9.67 3.52 23.16
C GLY G 51 9.45 3.41 24.65
N GLY G 52 9.84 2.25 25.17
CA GLY G 52 9.70 1.98 26.58
C GLY G 52 10.56 0.80 26.98
N LEU G 53 10.56 0.52 28.27
CA LEU G 53 11.35 -0.59 28.80
C LEU G 53 10.65 -1.14 30.03
N TYR G 54 10.71 -2.46 30.16
CA TYR G 54 10.08 -3.20 31.25
C TYR G 54 11.14 -3.54 32.29
N ILE G 55 10.85 -3.26 33.56
CA ILE G 55 11.86 -3.42 34.62
C ILE G 55 12.17 -4.90 34.86
N ASN G 56 11.15 -5.76 34.88
CA ASN G 56 11.37 -7.14 35.33
C ASN G 56 12.39 -7.87 34.47
N ASP G 57 12.39 -7.62 33.16
CA ASP G 57 13.28 -8.33 32.27
C ASP G 57 14.29 -7.42 31.56
N GLU G 58 14.30 -6.12 31.87
CA GLU G 58 15.12 -5.12 31.16
C GLU G 58 14.99 -5.27 29.66
N ARG G 59 13.78 -5.53 29.18
CA ARG G 59 13.54 -5.53 27.74
C ARG G 59 13.14 -4.11 27.32
N ILE G 60 13.74 -3.66 26.23
CA ILE G 60 13.52 -2.33 25.68
C ILE G 60 12.86 -2.49 24.32
N ASN G 61 11.78 -1.76 24.10
CA ASN G 61 11.06 -1.75 22.84
C ASN G 61 11.08 -0.34 22.27
N TYR G 62 11.29 -0.25 20.98
CA TYR G 62 11.29 1.04 20.32
C TYR G 62 10.27 1.03 19.18
N ASN G 63 9.78 2.21 18.86
CA ASN G 63 8.90 2.36 17.71
C ASN G 63 9.71 2.16 16.44
N PRO G 64 9.32 1.24 15.56
CA PRO G 64 10.11 1.00 14.34
C PRO G 64 10.33 2.23 13.51
N SER G 65 9.39 3.18 13.53
CA SER G 65 9.57 4.39 12.75
C SER G 65 10.69 5.26 13.30
N LEU G 66 11.09 5.05 14.55
CA LEU G 66 12.20 5.77 15.13
C LEU G 66 13.32 4.88 15.61
N GLU G 67 13.08 3.58 15.87
CA GLU G 67 14.07 2.82 16.63
C GLU G 67 15.49 2.90 16.13
N SER G 68 15.70 3.31 14.86
CA SER G 68 17.08 3.61 14.41
C SER G 68 17.72 4.73 15.25
N ARG G 69 16.94 5.77 15.61
CA ARG G 69 17.48 7.04 16.14
C ARG G 69 17.39 7.21 17.65
N VAL G 70 16.63 6.36 18.35
CA VAL G 70 16.30 6.58 19.74
C VAL G 70 17.09 5.63 20.63
N THR G 71 17.48 6.14 21.79
CA THR G 71 18.06 5.36 22.88
C THR G 71 17.29 5.68 24.14
N ILE G 72 16.75 4.65 24.78
CA ILE G 72 16.09 4.80 26.06
C ILE G 72 16.86 3.99 27.10
N SER G 73 17.13 4.62 28.24
CA SER G 73 17.90 3.94 29.28
C SER G 73 17.32 4.25 30.66
N LYS G 74 17.50 3.29 31.56
CA LYS G 74 17.35 3.48 32.99
C LYS G 74 18.73 3.68 33.61
N ASP G 75 18.82 4.62 34.55
CA ASP G 75 20.06 4.98 35.23
C ASP G 75 19.85 4.82 36.73
N THR G 76 20.18 3.64 37.24
CA THR G 76 20.08 3.37 38.67
C THR G 76 21.02 4.26 39.48
N SER G 77 22.18 4.63 38.91
CA SER G 77 23.12 5.47 39.65
C SER G 77 22.50 6.82 40.01
N GLN G 78 21.66 7.36 39.13
CA GLN G 78 21.09 8.69 39.33
C GLN G 78 19.59 8.66 39.59
N ASN G 79 18.99 7.48 39.72
CA ASN G 79 17.53 7.34 39.87
C ASN G 79 16.81 8.09 38.74
N GLN G 80 17.20 7.79 37.50
CA GLN G 80 16.79 8.61 36.36
C GLN G 80 16.37 7.72 35.19
N PHE G 81 15.47 8.24 34.36
CA PHE G 81 15.02 7.57 33.15
C PHE G 81 15.34 8.52 32.00
N ALA G 82 16.01 8.03 30.95
CA ALA G 82 16.62 8.92 29.97
C ALA G 82 16.23 8.56 28.55
N LEU G 83 16.16 9.61 27.71
CA LEU G 83 15.88 9.48 26.29
C LEU G 83 16.88 10.29 25.47
N LYS G 84 17.38 9.68 24.40
CA LYS G 84 18.24 10.36 23.45
C LYS G 84 17.73 10.08 22.05
N LEU G 85 17.67 11.11 21.22
CA LEU G 85 17.19 10.96 19.84
C LEU G 85 18.13 11.73 18.93
N THR G 86 18.79 11.02 18.01
CA THR G 86 19.84 11.62 17.18
C THR G 86 19.27 12.18 15.89
N SER G 87 20.06 13.06 15.26
CA SER G 87 19.78 13.59 13.91
C SER G 87 18.37 14.18 13.84
N VAL G 88 18.08 15.09 14.77
CA VAL G 88 16.72 15.60 14.91
C VAL G 88 16.39 16.55 13.76
N THR G 89 15.10 16.61 13.43
CA THR G 89 14.58 17.54 12.45
C THR G 89 13.40 18.27 13.09
N ALA G 90 12.87 19.25 12.36
CA ALA G 90 11.67 19.95 12.79
C ALA G 90 10.54 18.99 13.11
N ALA G 91 10.53 17.79 12.50
CA ALA G 91 9.50 16.82 12.79
C ALA G 91 9.57 16.32 14.23
N ASP G 92 10.70 16.51 14.90
CA ASP G 92 10.84 16.11 16.30
C ASP G 92 10.50 17.22 17.28
N THR G 93 10.10 18.40 16.79
CA THR G 93 9.61 19.43 17.70
C THR G 93 8.30 18.94 18.31
N ALA G 94 8.24 18.86 19.62
CA ALA G 94 7.06 18.29 20.28
C ALA G 94 7.20 18.51 21.77
N VAL G 95 6.14 18.23 22.50
CA VAL G 95 6.25 18.07 23.93
C VAL G 95 6.49 16.60 24.23
N TYR G 96 7.49 16.32 25.05
CA TYR G 96 7.89 14.97 25.38
C TYR G 96 7.48 14.66 26.82
N TYR G 97 6.83 13.50 27.00
CA TYR G 97 6.36 12.99 28.27
C TYR G 97 7.09 11.68 28.58
N CYS G 98 7.49 11.51 29.84
CA CYS G 98 7.83 10.20 30.37
C CYS G 98 6.64 9.70 31.18
N VAL G 99 6.44 8.37 31.15
CA VAL G 99 5.32 7.74 31.83
C VAL G 99 5.79 6.47 32.52
N ARG G 100 5.28 6.24 33.73
CA ARG G 100 5.43 4.96 34.42
C ARG G 100 4.06 4.31 34.54
N GLU G 101 3.94 3.08 34.06
CA GLU G 101 2.68 2.37 33.97
C GLU G 101 2.78 1.04 34.71
N PRO G 102 1.79 0.76 35.60
CA PRO G 102 1.88 -0.59 36.19
C PRO G 102 1.57 -1.64 35.13
N VAL G 103 2.35 -2.69 35.09
CA VAL G 103 2.23 -3.78 34.16
C VAL G 103 0.98 -4.64 34.44
N ILE G 104 0.61 -4.66 35.70
CA ILE G 104 -0.55 -5.35 36.26
C ILE G 104 -1.22 -4.46 37.27
N ALA G 105 -2.52 -4.62 37.44
CA ALA G 105 -3.28 -3.78 38.37
C ALA G 105 -2.82 -3.95 39.82
N ALA G 106 -2.21 -5.09 40.16
CA ALA G 106 -1.71 -5.29 41.51
C ALA G 106 -0.62 -4.28 41.87
N ALA G 107 0.19 -3.88 40.90
CA ALA G 107 1.24 -2.90 41.15
C ALA G 107 0.73 -1.48 41.20
N GLY G 108 -0.47 -1.22 40.68
CA GLY G 108 -1.05 0.10 40.73
C GLY G 108 -2.30 0.22 39.88
N THR G 109 -3.25 1.03 40.31
CA THR G 109 -4.48 1.27 39.57
C THR G 109 -4.45 2.61 38.85
N VAL G 110 -3.27 3.23 38.74
CA VAL G 110 -3.07 4.46 37.97
C VAL G 110 -1.63 4.48 37.48
N ASP G 111 -1.42 5.11 36.32
CA ASP G 111 -0.07 5.36 35.85
C ASP G 111 0.42 6.71 36.38
N VAL G 112 1.66 7.07 36.04
CA VAL G 112 2.22 8.36 36.44
C VAL G 112 2.90 8.98 35.23
N TRP G 113 2.57 10.24 34.97
CA TRP G 113 3.10 11.01 33.85
C TRP G 113 3.95 12.16 34.36
N GLY G 114 5.03 12.46 33.65
CA GLY G 114 5.72 13.72 33.87
C GLY G 114 4.93 14.89 33.31
N ARG G 115 5.32 16.09 33.69
CA ARG G 115 4.56 17.27 33.29
C ARG G 115 4.71 17.55 31.80
N GLY G 116 5.85 17.17 31.21
CA GLY G 116 6.02 17.35 29.78
C GLY G 116 6.87 18.54 29.43
N VAL G 117 7.84 18.38 28.54
CA VAL G 117 8.74 19.46 28.19
C VAL G 117 8.73 19.66 26.69
N LEU G 118 8.58 20.90 26.26
CA LEU G 118 8.58 21.22 24.85
C LEU G 118 10.01 21.29 24.35
N VAL G 119 10.29 20.59 23.27
CA VAL G 119 11.59 20.63 22.61
C VAL G 119 11.37 21.12 21.19
N THR G 120 12.09 22.18 20.83
CA THR G 120 12.01 22.78 19.51
C THR G 120 13.31 22.52 18.76
N VAL G 121 13.18 22.03 17.53
CA VAL G 121 14.33 21.78 16.68
C VAL G 121 14.33 22.86 15.60
N SER G 122 15.31 23.74 15.67
CA SER G 122 15.41 24.89 14.79
C SER G 122 16.82 25.45 14.94
N SER G 123 17.29 26.11 13.89
CA SER G 123 18.60 26.76 13.90
C SER G 123 18.53 28.24 14.25
N ALA G 124 17.34 28.75 14.58
CA ALA G 124 17.18 30.15 14.95
C ALA G 124 17.90 30.45 16.27
N SER G 125 18.34 31.69 16.41
CA SER G 125 19.00 32.16 17.62
C SER G 125 17.97 32.65 18.65
N THR G 126 18.29 32.44 19.92
CA THR G 126 17.44 32.95 20.99
C THR G 126 17.32 34.47 20.87
N LYS G 127 16.08 34.95 20.84
CA LYS G 127 15.81 36.36 20.58
C LYS G 127 14.54 36.76 21.32
N GLY G 128 14.60 37.92 21.98
CA GLY G 128 13.45 38.45 22.69
C GLY G 128 12.52 39.19 21.77
N PRO G 129 11.29 39.43 22.20
CA PRO G 129 10.26 39.96 21.29
C PRO G 129 10.27 41.47 21.21
N SER G 130 9.80 41.96 20.07
CA SER G 130 9.34 43.34 19.95
C SER G 130 7.87 43.37 20.34
N VAL G 131 7.49 44.38 21.11
CA VAL G 131 6.12 44.50 21.59
C VAL G 131 5.54 45.77 21.01
N PHE G 132 4.37 45.65 20.38
CA PHE G 132 3.70 46.78 19.77
C PHE G 132 2.27 46.87 20.27
N PRO G 133 1.79 48.06 20.61
CA PRO G 133 0.42 48.18 21.12
C PRO G 133 -0.60 48.01 20.00
N LEU G 134 -1.79 47.54 20.38
CA LEU G 134 -2.94 47.38 19.49
C LEU G 134 -4.04 48.28 20.06
N ALA G 135 -4.25 49.44 19.44
CA ALA G 135 -5.25 50.35 19.97
C ALA G 135 -6.41 50.49 19.00
N PRO G 136 -7.63 50.66 19.52
CA PRO G 136 -8.81 50.71 18.65
C PRO G 136 -8.76 51.87 17.65
N SER G 137 -9.51 51.69 16.57
CA SER G 137 -9.64 52.69 15.52
C SER G 137 -10.47 53.91 15.93
N SER G 142 -17.38 50.01 19.47
CA SER G 142 -16.26 50.59 20.20
C SER G 142 -16.73 51.73 21.09
N GLU G 143 -17.95 51.56 21.61
CA GLU G 143 -18.54 52.51 22.50
C GLU G 143 -18.91 51.95 23.84
N SER G 144 -19.67 50.89 23.88
CA SER G 144 -20.00 50.21 25.10
C SER G 144 -18.84 49.47 25.70
N THR G 145 -18.03 48.85 24.87
CA THR G 145 -16.91 48.06 25.36
C THR G 145 -15.83 48.11 24.32
N ALA G 146 -14.64 48.42 24.74
CA ALA G 146 -13.53 48.56 23.83
C ALA G 146 -12.56 47.41 24.01
N ALA G 147 -11.88 47.04 22.92
CA ALA G 147 -10.85 46.03 22.95
C ALA G 147 -9.49 46.67 22.70
N LEU G 148 -8.50 46.27 23.50
CA LEU G 148 -7.11 46.69 23.32
C LEU G 148 -6.22 45.46 23.33
N GLY G 149 -5.00 45.60 22.86
CA GLY G 149 -4.12 44.46 22.89
C GLY G 149 -2.65 44.81 22.74
N CYS G 150 -1.85 43.77 22.62
CA CYS G 150 -0.41 43.85 22.39
C CYS G 150 0.01 42.75 21.43
N LEU G 151 0.79 43.13 20.43
CA LEU G 151 1.40 42.20 19.49
C LEU G 151 2.83 41.94 19.95
N VAL G 152 3.10 40.69 20.32
CA VAL G 152 4.40 40.23 20.77
C VAL G 152 5.02 39.45 19.61
N LYS G 153 6.05 40.01 18.99
CA LYS G 153 6.46 39.63 17.64
C LYS G 153 7.94 39.29 17.58
N ASP G 154 8.28 38.32 16.72
CA ASP G 154 9.67 38.04 16.34
C ASP G 154 10.50 37.56 17.53
N TYR G 155 9.98 36.55 18.22
CA TYR G 155 10.72 35.99 19.34
C TYR G 155 11.02 34.53 19.10
N PHE G 156 12.09 34.05 19.75
CA PHE G 156 12.44 32.64 19.68
C PHE G 156 13.25 32.27 20.90
N PRO G 157 12.97 31.12 21.52
CA PRO G 157 11.86 30.23 21.19
C PRO G 157 10.61 30.49 22.02
N GLU G 158 9.66 29.56 21.93
CA GLU G 158 8.58 29.53 22.91
C GLU G 158 9.18 29.23 24.29
N PRO G 159 8.53 29.65 25.38
CA PRO G 159 7.27 30.38 25.46
C PRO G 159 7.43 31.85 25.81
N VAL G 160 6.30 32.55 25.77
CA VAL G 160 6.20 33.93 26.24
C VAL G 160 5.06 33.96 27.26
N THR G 161 5.19 34.82 28.27
CA THR G 161 4.08 35.07 29.18
C THR G 161 3.66 36.53 29.05
N VAL G 162 2.35 36.77 29.03
CA VAL G 162 1.79 38.12 28.91
C VAL G 162 0.84 38.36 30.08
N SER G 163 0.97 39.52 30.70
CA SER G 163 0.07 39.93 31.76
C SER G 163 -0.40 41.34 31.43
N TRP G 164 -1.40 41.80 32.18
CA TRP G 164 -1.93 43.15 32.02
C TRP G 164 -1.93 43.84 33.35
N ASN G 165 -1.42 45.07 33.38
CA ASN G 165 -1.32 45.88 34.60
C ASN G 165 -0.73 45.05 35.74
N SER G 166 0.41 44.43 35.46
CA SER G 166 1.18 43.66 36.44
C SER G 166 0.40 42.50 37.04
N GLY G 167 -0.53 41.92 36.29
CA GLY G 167 -1.31 40.81 36.80
C GLY G 167 -2.57 41.18 37.53
N SER G 168 -2.91 42.47 37.64
CA SER G 168 -4.13 42.88 38.32
C SER G 168 -5.36 42.81 37.42
N LEU G 169 -5.19 42.82 36.11
CA LEU G 169 -6.30 42.74 35.16
C LEU G 169 -6.25 41.38 34.48
N THR G 170 -7.21 40.50 34.80
CA THR G 170 -7.29 39.17 34.21
C THR G 170 -8.61 38.87 33.51
N SER G 171 -9.69 39.57 33.87
CA SER G 171 -10.98 39.31 33.25
C SER G 171 -11.05 39.90 31.86
N GLY G 172 -11.64 39.14 30.93
CA GLY G 172 -11.70 39.58 29.55
C GLY G 172 -10.40 39.52 28.79
N VAL G 173 -9.41 38.76 29.29
CA VAL G 173 -8.11 38.63 28.67
C VAL G 173 -8.07 37.39 27.78
N HIS G 174 -7.55 37.54 26.57
CA HIS G 174 -7.27 36.40 25.69
C HIS G 174 -5.85 36.51 25.18
N THR G 175 -5.02 35.54 25.51
CA THR G 175 -3.69 35.46 24.92
C THR G 175 -3.72 34.32 23.92
N PHE G 176 -3.47 34.63 22.66
CA PHE G 176 -3.64 33.67 21.58
C PHE G 176 -2.43 32.75 21.46
N PRO G 177 -2.64 31.52 20.98
CA PRO G 177 -1.51 30.64 20.70
C PRO G 177 -0.55 31.30 19.73
N ALA G 178 0.74 31.14 19.99
CA ALA G 178 1.74 31.70 19.10
C ALA G 178 1.67 31.03 17.74
N VAL G 179 2.06 31.78 16.72
CA VAL G 179 2.18 31.28 15.37
C VAL G 179 3.64 31.33 14.96
N LEU G 180 4.10 30.31 14.27
CA LEU G 180 5.45 30.28 13.71
C LEU G 180 5.44 31.01 12.37
N GLN G 181 6.32 32.01 12.22
CA GLN G 181 6.49 32.71 10.95
C GLN G 181 7.45 31.95 10.04
N SER G 182 7.47 32.38 8.77
CA SER G 182 8.41 31.82 7.81
C SER G 182 9.85 32.14 8.17
N SER G 183 10.08 33.26 8.84
CA SER G 183 11.43 33.59 9.32
C SER G 183 11.95 32.61 10.36
N GLY G 184 11.11 31.75 10.92
CA GLY G 184 11.53 30.90 12.02
C GLY G 184 11.38 31.52 13.39
N LEU G 185 10.77 32.69 13.50
CA LEU G 185 10.45 33.29 14.79
C LEU G 185 8.96 33.17 15.02
N TYR G 186 8.54 33.39 16.27
CA TYR G 186 7.14 33.29 16.65
C TYR G 186 6.52 34.68 16.82
N SER G 187 5.20 34.73 16.65
CA SER G 187 4.43 35.93 16.94
C SER G 187 3.11 35.53 17.58
N LEU G 188 2.63 36.33 18.52
CA LEU G 188 1.31 36.15 19.07
C LEU G 188 0.71 37.49 19.46
N SER G 189 -0.58 37.47 19.80
CA SER G 189 -1.25 38.65 20.29
C SER G 189 -1.98 38.34 21.59
N SER G 190 -2.12 39.38 22.42
CA SER G 190 -2.89 39.35 23.65
C SER G 190 -3.89 40.51 23.62
N VAL G 191 -5.14 40.25 23.97
CA VAL G 191 -6.17 41.29 23.94
C VAL G 191 -6.97 41.24 25.23
N VAL G 192 -7.66 42.34 25.49
CA VAL G 192 -8.54 42.44 26.64
C VAL G 192 -9.64 43.43 26.29
N THR G 193 -10.86 43.14 26.73
CA THR G 193 -11.96 44.07 26.59
C THR G 193 -12.18 44.80 27.91
N VAL G 194 -12.40 46.12 27.82
CA VAL G 194 -12.56 47.00 28.97
C VAL G 194 -13.74 47.92 28.71
N PRO G 195 -14.33 48.47 29.78
CA PRO G 195 -15.34 49.50 29.58
C PRO G 195 -14.72 50.71 28.92
N SER G 196 -15.40 51.25 27.96
CA SER G 196 -14.94 52.40 27.30
C SER G 196 -15.06 53.67 28.11
N SER G 197 -16.00 53.72 29.01
CA SER G 197 -16.11 54.82 29.97
C SER G 197 -14.78 55.13 30.64
N SER G 198 -14.03 54.08 30.97
CA SER G 198 -12.81 54.17 31.76
C SER G 198 -11.59 54.61 30.95
N LEU G 199 -11.70 54.66 29.63
CA LEU G 199 -10.50 54.83 28.80
C LEU G 199 -9.78 56.15 29.07
N GLY G 200 -10.50 57.18 29.53
CA GLY G 200 -9.84 58.47 29.75
C GLY G 200 -9.05 58.54 31.04
N THR G 201 -9.44 57.78 32.05
CA THR G 201 -8.82 57.83 33.37
C THR G 201 -8.11 56.54 33.75
N GLN G 202 -8.25 55.49 32.96
CA GLN G 202 -7.63 54.21 33.25
C GLN G 202 -6.48 53.99 32.30
N THR G 203 -5.42 53.37 32.80
CA THR G 203 -4.24 53.04 32.02
C THR G 203 -4.15 51.53 31.83
N TYR G 204 -3.74 51.10 30.64
CA TYR G 204 -3.60 49.69 30.36
C TYR G 204 -2.20 49.42 29.83
N VAL G 205 -1.52 48.46 30.46
CA VAL G 205 -0.14 48.12 30.13
C VAL G 205 -0.04 46.61 30.01
N CYS G 206 0.50 46.14 28.90
CA CYS G 206 0.84 44.73 28.81
C CYS G 206 2.31 44.56 29.21
N ASN G 207 2.54 43.57 30.06
CA ASN G 207 3.85 43.19 30.53
C ASN G 207 4.20 41.85 29.92
N VAL G 208 5.28 41.81 29.13
CA VAL G 208 5.70 40.64 28.37
C VAL G 208 7.01 40.14 28.94
N ASN G 209 7.03 38.85 29.30
CA ASN G 209 8.22 38.18 29.85
C ASN G 209 8.60 37.01 28.92
N HIS G 210 9.78 37.12 28.31
CA HIS G 210 10.40 36.08 27.49
C HIS G 210 11.58 35.52 28.29
N LYS G 211 11.32 34.49 29.07
CA LYS G 211 12.35 33.95 29.95
C LYS G 211 13.55 33.38 29.20
N PRO G 212 13.41 32.65 28.09
CA PRO G 212 14.62 32.14 27.40
C PRO G 212 15.62 33.21 27.02
N SER G 213 15.20 34.45 26.86
CA SER G 213 16.13 35.51 26.53
C SER G 213 16.30 36.52 27.65
N ASN G 214 15.68 36.30 28.81
CA ASN G 214 15.71 37.26 29.91
C ASN G 214 15.15 38.61 29.46
N THR G 215 14.09 38.59 28.66
CA THR G 215 13.52 39.83 28.13
C THR G 215 12.24 40.20 28.87
N LYS G 216 12.18 41.45 29.34
CA LYS G 216 10.97 41.97 29.96
C LYS G 216 10.66 43.31 29.31
N VAL G 217 9.46 43.44 28.75
CA VAL G 217 9.04 44.65 28.05
C VAL G 217 7.64 45.03 28.50
N ASP G 218 7.42 46.30 28.80
CA ASP G 218 6.09 46.82 29.05
C ASP G 218 5.69 47.76 27.93
N LYS G 219 4.43 47.69 27.51
CA LYS G 219 3.93 48.71 26.61
C LYS G 219 2.54 49.15 27.04
N ARG G 220 2.39 50.45 27.21
CA ARG G 220 1.09 51.05 27.45
C ARG G 220 0.30 51.13 26.14
N VAL G 221 -0.96 50.72 26.20
CA VAL G 221 -1.87 50.75 25.07
C VAL G 221 -2.96 51.77 25.39
N GLU G 222 -3.05 52.81 24.57
CA GLU G 222 -4.05 53.87 24.73
C GLU G 222 -4.60 54.43 23.44
N ILE G 223 -5.68 55.18 23.63
CA ILE G 223 -6.51 55.69 22.57
C ILE G 223 -6.43 57.21 22.49
N ASP H 1 1.38 -2.08 12.35
CA ASP H 1 0.96 -1.36 13.55
C ASP H 1 -0.56 -1.44 13.73
N ILE H 2 -1.00 -1.64 14.96
CA ILE H 2 -2.43 -1.63 15.26
C ILE H 2 -2.95 -0.21 15.15
N VAL H 3 -3.90 0.01 14.25
CA VAL H 3 -4.48 1.34 14.05
C VAL H 3 -5.71 1.48 14.93
N MET H 4 -5.78 2.60 15.65
CA MET H 4 -6.92 2.94 16.49
C MET H 4 -7.67 4.08 15.82
N THR H 5 -8.94 3.83 15.54
CA THR H 5 -9.80 4.78 14.84
C THR H 5 -10.83 5.28 15.83
N GLN H 6 -10.78 6.56 16.13
CA GLN H 6 -11.66 7.18 17.12
C GLN H 6 -12.77 7.96 16.42
N THR H 7 -13.99 7.87 16.95
CA THR H 7 -15.10 8.64 16.40
C THR H 7 -15.95 9.20 17.52
N PRO H 8 -16.43 10.44 17.37
CA PRO H 8 -16.11 11.33 16.24
C PRO H 8 -14.90 12.24 16.49
N LEU H 9 -14.57 13.09 15.51
CA LEU H 9 -13.56 14.13 15.71
C LEU H 9 -13.91 15.04 16.88
N SER H 10 -15.19 15.40 17.02
CA SER H 10 -15.63 16.40 18.00
C SER H 10 -17.05 16.10 18.47
N LEU H 11 -17.31 16.44 19.72
CA LEU H 11 -18.65 16.43 20.30
C LEU H 11 -18.92 17.76 20.99
N SER H 12 -20.12 18.27 20.79
CA SER H 12 -20.63 19.40 21.56
C SER H 12 -21.65 18.87 22.54
N VAL H 13 -21.44 19.12 23.82
CA VAL H 13 -22.22 18.52 24.89
C VAL H 13 -22.79 19.59 25.81
N THR H 14 -24.05 19.42 26.21
CA THR H 14 -24.66 20.23 27.27
C THR H 14 -24.39 19.62 28.64
N PRO H 15 -24.02 20.44 29.63
CA PRO H 15 -23.73 19.89 30.97
C PRO H 15 -24.92 19.14 31.54
N GLY H 16 -24.65 17.92 32.03
CA GLY H 16 -25.68 17.06 32.58
C GLY H 16 -26.09 15.93 31.65
N GLU H 17 -25.94 16.14 30.36
CA GLU H 17 -26.29 15.19 29.31
C GLU H 17 -25.18 14.15 29.11
N PRO H 18 -25.55 12.92 28.74
CA PRO H 18 -24.52 11.90 28.49
C PRO H 18 -23.77 12.16 27.20
N ALA H 19 -22.53 11.66 27.15
CA ALA H 19 -21.70 11.70 25.94
C ALA H 19 -21.11 10.32 25.69
N SER H 20 -20.71 10.09 24.44
CA SER H 20 -20.25 8.77 24.01
C SER H 20 -19.15 8.89 22.97
N ILE H 21 -18.00 8.26 23.22
CA ILE H 21 -16.92 8.19 22.25
C ILE H 21 -16.63 6.73 21.91
N SER H 22 -16.36 6.45 20.64
CA SER H 22 -16.18 5.09 20.16
C SER H 22 -14.77 4.95 19.60
N CYS H 23 -14.15 3.79 19.82
CA CYS H 23 -12.81 3.48 19.36
C CYS H 23 -12.82 2.10 18.72
N ARG H 24 -12.23 1.99 17.54
CA ARG H 24 -12.18 0.78 16.75
C ARG H 24 -10.72 0.42 16.48
N SER H 25 -10.29 -0.80 16.74
CA SER H 25 -8.91 -1.23 16.50
C SER H 25 -8.84 -2.06 15.25
N SER H 26 -7.71 -2.09 14.58
CA SER H 26 -7.54 -2.83 13.33
C SER H 26 -7.37 -4.34 13.55
N GLN H 27 -7.19 -4.78 14.77
CA GLN H 27 -7.11 -6.18 15.14
C GLN H 27 -7.52 -6.24 16.54
N SER H 28 -7.91 -7.41 16.95
CA SER H 28 -8.43 -7.66 18.26
C SER H 28 -7.47 -7.34 19.31
N LEU H 29 -7.96 -6.89 20.43
CA LEU H 29 -7.15 -6.48 21.53
C LEU H 29 -7.17 -7.38 22.73
N LEU H 30 -7.74 -8.53 22.60
CA LEU H 30 -7.72 -9.50 23.69
C LEU H 30 -6.42 -10.32 23.62
N HIS H 31 -5.75 -10.44 24.76
CA HIS H 31 -4.53 -11.22 24.90
C HIS H 31 -4.89 -12.65 25.25
N SER H 32 -3.93 -13.56 25.04
CA SER H 32 -4.19 -14.96 25.40
C SER H 32 -4.40 -15.12 26.90
N ASN H 33 -3.94 -14.16 27.71
CA ASN H 33 -4.12 -14.26 29.16
C ASN H 33 -5.51 -13.82 29.62
N GLY H 34 -6.39 -13.44 28.70
CA GLY H 34 -7.75 -13.08 29.01
C GLY H 34 -8.00 -11.61 29.31
N HIS H 35 -6.97 -10.77 29.21
CA HIS H 35 -7.12 -9.34 29.39
C HIS H 35 -7.19 -8.66 28.02
N THR H 36 -7.99 -7.59 27.95
CA THR H 36 -8.10 -6.76 26.75
C THR H 36 -7.44 -5.41 27.03
N TYR H 37 -6.36 -5.14 26.32
CA TYR H 37 -5.48 -4.00 26.51
C TYR H 37 -5.78 -2.66 25.83
N VAL H 38 -6.90 -2.09 26.17
CA VAL H 38 -7.32 -0.82 25.60
C VAL H 38 -7.65 0.12 26.75
N HIS H 39 -7.26 1.36 26.58
CA HIS H 39 -7.35 2.40 27.59
C HIS H 39 -7.85 3.77 27.11
N TRP H 40 -8.40 4.53 28.03
CA TRP H 40 -8.93 5.86 27.71
C TRP H 40 -8.29 6.88 28.63
N TYR H 41 -7.82 7.98 28.02
CA TYR H 41 -7.27 9.15 28.69
C TYR H 41 -8.06 10.39 28.33
N LEU H 42 -7.99 11.37 29.23
CA LEU H 42 -8.43 12.74 28.98
C LEU H 42 -7.23 13.67 29.09
N GLN H 43 -6.98 14.48 28.08
CA GLN H 43 -5.94 15.51 28.12
C GLN H 43 -6.62 16.89 28.10
N LYS H 44 -6.51 17.59 29.21
CA LYS H 44 -6.96 18.97 29.23
C LYS H 44 -5.85 19.87 28.71
N ALA H 45 -6.25 21.05 28.24
CA ALA H 45 -5.34 21.97 27.55
C ALA H 45 -4.17 22.36 28.43
N GLY H 46 -2.97 22.34 27.84
CA GLY H 46 -1.74 22.60 28.56
C GLY H 46 -1.47 21.65 29.71
N GLN H 47 -1.89 20.40 29.60
CA GLN H 47 -1.82 19.48 30.72
C GLN H 47 -1.42 18.11 30.21
N SER H 48 -1.04 17.30 31.07
CA SER H 48 -0.62 16.01 30.60
C SER H 48 -1.81 15.05 30.57
N PRO H 49 -1.83 14.07 29.66
CA PRO H 49 -2.99 13.16 29.60
C PRO H 49 -3.14 12.43 30.92
N GLN H 50 -4.40 12.21 31.32
CA GLN H 50 -4.72 11.55 32.56
C GLN H 50 -5.59 10.31 32.29
N LEU H 51 -5.13 9.17 32.80
CA LEU H 51 -5.79 7.90 32.58
C LEU H 51 -7.16 7.88 33.26
N LEU H 52 -8.22 7.68 32.47
CA LEU H 52 -9.56 7.51 33.01
C LEU H 52 -9.93 6.05 33.16
N ILE H 53 -9.71 5.24 32.12
CA ILE H 53 -10.20 3.87 32.07
C ILE H 53 -9.08 2.97 31.57
N TYR H 54 -8.83 1.88 32.29
CA TYR H 54 -7.87 0.89 31.84
C TYR H 54 -8.52 -0.48 31.67
N GLU H 55 -7.97 -1.25 30.78
CA GLU H 55 -8.40 -2.56 30.48
C GLU H 55 -9.92 -2.71 30.19
N VAL H 56 -10.43 -1.86 29.29
CA VAL H 56 -11.82 -1.78 28.85
C VAL H 56 -12.73 -1.10 29.87
N SER H 57 -12.77 -1.62 31.10
CA SER H 57 -13.88 -1.32 32.02
C SER H 57 -13.47 -0.76 33.38
N ASN H 58 -12.22 -0.85 33.77
CA ASN H 58 -11.84 -0.45 35.12
C ASN H 58 -11.59 1.06 35.20
N ARG H 59 -11.98 1.69 36.32
CA ARG H 59 -11.74 3.12 36.49
C ARG H 59 -10.41 3.29 37.19
N ALA H 60 -9.61 4.22 36.71
CA ALA H 60 -8.39 4.56 37.42
C ALA H 60 -8.75 5.17 38.77
N SER H 61 -7.79 5.10 39.71
CA SER H 61 -8.07 5.23 41.13
C SER H 61 -8.71 6.56 41.52
N GLY H 62 -8.56 7.60 40.71
CA GLY H 62 -9.11 8.89 41.08
C GLY H 62 -10.18 9.38 40.14
N VAL H 63 -10.77 8.48 39.39
CA VAL H 63 -11.70 8.83 38.31
C VAL H 63 -13.11 8.73 38.84
N PRO H 64 -13.94 9.78 38.71
CA PRO H 64 -15.31 9.72 39.21
C PRO H 64 -16.14 8.66 38.49
N ASP H 65 -17.20 8.22 39.19
CA ASP H 65 -18.07 7.16 38.68
C ASP H 65 -18.80 7.52 37.39
N ARG H 66 -18.82 8.80 37.01
CA ARG H 66 -19.51 9.22 35.80
C ARG H 66 -18.87 8.68 34.53
N PHE H 67 -17.59 8.28 34.58
CA PHE H 67 -16.90 7.70 33.42
C PHE H 67 -17.02 6.18 33.42
N SER H 68 -17.21 5.62 32.23
CA SER H 68 -17.36 4.18 32.10
C SER H 68 -16.84 3.69 30.75
N GLY H 69 -16.46 2.43 30.71
CA GLY H 69 -15.97 1.83 29.49
C GLY H 69 -16.56 0.45 29.23
N SER H 70 -16.78 0.16 27.95
CA SER H 70 -17.39 -1.10 27.55
C SER H 70 -16.82 -1.51 26.20
N GLY H 71 -17.09 -2.76 25.80
CA GLY H 71 -16.81 -3.24 24.46
C GLY H 71 -16.02 -4.52 24.49
N SER H 72 -15.59 -4.98 23.34
CA SER H 72 -14.81 -6.20 23.15
C SER H 72 -14.10 -6.30 21.80
N GLY H 73 -13.01 -7.04 21.74
CA GLY H 73 -12.37 -7.25 20.48
C GLY H 73 -11.72 -6.10 19.83
N THR H 74 -12.49 -5.52 18.94
CA THR H 74 -12.13 -4.34 18.17
C THR H 74 -12.99 -3.11 18.38
N ASP H 75 -14.02 -3.19 19.18
CA ASP H 75 -14.88 -2.09 19.42
C ASP H 75 -15.11 -1.76 20.88
N PHE H 76 -14.73 -0.54 21.22
CA PHE H 76 -14.83 -0.02 22.56
C PHE H 76 -15.50 1.36 22.68
N THR H 77 -16.13 1.59 23.82
CA THR H 77 -16.85 2.83 23.99
C THR H 77 -16.56 3.38 25.37
N LEU H 78 -16.19 4.65 25.41
CA LEU H 78 -16.15 5.42 26.65
C LEU H 78 -17.44 6.22 26.73
N LYS H 79 -18.08 6.19 27.90
CA LYS H 79 -19.34 6.86 28.15
C LYS H 79 -19.21 7.81 29.34
N ILE H 80 -19.83 8.99 29.22
CA ILE H 80 -19.97 9.96 30.30
C ILE H 80 -21.45 10.03 30.67
N SER H 81 -21.85 9.57 31.86
CA SER H 81 -23.27 9.63 32.21
C SER H 81 -23.77 11.06 32.16
N ARG H 82 -23.06 11.92 32.90
CA ARG H 82 -23.37 13.34 32.97
C ARG H 82 -22.07 14.08 32.79
N VAL H 83 -22.01 14.89 31.75
CA VAL H 83 -20.85 15.70 31.43
C VAL H 83 -20.83 16.93 32.32
N GLU H 84 -19.66 17.25 32.86
CA GLU H 84 -19.45 18.46 33.62
C GLU H 84 -18.54 19.41 32.83
N ALA H 85 -18.48 20.64 33.33
CA ALA H 85 -17.66 21.65 32.68
C ALA H 85 -16.18 21.26 32.67
N GLU H 86 -15.72 20.60 33.74
CA GLU H 86 -14.32 20.23 33.86
C GLU H 86 -13.90 19.10 32.94
N ASP H 87 -14.83 18.44 32.25
CA ASP H 87 -14.49 17.30 31.42
C ASP H 87 -14.14 17.69 29.97
N VAL H 88 -14.01 18.98 29.68
CA VAL H 88 -13.66 19.43 28.34
C VAL H 88 -12.19 19.08 28.05
N GLY H 89 -11.89 18.81 26.78
CA GLY H 89 -10.52 18.50 26.40
C GLY H 89 -10.50 17.47 25.30
N VAL H 90 -9.35 16.82 25.10
CA VAL H 90 -9.20 15.82 24.04
C VAL H 90 -9.11 14.44 24.67
N TYR H 91 -9.97 13.51 24.24
CA TYR H 91 -9.97 12.14 24.75
C TYR H 91 -9.27 11.21 23.78
N TYR H 92 -8.47 10.30 24.32
CA TYR H 92 -7.72 9.36 23.50
C TYR H 92 -7.98 7.94 23.97
N CYS H 93 -8.07 7.02 23.02
CA CYS H 93 -7.94 5.60 23.32
C CYS H 93 -6.53 5.16 22.95
N GLU H 94 -6.08 4.09 23.59
CA GLU H 94 -4.72 3.59 23.38
C GLU H 94 -4.72 2.09 23.58
N GLN H 95 -3.96 1.37 22.77
CA GLN H 95 -3.77 -0.06 22.95
C GLN H 95 -2.36 -0.32 23.47
N THR H 96 -2.26 -1.27 24.35
CA THR H 96 -0.98 -1.69 24.86
C THR H 96 -0.75 -3.16 24.63
N LEU H 97 -1.46 -3.73 23.68
CA LEU H 97 -1.33 -5.15 23.38
C LEU H 97 0.02 -5.48 22.77
N GLN H 98 0.43 -4.73 21.75
CA GLN H 98 1.64 -5.03 21.01
C GLN H 98 2.46 -3.76 20.78
N ILE H 99 3.74 -3.99 20.46
CA ILE H 99 4.67 -2.91 20.13
C ILE H 99 4.47 -2.54 18.67
N PRO H 100 4.41 -1.25 18.31
CA PRO H 100 4.42 -0.05 19.16
C PRO H 100 3.06 0.22 19.77
N PHE H 101 3.02 0.82 20.95
CA PHE H 101 1.74 1.29 21.47
C PHE H 101 1.22 2.38 20.55
N THR H 102 -0.08 2.36 20.28
CA THR H 102 -0.71 3.30 19.35
C THR H 102 -1.95 3.90 19.98
N PHE H 103 -2.19 5.16 19.68
CA PHE H 103 -3.33 5.91 20.17
C PHE H 103 -4.28 6.21 19.01
N GLY H 104 -5.53 6.42 19.35
CA GLY H 104 -6.45 7.00 18.40
C GLY H 104 -6.13 8.48 18.20
N GLY H 105 -6.72 9.04 17.14
CA GLY H 105 -6.42 10.41 16.76
C GLY H 105 -6.96 11.46 17.71
N GLY H 106 -7.83 11.10 18.63
CA GLY H 106 -8.38 11.99 19.63
C GLY H 106 -9.78 12.49 19.28
N THR H 107 -10.60 12.67 20.32
CA THR H 107 -11.93 13.25 20.17
C THR H 107 -12.01 14.50 21.02
N LYS H 108 -12.22 15.64 20.36
CA LYS H 108 -12.35 16.94 21.04
C LYS H 108 -13.75 17.06 21.64
N VAL H 109 -13.82 17.23 22.96
CA VAL H 109 -15.08 17.40 23.67
C VAL H 109 -15.16 18.83 24.17
N GLU H 110 -16.23 19.51 23.76
CA GLU H 110 -16.50 20.91 24.02
C GLU H 110 -17.94 21.06 24.54
N ILE H 111 -18.24 22.21 25.14
CA ILE H 111 -19.55 22.48 25.74
C ILE H 111 -20.43 23.22 24.74
N LYS H 112 -21.69 22.78 24.61
CA LYS H 112 -22.65 23.43 23.72
C LYS H 112 -23.29 24.65 24.37
N ARG H 113 -23.51 25.68 23.56
CA ARG H 113 -24.20 26.90 23.98
C ARG H 113 -24.85 27.55 22.77
N THR H 114 -25.61 28.62 23.03
CA THR H 114 -26.28 29.39 21.98
C THR H 114 -25.29 29.97 20.98
N VAL H 115 -25.68 29.95 19.69
CA VAL H 115 -24.87 30.58 18.66
C VAL H 115 -24.64 32.04 18.99
N ALA H 116 -23.37 32.47 18.94
CA ALA H 116 -23.00 33.83 19.28
C ALA H 116 -22.12 34.40 18.18
N ALA H 117 -22.53 35.53 17.62
CA ALA H 117 -21.71 36.16 16.60
C ALA H 117 -20.51 36.86 17.26
N PRO H 118 -19.41 36.98 16.54
CA PRO H 118 -18.22 37.61 17.11
C PRO H 118 -18.36 39.12 17.15
N SER H 119 -17.75 39.73 18.16
CA SER H 119 -17.48 41.17 18.13
C SER H 119 -16.17 41.39 17.38
N VAL H 120 -16.18 42.23 16.36
CA VAL H 120 -15.03 42.38 15.48
C VAL H 120 -14.34 43.71 15.73
N PHE H 121 -13.01 43.67 15.78
CA PHE H 121 -12.17 44.85 15.95
C PHE H 121 -10.98 44.74 15.01
N ILE H 122 -10.59 45.84 14.40
CA ILE H 122 -9.38 45.89 13.60
C ILE H 122 -8.42 46.85 14.27
N PHE H 123 -7.13 46.52 14.23
CA PHE H 123 -6.09 47.31 14.91
C PHE H 123 -5.07 47.83 13.91
N PRO H 124 -4.99 49.14 13.69
CA PRO H 124 -3.93 49.66 12.84
C PRO H 124 -2.57 49.49 13.50
N PRO H 125 -1.52 49.32 12.72
CA PRO H 125 -0.17 49.20 13.30
C PRO H 125 0.34 50.54 13.83
N SER H 126 1.02 50.48 14.97
CA SER H 126 1.62 51.67 15.54
C SER H 126 2.77 52.16 14.64
N GLU H 127 3.12 53.46 14.76
CA GLU H 127 4.17 53.99 13.91
C GLU H 127 5.49 53.26 14.11
N ASP H 128 5.82 52.90 15.34
CA ASP H 128 6.89 51.92 15.58
C ASP H 128 7.00 50.77 14.59
N GLN H 129 5.94 50.00 14.42
CA GLN H 129 6.07 48.92 13.44
C GLN H 129 6.33 49.47 12.04
N VAL H 130 5.82 50.67 11.74
CA VAL H 130 6.03 51.24 10.39
C VAL H 130 7.50 51.59 10.15
N LYS H 131 8.17 52.20 11.14
CA LYS H 131 9.59 52.46 10.92
C LYS H 131 10.38 51.18 11.01
N SER H 132 9.84 50.12 11.62
CA SER H 132 10.56 48.86 11.75
C SER H 132 10.78 48.17 10.42
N GLY H 133 10.02 48.53 9.40
CA GLY H 133 10.18 47.99 8.09
C GLY H 133 9.14 46.97 7.73
N THR H 134 8.46 46.39 8.72
CA THR H 134 7.38 45.44 8.52
C THR H 134 6.25 45.74 9.51
N VAL H 135 5.01 45.55 9.05
CA VAL H 135 3.84 45.91 9.84
C VAL H 135 2.89 44.72 9.88
N SER H 136 2.18 44.60 10.99
CA SER H 136 1.14 43.60 11.17
C SER H 136 -0.17 44.29 11.47
N VAL H 137 -1.21 43.94 10.70
CA VAL H 137 -2.57 44.41 10.93
C VAL H 137 -3.35 43.25 11.55
N VAL H 138 -3.95 43.49 12.70
CA VAL H 138 -4.59 42.44 13.48
C VAL H 138 -6.09 42.65 13.43
N CYS H 139 -6.82 41.56 13.21
CA CYS H 139 -8.27 41.55 13.28
C CYS H 139 -8.67 40.58 14.38
N LEU H 140 -9.43 41.08 15.37
CA LEU H 140 -9.87 40.30 16.51
C LEU H 140 -11.35 39.99 16.36
N LEU H 141 -11.68 38.70 16.41
CA LEU H 141 -13.06 38.23 16.48
C LEU H 141 -13.25 37.66 17.87
N ASN H 142 -14.08 38.30 18.68
CA ASN H 142 -14.11 38.04 20.11
C ASN H 142 -15.42 37.39 20.54
N ASN H 143 -15.30 36.32 21.34
CA ASN H 143 -16.38 35.70 22.12
C ASN H 143 -17.52 35.22 21.22
N PHE H 144 -17.22 34.27 20.35
CA PHE H 144 -18.20 33.73 19.43
C PHE H 144 -18.32 32.22 19.60
N TYR H 145 -19.44 31.68 19.11
CA TYR H 145 -19.74 30.26 19.12
C TYR H 145 -20.71 30.02 17.97
N PRO H 146 -20.53 28.96 17.17
CA PRO H 146 -19.43 28.00 17.36
C PRO H 146 -18.10 28.50 16.78
N ARG H 147 -17.12 27.59 16.75
CA ARG H 147 -15.73 27.93 16.51
C ARG H 147 -15.46 28.28 15.05
N GLU H 148 -16.27 27.79 14.14
CA GLU H 148 -16.08 28.07 12.72
C GLU H 148 -16.32 29.55 12.41
N ALA H 149 -15.39 30.15 11.69
CA ALA H 149 -15.52 31.56 11.30
C ALA H 149 -14.56 31.82 10.17
N SER H 150 -14.91 32.78 9.31
CA SER H 150 -14.09 33.13 8.17
C SER H 150 -13.71 34.60 8.20
N VAL H 151 -12.45 34.89 7.89
CA VAL H 151 -11.92 36.24 7.81
C VAL H 151 -11.29 36.44 6.44
N LYS H 152 -11.74 37.47 5.73
CA LYS H 152 -11.14 37.93 4.49
C LYS H 152 -10.46 39.28 4.74
N TRP H 153 -9.29 39.46 4.16
CA TRP H 153 -8.60 40.74 4.21
C TRP H 153 -8.88 41.51 2.93
N LYS H 154 -9.29 42.76 3.07
CA LYS H 154 -9.52 43.63 1.93
C LYS H 154 -8.69 44.90 2.08
N VAL H 155 -7.99 45.27 1.02
CA VAL H 155 -7.20 46.50 0.97
C VAL H 155 -7.80 47.38 -0.12
N ASP H 156 -8.32 48.54 0.28
CA ASP H 156 -9.04 49.44 -0.62
C ASP H 156 -10.16 48.72 -1.37
N GLY H 157 -10.89 47.89 -0.65
CA GLY H 157 -11.99 47.11 -1.20
C GLY H 157 -11.59 45.88 -1.99
N ALA H 158 -10.31 45.69 -2.31
CA ALA H 158 -9.88 44.53 -3.08
C ALA H 158 -9.39 43.45 -2.13
N LEU H 159 -9.84 42.21 -2.37
CA LEU H 159 -9.41 41.10 -1.54
C LEU H 159 -7.91 40.83 -1.68
N LYS H 160 -7.27 40.56 -0.54
CA LYS H 160 -5.83 40.32 -0.43
C LYS H 160 -5.63 38.95 0.20
N THR H 161 -5.22 37.96 -0.60
CA THR H 161 -4.95 36.60 -0.15
C THR H 161 -3.47 36.43 0.22
N GLY H 162 -3.21 35.42 1.07
CA GLY H 162 -1.88 35.19 1.56
C GLY H 162 -1.46 36.26 2.56
N ASN H 163 -0.27 36.06 3.12
CA ASN H 163 0.34 36.99 4.07
C ASN H 163 -0.44 37.13 5.37
N SER H 164 -1.30 36.17 5.70
CA SER H 164 -2.04 36.22 6.96
C SER H 164 -1.95 34.89 7.70
N GLN H 165 -1.88 34.98 9.02
CA GLN H 165 -1.87 33.81 9.89
C GLN H 165 -2.98 33.99 10.91
N GLU H 166 -3.65 32.90 11.25
CA GLU H 166 -4.77 32.93 12.18
C GLU H 166 -4.41 32.13 13.42
N SER H 167 -5.11 32.44 14.51
CA SER H 167 -4.93 31.70 15.75
C SER H 167 -6.23 31.77 16.55
N VAL H 168 -6.58 30.67 17.22
CA VAL H 168 -7.83 30.55 17.95
C VAL H 168 -7.55 30.10 19.38
N THR H 169 -8.24 30.69 20.33
CA THR H 169 -8.12 30.28 21.73
C THR H 169 -8.87 28.97 21.97
N GLU H 170 -8.59 28.38 23.12
CA GLU H 170 -9.44 27.32 23.64
C GLU H 170 -10.77 27.90 24.10
N GLN H 171 -11.77 27.02 24.24
CA GLN H 171 -13.09 27.45 24.67
C GLN H 171 -13.04 28.09 26.07
N ASP H 172 -13.58 29.30 26.18
CA ASP H 172 -13.59 30.00 27.46
C ASP H 172 -14.55 29.32 28.44
N SER H 173 -14.06 29.01 29.64
CA SER H 173 -14.88 28.29 30.61
C SER H 173 -15.98 29.17 31.21
N LYS H 174 -15.81 30.50 31.17
CA LYS H 174 -16.84 31.36 31.74
C LYS H 174 -18.08 31.40 30.86
N ASP H 175 -17.92 31.69 29.58
CA ASP H 175 -19.05 31.88 28.69
C ASP H 175 -19.12 30.88 27.55
N ASN H 176 -18.21 29.92 27.47
CA ASN H 176 -18.19 28.87 26.46
C ASN H 176 -17.95 29.39 25.05
N THR H 177 -17.23 30.50 24.91
CA THR H 177 -16.97 31.09 23.61
C THR H 177 -15.52 30.90 23.17
N TYR H 178 -15.27 31.30 21.93
CA TYR H 178 -13.94 31.30 21.32
C TYR H 178 -13.61 32.71 20.89
N SER H 179 -12.31 32.97 20.74
CA SER H 179 -11.83 34.20 20.12
C SER H 179 -10.79 33.82 19.07
N LEU H 180 -10.58 34.73 18.12
CA LEU H 180 -9.73 34.45 16.98
C LEU H 180 -8.96 35.72 16.62
N SER H 181 -7.69 35.55 16.28
CA SER H 181 -6.84 36.63 15.80
C SER H 181 -6.40 36.30 14.38
N SER H 182 -6.54 37.25 13.47
CA SER H 182 -5.98 37.12 12.13
C SER H 182 -5.00 38.26 11.91
N THR H 183 -3.76 37.92 11.62
CA THR H 183 -2.70 38.89 11.40
C THR H 183 -2.30 38.90 9.94
N LEU H 184 -2.49 40.03 9.27
CA LEU H 184 -1.99 40.28 7.93
C LEU H 184 -0.65 40.98 8.04
N THR H 185 0.39 40.41 7.46
CA THR H 185 1.73 40.94 7.57
C THR H 185 2.19 41.49 6.23
N LEU H 186 2.62 42.75 6.22
CA LEU H 186 3.09 43.38 4.99
C LEU H 186 4.39 44.13 5.25
N SER H 187 5.15 44.36 4.19
CA SER H 187 6.28 45.27 4.32
C SER H 187 5.76 46.71 4.44
N SER H 188 6.61 47.58 5.00
CA SER H 188 6.23 48.98 5.16
C SER H 188 5.92 49.63 3.82
N THR H 189 6.74 49.33 2.81
CA THR H 189 6.47 49.74 1.45
C THR H 189 5.04 49.38 1.09
N GLU H 190 4.76 48.09 1.18
CA GLU H 190 3.46 47.55 0.77
C GLU H 190 2.34 48.29 1.45
N TYR H 191 2.50 48.44 2.78
CA TYR H 191 1.45 48.99 3.63
C TYR H 191 1.13 50.43 3.26
N GLN H 192 2.17 51.22 3.00
CA GLN H 192 1.92 52.63 2.68
C GLN H 192 1.37 52.83 1.28
N SER H 193 1.41 51.81 0.43
CA SER H 193 0.88 51.90 -0.93
C SER H 193 -0.64 51.77 -1.02
N HIS H 194 -1.33 51.48 0.08
CA HIS H 194 -2.78 51.36 0.08
C HIS H 194 -3.30 52.10 1.29
N LYS H 195 -4.60 52.39 1.28
CA LYS H 195 -5.14 53.30 2.28
C LYS H 195 -6.18 52.65 3.20
N VAL H 196 -7.18 51.97 2.64
CA VAL H 196 -8.28 51.44 3.43
C VAL H 196 -7.96 49.98 3.73
N TYR H 197 -8.01 49.62 5.01
CA TYR H 197 -7.76 48.25 5.42
C TYR H 197 -9.01 47.74 6.11
N ALA H 198 -9.41 46.52 5.75
CA ALA H 198 -10.66 45.97 6.24
C ALA H 198 -10.48 44.48 6.47
N CYS H 199 -11.10 44.00 7.54
CA CYS H 199 -11.30 42.57 7.71
C CYS H 199 -12.80 42.31 7.69
N GLU H 200 -13.19 41.34 6.86
CA GLU H 200 -14.57 40.96 6.63
C GLU H 200 -14.79 39.58 7.22
N VAL H 201 -15.80 39.47 8.07
CA VAL H 201 -15.99 38.32 8.93
C VAL H 201 -17.33 37.69 8.60
N THR H 202 -17.35 36.39 8.44
CA THR H 202 -18.58 35.66 8.29
C THR H 202 -18.66 34.60 9.38
N HIS H 203 -19.87 34.38 9.87
CA HIS H 203 -20.16 33.49 10.98
C HIS H 203 -21.64 33.17 10.96
N GLN H 204 -21.97 31.99 11.47
CA GLN H 204 -23.36 31.52 11.38
C GLN H 204 -24.29 32.43 12.15
N GLY H 205 -23.79 33.10 13.18
CA GLY H 205 -24.61 34.05 13.91
C GLY H 205 -24.80 35.40 13.25
N LEU H 206 -24.09 35.67 12.16
CA LEU H 206 -24.23 36.92 11.43
C LEU H 206 -25.19 36.74 10.25
N SER H 207 -26.13 37.67 10.11
CA SER H 207 -27.03 37.68 8.97
C SER H 207 -26.37 38.22 7.71
N SER H 208 -25.24 38.91 7.86
CA SER H 208 -24.56 39.54 6.75
C SER H 208 -23.09 39.67 7.15
N PRO H 209 -22.17 39.71 6.19
CA PRO H 209 -20.76 39.83 6.55
C PRO H 209 -20.52 41.11 7.34
N VAL H 210 -19.63 41.02 8.31
CA VAL H 210 -19.30 42.14 9.18
C VAL H 210 -17.92 42.63 8.78
N THR H 211 -17.84 43.90 8.40
CA THR H 211 -16.58 44.48 7.98
C THR H 211 -16.18 45.54 8.99
N LYS H 212 -14.96 45.42 9.50
CA LYS H 212 -14.36 46.47 10.30
C LYS H 212 -13.17 46.98 9.53
N SER H 213 -13.05 48.29 9.45
CA SER H 213 -12.06 48.91 8.59
C SER H 213 -11.44 50.08 9.33
N PHE H 214 -10.29 50.50 8.84
CA PHE H 214 -9.68 51.75 9.28
C PHE H 214 -8.98 52.34 8.07
N ASN H 215 -8.84 53.66 8.13
CA ASN H 215 -8.12 54.41 7.11
C ASN H 215 -6.69 54.60 7.59
N ARG H 216 -5.74 54.21 6.75
CA ARG H 216 -4.31 54.30 7.12
C ARG H 216 -3.94 55.77 7.32
N GLY H 217 -3.50 56.10 8.53
CA GLY H 217 -3.20 57.47 8.89
C GLY H 217 -4.47 58.18 9.32
N ALA I 1 31.24 -15.36 18.04
CA ALA I 1 31.79 -16.70 18.22
C ALA I 1 31.27 -17.36 19.51
N VAL I 2 31.50 -18.66 19.64
CA VAL I 2 31.24 -19.40 20.86
C VAL I 2 32.56 -20.03 21.27
N GLY I 3 33.08 -19.63 22.43
CA GLY I 3 34.38 -20.07 22.89
C GLY I 3 35.45 -19.03 22.65
N ILE I 4 36.08 -18.53 23.71
CA ILE I 4 37.11 -17.51 23.60
C ILE I 4 38.41 -18.06 24.20
N GLY I 5 39.43 -18.22 23.36
CA GLY I 5 40.70 -18.74 23.83
C GLY I 5 41.55 -17.74 24.61
N ALA I 6 41.57 -16.48 24.16
CA ALA I 6 42.44 -15.47 24.74
C ALA I 6 42.19 -15.26 26.23
N VAL I 7 41.00 -15.67 26.70
CA VAL I 7 40.60 -15.54 28.09
C VAL I 7 41.23 -16.62 28.97
N PHE I 8 41.62 -17.76 28.42
CA PHE I 8 42.27 -18.82 29.20
C PHE I 8 43.75 -18.98 28.91
N ALA J 1 -3.80 -30.69 -4.93
CA ALA J 1 -3.17 -30.92 -3.64
C ALA J 1 -3.89 -32.02 -2.86
N VAL J 2 -3.24 -32.51 -1.80
CA VAL J 2 -3.85 -33.44 -0.87
C VAL J 2 -3.72 -32.84 0.52
N GLY J 3 -4.85 -32.53 1.14
CA GLY J 3 -4.90 -31.80 2.40
C GLY J 3 -5.28 -30.36 2.20
N ILE J 4 -6.43 -29.96 2.75
CA ILE J 4 -6.96 -28.61 2.62
C ILE J 4 -7.09 -28.04 4.02
N GLY J 5 -6.33 -26.99 4.31
CA GLY J 5 -6.38 -26.38 5.64
C GLY J 5 -7.62 -25.57 5.88
N ALA J 6 -8.06 -24.81 4.86
CA ALA J 6 -9.16 -23.87 5.03
C ALA J 6 -10.48 -24.55 5.42
N VAL J 7 -10.63 -25.85 5.15
CA VAL J 7 -11.87 -26.48 5.55
C VAL J 7 -11.89 -26.80 7.04
N PHE J 8 -10.72 -26.92 7.67
CA PHE J 8 -10.62 -27.13 9.11
C PHE J 8 -10.19 -25.84 9.79
N ALA K 1 -36.56 -11.03 8.22
CA ALA K 1 -37.46 -11.08 9.38
C ALA K 1 -37.39 -12.45 10.07
N VAL K 2 -37.98 -12.51 11.26
CA VAL K 2 -38.17 -13.76 11.98
C VAL K 2 -39.67 -13.89 12.27
N GLY K 3 -40.29 -14.92 11.70
CA GLY K 3 -41.72 -15.06 11.83
C GLY K 3 -42.47 -14.57 10.61
N ILE K 4 -43.19 -15.47 9.95
CA ILE K 4 -43.94 -15.16 8.74
C ILE K 4 -45.41 -15.47 9.02
N GLY K 5 -46.25 -14.44 8.98
CA GLY K 5 -47.66 -14.64 9.24
C GLY K 5 -48.41 -15.29 8.08
N ALA K 6 -48.12 -14.86 6.85
CA ALA K 6 -48.86 -15.36 5.70
C ALA K 6 -48.71 -16.86 5.51
N VAL K 7 -47.64 -17.43 6.07
CA VAL K 7 -47.42 -18.87 5.97
C VAL K 7 -48.31 -19.62 6.94
N PHE K 8 -48.71 -18.96 8.02
CA PHE K 8 -49.65 -19.54 8.99
C PHE K 8 -51.00 -18.88 8.86
N ALA L 1 -1.11 4.10 30.82
CA ALA L 1 -1.99 2.98 31.02
C ALA L 1 -1.77 2.08 32.24
N VAL L 2 -2.73 1.22 32.48
CA VAL L 2 -2.68 0.23 33.53
C VAL L 2 -2.82 -1.14 32.89
N GLY L 3 -1.76 -1.89 32.91
CA GLY L 3 -1.74 -3.17 32.31
C GLY L 3 -1.08 -3.19 30.95
N ILE L 4 0.01 -3.90 30.86
CA ILE L 4 0.70 -3.98 29.64
C ILE L 4 0.70 -5.39 29.05
N GLY L 5 0.09 -5.52 27.90
CA GLY L 5 0.03 -6.76 27.21
C GLY L 5 1.25 -7.18 26.50
N ALA L 6 1.89 -6.30 25.81
CA ALA L 6 3.08 -6.61 25.02
C ALA L 6 4.20 -7.17 25.88
N VAL L 7 4.14 -6.95 27.18
CA VAL L 7 5.12 -7.48 28.12
C VAL L 7 4.90 -8.97 28.39
N PHE L 8 3.66 -9.45 28.22
CA PHE L 8 3.33 -10.85 28.42
C PHE L 8 3.20 -11.56 27.07
#